data_9QDN
#
_entry.id   9QDN
#
_cell.length_a   1.00
_cell.length_b   1.00
_cell.length_c   1.00
_cell.angle_alpha   90.00
_cell.angle_beta   90.00
_cell.angle_gamma   90.00
#
_symmetry.space_group_name_H-M   'P 1'
#
loop_
_entity.id
_entity.type
_entity.pdbx_description
1 polymer 'Voltage-dependent calcium channel gamma-2 subunit'
2 polymer 'Isoform 2 of Glutamate receptor 4'
3 non-polymer 'PALMITIC ACID'
4 non-polymer '(2R)-2,3-dihydroxypropyl (9Z)-octadec-9-enoate'
5 non-polymer 6-nitro-2,3-bis(oxidanylidene)-1,4-dihydrobenzo[f]quinoxaline-7-sulfonamide
6 water water
#
loop_
_entity_poly.entity_id
_entity_poly.type
_entity_poly.pdbx_seq_one_letter_code
_entity_poly.pdbx_strand_id
1 'polypeptide(L)'
;MGLFDRGVQMLLTIVGAFAAFSLMTIAVGTDYWLYSRGVCKTKSVSENETSKKNEEVMTHSGLWRTCCLEGNFKGLCKQI
DHFPEDADYEADTAEYFLRAVRASSIFPILSVILLFMGGLCIAASEFYKTRHNIILSAGIFFVSAGLSNIIGIIVYISAN
AGDPSKSDSKKNSYSYGWSFYFGALSFIIAEMVGVLAVHMFIDRHKQLRATARATDYLQASAITRIPSYRYRYQRRSRSS
SRSTEPSHSRDASPVGVKGFNTLPSTEISMYTLSRDPLKAATTPTATYNSDRDNSFLQVHNCIQKDSKDSLHANTANRRT
TPV
;
H,G,E,F
2 'polypeptide(L)'
;GAFPSSVQIGGLFIRNTDQEYTAFRLAIFLHNTSPNASEAPFNLVPHVDNIETANSFAVTNAFCSQYSRGVFAIFGLYDK
RSVHTLTSFCSALHISLITPSFPTEGESQFVLQLRPSLRGALLSLLDHYEWNCFVFLYDTDRGYSILQAIMEKAGQNGWH
VSAICVENFNDVSYRQLLEELDRRQEKKFVIDCEIERLQNILEQIVSVGKHVKGYHYIIANLGFKDISLERFIHGGANVT
GFQLVDFNTPMVTKLMDRWKKLDQREYPGSETPPKYTSALTYDGVLVMAETFRSLRRQKIDISRRGNAGDCLANPAAPWG
QGIDMERTLKQVRIQGLTGNVQFDHYGRRVNYTMDVFELKSTGPRKVGYWNDMDKLVLIQDMPTLGNDTAAIENRTVVVT
TIMESPYVMYKKNHEMFEGNDKYEGYCVDLASEIAKHIGIKYKIAIVPDGKYGARDADTKIWNGMVGELVYGKAEIAIAP
LTITLVREEVIDFSKPFMSLGISIMIKKPQKSKPGVFSFLDPLAYEIWMCIVFAYIGVSVVLFLVSRFSPYEWHTEEPED
GKEGPSDQPPNEFGIFNSLWFSLGAFMQQGCDISPRSLSGRIVGGVWWFFTLIIISSYTANLAAFLTVERMVSPIESAED
LAKQTEIAYGTLDSGSTKEFFRRSKIAVYEKMWTYMRSAEPSVFTRTTAEGVARVRKSKGKFAFLLESTMNEYIEQRKPC
DTMKVGGNLDSKGYGVATPKGSSLRTPVNLAVLKLSEAGVLDKLKNKWWYDKGECGPKDSGSKDKTSALSLSNVAGVFYI
LVGGLGLAMLVALIEFCYKSRAEAKRMKLTFSEATRNKARLSITGSVGENGRVLTPDCPKAVHTGTAIRQSSGLAVIASD
LP
;
D,A,C,B
#
loop_
_chem_comp.id
_chem_comp.type
_chem_comp.name
_chem_comp.formula
E2Q non-polymer 6-nitro-2,3-bis(oxidanylidene)-1,4-dihydrobenzo[f]quinoxaline-7-sulfonamide 'C12 H8 N4 O6 S'
OLC non-polymer '(2R)-2,3-dihydroxypropyl (9Z)-octadec-9-enoate' 'C21 H40 O4'
PLM non-polymer 'PALMITIC ACID' 'C16 H32 O2'
#
# COMPACT_ATOMS: atom_id res chain seq x y z
N GLY A 7 -7.60 15.61 -60.10
CA GLY A 7 -7.23 14.46 -60.89
C GLY A 7 -6.77 13.29 -60.04
N VAL A 8 -5.57 13.40 -59.46
CA VAL A 8 -5.07 12.36 -58.57
C VAL A 8 -5.80 12.42 -57.23
N GLN A 9 -5.80 13.60 -56.59
CA GLN A 9 -6.46 13.76 -55.30
C GLN A 9 -7.88 13.23 -55.31
N MET A 10 -8.59 13.38 -56.43
CA MET A 10 -9.94 12.83 -56.53
C MET A 10 -9.90 11.31 -56.58
N LEU A 11 -8.90 10.74 -57.24
CA LEU A 11 -8.81 9.29 -57.35
C LEU A 11 -8.50 8.67 -55.99
N LEU A 12 -7.50 9.21 -55.30
CA LEU A 12 -7.09 8.69 -54.00
C LEU A 12 -8.18 8.85 -52.94
N THR A 13 -9.23 9.62 -53.23
CA THR A 13 -10.38 9.73 -52.34
C THR A 13 -11.47 8.72 -52.69
N ILE A 14 -11.71 8.50 -53.98
CA ILE A 14 -12.68 7.50 -54.40
C ILE A 14 -12.21 6.10 -54.00
N VAL A 15 -10.94 5.81 -54.26
CA VAL A 15 -10.39 4.50 -53.88
C VAL A 15 -10.40 4.34 -52.37
N GLY A 16 -9.96 5.37 -51.65
CA GLY A 16 -9.95 5.32 -50.20
C GLY A 16 -11.33 5.18 -49.60
N ALA A 17 -12.34 5.78 -50.24
CA ALA A 17 -13.70 5.68 -49.72
C ALA A 17 -14.27 4.29 -49.92
N PHE A 18 -14.05 3.70 -51.09
CA PHE A 18 -14.47 2.32 -51.34
C PHE A 18 -13.78 1.36 -50.38
N ALA A 19 -12.47 1.53 -50.21
CA ALA A 19 -11.72 0.68 -49.28
C ALA A 19 -12.31 0.74 -47.87
N ALA A 20 -12.58 1.94 -47.38
CA ALA A 20 -13.12 2.09 -46.03
C ALA A 20 -14.53 1.49 -45.93
N PHE A 21 -15.38 1.77 -46.92
CA PHE A 21 -16.71 1.19 -46.94
C PHE A 21 -16.65 -0.34 -46.98
N SER A 22 -15.80 -0.89 -47.85
CA SER A 22 -15.67 -2.34 -47.94
C SER A 22 -15.12 -2.94 -46.65
N LEU A 23 -14.11 -2.30 -46.06
CA LEU A 23 -13.52 -2.82 -44.84
C LEU A 23 -14.51 -2.83 -43.68
N MET A 24 -15.41 -1.85 -43.63
CA MET A 24 -16.35 -1.77 -42.52
C MET A 24 -17.55 -2.69 -42.74
N THR A 25 -17.99 -2.84 -43.99
CA THR A 25 -19.08 -3.79 -44.28
C THR A 25 -18.64 -5.22 -43.97
N ILE A 26 -17.47 -5.61 -44.46
CA ILE A 26 -16.96 -6.95 -44.21
C ILE A 26 -16.89 -7.23 -42.71
N ALA A 27 -16.30 -6.30 -41.95
CA ALA A 27 -16.18 -6.43 -40.51
C ALA A 27 -17.54 -6.66 -39.87
N VAL A 28 -18.48 -5.74 -40.08
CA VAL A 28 -19.84 -5.83 -39.53
C VAL A 28 -20.48 -7.17 -39.88
N GLY A 29 -20.19 -7.71 -41.06
CA GLY A 29 -20.83 -8.94 -41.50
C GLY A 29 -20.09 -10.20 -41.15
N THR A 30 -18.78 -10.12 -40.93
CA THR A 30 -17.99 -11.29 -40.59
C THR A 30 -18.02 -11.55 -39.09
N ASP A 31 -17.61 -12.75 -38.70
CA ASP A 31 -17.70 -13.22 -37.33
C ASP A 31 -16.33 -13.59 -36.77
N TYR A 32 -15.31 -12.84 -37.16
CA TYR A 32 -13.98 -13.02 -36.59
C TYR A 32 -13.53 -11.76 -35.86
N TRP A 33 -14.36 -11.30 -34.92
CA TRP A 33 -14.05 -10.14 -34.09
C TRP A 33 -13.28 -10.50 -32.84
N LEU A 34 -13.50 -11.69 -32.29
CA LEU A 34 -12.89 -12.10 -31.03
C LEU A 34 -12.70 -13.60 -31.00
N TYR A 35 -11.56 -14.04 -30.47
CA TYR A 35 -11.29 -15.46 -30.23
C TYR A 35 -11.27 -15.67 -28.73
N SER A 36 -12.27 -16.41 -28.23
CA SER A 36 -12.42 -16.63 -26.79
C SER A 36 -12.89 -18.06 -26.55
N ARG A 37 -13.08 -18.40 -25.28
CA ARG A 37 -13.51 -19.73 -24.85
C ARG A 37 -14.94 -19.62 -24.33
N GLY A 38 -15.89 -20.15 -25.10
CA GLY A 38 -17.28 -20.12 -24.67
C GLY A 38 -18.08 -21.23 -25.31
N VAL A 39 -19.39 -21.15 -25.12
CA VAL A 39 -20.33 -22.15 -25.62
C VAL A 39 -20.96 -21.64 -26.92
N CYS A 40 -21.17 -22.54 -27.87
CA CYS A 40 -21.78 -22.20 -29.14
C CYS A 40 -23.05 -22.98 -29.42
N LYS A 41 -23.51 -23.80 -28.48
CA LYS A 41 -24.73 -24.61 -28.66
C LYS A 41 -25.45 -24.69 -27.32
N THR A 42 -26.61 -24.05 -27.24
CA THR A 42 -27.39 -24.04 -26.00
C THR A 42 -28.88 -24.17 -26.29
N GLU A 56 -16.69 -25.05 -21.79
CA GLU A 56 -16.19 -23.94 -22.59
C GLU A 56 -15.11 -24.40 -23.55
N VAL A 57 -15.35 -24.19 -24.85
CA VAL A 57 -14.41 -24.58 -25.89
C VAL A 57 -14.03 -23.35 -26.70
N MET A 58 -12.85 -23.41 -27.32
CA MET A 58 -12.37 -22.35 -28.18
C MET A 58 -13.41 -21.97 -29.23
N THR A 59 -13.72 -20.68 -29.32
CA THR A 59 -14.72 -20.18 -30.24
C THR A 59 -14.22 -18.90 -30.91
N HIS A 60 -14.95 -18.47 -31.94
CA HIS A 60 -14.75 -17.17 -32.54
C HIS A 60 -16.11 -16.50 -32.66
N SER A 61 -16.16 -15.21 -32.33
CA SER A 61 -17.40 -14.46 -32.29
C SER A 61 -17.26 -13.13 -33.00
N GLY A 62 -18.38 -12.63 -33.52
CA GLY A 62 -18.43 -11.34 -34.16
C GLY A 62 -19.38 -10.41 -33.45
N LEU A 63 -20.16 -9.63 -34.22
CA LEU A 63 -21.16 -8.76 -33.64
C LEU A 63 -22.53 -9.41 -33.53
N TRP A 64 -22.73 -10.54 -34.19
CA TRP A 64 -24.03 -11.19 -34.23
C TRP A 64 -23.98 -12.65 -33.78
N ARG A 65 -22.94 -13.39 -34.16
CA ARG A 65 -22.90 -14.83 -33.95
C ARG A 65 -21.60 -15.24 -33.27
N THR A 66 -21.65 -16.39 -32.60
CA THR A 66 -20.49 -17.03 -32.01
C THR A 66 -20.41 -18.46 -32.52
N CYS A 67 -19.24 -18.86 -33.01
CA CYS A 67 -19.07 -20.13 -33.71
C CYS A 67 -17.87 -20.88 -33.13
N CYS A 68 -17.99 -22.21 -33.11
CA CYS A 68 -16.98 -23.06 -32.49
C CYS A 68 -15.90 -23.46 -33.49
N LEU A 69 -14.64 -23.46 -33.02
CA LEU A 69 -13.48 -23.79 -33.84
C LEU A 69 -12.78 -25.07 -33.39
N GLU A 70 -13.54 -26.04 -32.86
CA GLU A 70 -12.96 -27.23 -32.26
C GLU A 70 -13.12 -28.49 -33.10
N GLY A 71 -14.35 -28.80 -33.50
CA GLY A 71 -14.59 -30.03 -34.24
C GLY A 71 -15.83 -30.76 -33.79
N ASN A 72 -16.03 -30.87 -32.47
CA ASN A 72 -17.26 -31.46 -31.94
C ASN A 72 -18.49 -30.74 -32.48
N PHE A 73 -18.41 -29.41 -32.62
CA PHE A 73 -19.45 -28.54 -33.16
C PHE A 73 -18.86 -27.52 -34.12
N LYS A 74 -17.82 -27.90 -34.86
CA LYS A 74 -17.14 -26.97 -35.75
C LYS A 74 -18.08 -26.46 -36.82
N GLY A 75 -18.11 -25.14 -36.99
CA GLY A 75 -18.97 -24.49 -37.97
C GLY A 75 -20.34 -24.14 -37.45
N LEU A 76 -20.84 -24.88 -36.46
CA LEU A 76 -22.14 -24.59 -35.88
C LEU A 76 -22.13 -23.23 -35.20
N CYS A 77 -22.88 -22.29 -35.74
CA CYS A 77 -22.92 -20.92 -35.24
C CYS A 77 -24.19 -20.71 -34.41
N LYS A 78 -24.12 -19.75 -33.49
CA LYS A 78 -25.25 -19.43 -32.62
C LYS A 78 -25.31 -17.92 -32.41
N GLN A 79 -26.53 -17.39 -32.40
CA GLN A 79 -26.73 -15.98 -32.11
C GLN A 79 -26.24 -15.64 -30.72
N ILE A 80 -25.42 -14.60 -30.61
CA ILE A 80 -24.94 -14.15 -29.32
C ILE A 80 -26.12 -13.70 -28.46
N ASP A 81 -26.13 -14.12 -27.20
CA ASP A 81 -27.13 -13.68 -26.24
C ASP A 81 -26.63 -12.40 -25.60
N HIS A 82 -27.29 -11.28 -25.91
CA HIS A 82 -26.83 -9.98 -25.47
C HIS A 82 -27.41 -9.56 -24.12
N PHE A 83 -28.40 -10.28 -23.61
CA PHE A 83 -29.06 -9.95 -22.35
C PHE A 83 -29.14 -11.20 -21.48
N PRO A 84 -27.99 -11.66 -20.95
CA PRO A 84 -27.97 -12.86 -20.10
C PRO A 84 -28.70 -12.65 -18.78
N GLU A 90 -27.23 -8.42 -11.26
CA GLU A 90 -28.61 -8.08 -11.59
C GLU A 90 -28.66 -6.91 -12.57
N ALA A 91 -27.50 -6.32 -12.83
CA ALA A 91 -27.35 -5.19 -13.75
C ALA A 91 -28.13 -3.98 -13.26
N ASP A 92 -28.26 -2.97 -14.13
CA ASP A 92 -28.97 -1.74 -13.80
C ASP A 92 -29.13 -0.93 -15.09
N THR A 93 -29.98 0.09 -15.02
CA THR A 93 -30.21 0.97 -16.16
C THR A 93 -28.89 1.49 -16.74
N ALA A 94 -27.91 1.76 -15.87
CA ALA A 94 -26.60 2.18 -16.36
C ALA A 94 -25.97 1.14 -17.27
N GLU A 95 -26.08 -0.13 -16.89
CA GLU A 95 -25.48 -1.22 -17.66
C GLU A 95 -26.48 -1.84 -18.63
N TYR A 96 -27.66 -1.24 -18.77
CA TYR A 96 -28.65 -1.68 -19.75
C TYR A 96 -28.49 -0.94 -21.07
N PHE A 97 -28.23 0.37 -21.01
CA PHE A 97 -28.09 1.15 -22.23
C PHE A 97 -26.91 0.66 -23.05
N LEU A 98 -25.79 0.33 -22.38
CA LEU A 98 -24.62 -0.18 -23.08
C LEU A 98 -24.96 -1.47 -23.83
N ARG A 99 -25.57 -2.43 -23.14
CA ARG A 99 -25.98 -3.67 -23.77
C ARG A 99 -26.92 -3.40 -24.95
N ALA A 100 -27.91 -2.52 -24.74
CA ALA A 100 -28.83 -2.16 -25.82
C ALA A 100 -28.07 -1.64 -27.03
N VAL A 101 -27.08 -0.77 -26.80
CA VAL A 101 -26.31 -0.22 -27.91
C VAL A 101 -25.41 -1.28 -28.52
N ARG A 102 -24.82 -2.12 -27.68
CA ARG A 102 -23.98 -3.21 -28.19
C ARG A 102 -24.80 -4.25 -28.95
N ALA A 103 -26.00 -4.56 -28.46
CA ALA A 103 -26.84 -5.54 -29.15
C ALA A 103 -27.27 -5.04 -30.52
N SER A 104 -27.64 -3.76 -30.61
CA SER A 104 -28.09 -3.22 -31.89
C SER A 104 -26.91 -2.92 -32.82
N SER A 105 -25.74 -2.59 -32.24
CA SER A 105 -24.55 -2.23 -33.01
C SER A 105 -24.82 -1.05 -33.95
N ILE A 106 -25.57 -0.06 -33.46
CA ILE A 106 -25.89 1.10 -34.29
C ILE A 106 -24.62 1.82 -34.73
N PHE A 107 -23.68 2.00 -33.81
CA PHE A 107 -22.45 2.74 -34.14
C PHE A 107 -21.62 2.06 -35.22
N PRO A 108 -21.33 0.75 -35.15
CA PRO A 108 -20.73 0.09 -36.31
C PRO A 108 -21.56 0.23 -37.58
N ILE A 109 -22.89 0.14 -37.46
CA ILE A 109 -23.74 0.26 -38.64
C ILE A 109 -23.92 1.71 -39.06
N LEU A 110 -23.84 2.66 -38.12
CA LEU A 110 -23.91 4.07 -38.48
C LEU A 110 -22.68 4.47 -39.28
N SER A 111 -21.49 3.99 -38.90
CA SER A 111 -20.30 4.20 -39.69
C SER A 111 -20.49 3.70 -41.12
N VAL A 112 -21.08 2.51 -41.27
CA VAL A 112 -21.33 1.97 -42.61
C VAL A 112 -22.26 2.89 -43.39
N ILE A 113 -23.27 3.44 -42.72
CA ILE A 113 -24.20 4.35 -43.38
C ILE A 113 -23.53 5.71 -43.63
N LEU A 114 -22.69 6.15 -42.69
CA LEU A 114 -22.00 7.42 -42.87
C LEU A 114 -20.91 7.32 -43.94
N LEU A 115 -20.30 6.13 -44.09
CA LEU A 115 -19.31 5.95 -45.14
C LEU A 115 -19.97 5.84 -46.51
N PHE A 116 -21.16 5.24 -46.58
CA PHE A 116 -21.90 5.19 -47.83
C PHE A 116 -22.34 6.58 -48.27
N MET A 117 -22.83 7.39 -47.32
CA MET A 117 -23.26 8.75 -47.65
C MET A 117 -22.08 9.60 -48.12
N GLY A 118 -20.92 9.42 -47.50
CA GLY A 118 -19.74 10.13 -47.95
C GLY A 118 -19.34 9.79 -49.36
N GLY A 119 -19.41 8.50 -49.70
CA GLY A 119 -19.08 8.07 -51.06
C GLY A 119 -20.08 8.56 -52.09
N LEU A 120 -21.35 8.68 -51.71
CA LEU A 120 -22.35 9.24 -52.62
C LEU A 120 -22.05 10.70 -52.94
N CYS A 121 -21.55 11.45 -51.96
CA CYS A 121 -21.24 12.86 -52.18
C CYS A 121 -20.09 13.03 -53.18
N ILE A 122 -19.12 12.11 -53.18
CA ILE A 122 -18.01 12.23 -54.11
C ILE A 122 -18.48 11.98 -55.55
N ALA A 123 -19.38 11.02 -55.73
CA ALA A 123 -20.00 10.81 -57.03
C ALA A 123 -20.79 12.05 -57.47
N ALA A 124 -21.65 12.55 -56.58
CA ALA A 124 -22.45 13.73 -56.89
C ALA A 124 -21.57 14.92 -57.28
N SER A 125 -20.43 15.07 -56.59
CA SER A 125 -19.48 16.14 -56.92
C SER A 125 -19.10 16.12 -58.39
N GLU A 126 -18.80 14.94 -58.93
CA GLU A 126 -18.42 14.81 -60.33
C GLU A 126 -19.46 15.43 -61.26
N PHE A 127 -20.74 15.19 -60.98
CA PHE A 127 -21.80 15.79 -61.80
C PHE A 127 -21.90 17.29 -61.55
N TYR A 128 -22.19 17.69 -60.31
CA TYR A 128 -22.40 19.10 -59.97
C TYR A 128 -21.06 19.73 -59.56
N LYS A 129 -20.23 19.97 -60.58
CA LYS A 129 -18.90 20.53 -60.36
C LYS A 129 -18.92 21.99 -59.91
N THR A 130 -20.09 22.61 -59.77
CA THR A 130 -20.18 24.00 -59.34
C THR A 130 -20.65 24.16 -57.90
N ARG A 131 -21.04 23.07 -57.25
CA ARG A 131 -21.53 23.12 -55.87
C ARG A 131 -20.43 22.56 -54.97
N HIS A 132 -19.72 23.45 -54.28
CA HIS A 132 -18.55 23.07 -53.51
C HIS A 132 -18.89 22.59 -52.10
N ASN A 133 -20.12 22.76 -51.64
CA ASN A 133 -20.50 22.26 -50.33
C ASN A 133 -20.86 20.78 -50.36
N ILE A 134 -20.80 20.15 -51.53
CA ILE A 134 -20.97 18.70 -51.61
C ILE A 134 -19.69 18.00 -51.18
N ILE A 135 -18.53 18.51 -51.61
CA ILE A 135 -17.26 17.93 -51.18
C ILE A 135 -17.05 18.14 -49.69
N LEU A 136 -17.54 19.25 -49.15
CA LEU A 136 -17.45 19.46 -47.70
C LEU A 136 -18.29 18.46 -46.93
N SER A 137 -19.49 18.16 -47.43
CA SER A 137 -20.35 17.18 -46.78
C SER A 137 -19.68 15.81 -46.76
N ALA A 138 -19.05 15.42 -47.86
CA ALA A 138 -18.31 14.15 -47.89
C ALA A 138 -17.24 14.12 -46.82
N GLY A 139 -16.47 15.19 -46.69
CA GLY A 139 -15.43 15.24 -45.67
C GLY A 139 -15.98 15.12 -44.26
N ILE A 140 -17.15 15.73 -44.01
CA ILE A 140 -17.76 15.62 -42.68
C ILE A 140 -18.36 14.23 -42.49
N PHE A 141 -18.86 13.62 -43.57
CA PHE A 141 -19.37 12.26 -43.47
C PHE A 141 -18.26 11.26 -43.19
N PHE A 142 -17.05 11.52 -43.69
CA PHE A 142 -15.94 10.61 -43.46
C PHE A 142 -15.30 10.83 -42.09
N VAL A 143 -15.39 12.04 -41.54
CA VAL A 143 -14.83 12.28 -40.22
C VAL A 143 -15.79 11.83 -39.13
N SER A 144 -17.10 11.93 -39.39
CA SER A 144 -18.08 11.49 -38.42
C SER A 144 -18.23 9.97 -38.43
N ALA A 145 -17.96 9.34 -39.57
CA ALA A 145 -17.97 7.87 -39.62
C ALA A 145 -16.83 7.30 -38.78
N GLY A 146 -15.65 7.92 -38.85
CA GLY A 146 -14.54 7.47 -38.01
C GLY A 146 -14.83 7.66 -36.54
N LEU A 147 -15.53 8.74 -36.18
CA LEU A 147 -15.90 8.95 -34.79
C LEU A 147 -16.94 7.94 -34.33
N SER A 148 -17.86 7.57 -35.23
CA SER A 148 -18.80 6.50 -34.93
C SER A 148 -18.08 5.17 -34.73
N ASN A 149 -17.08 4.89 -35.56
CA ASN A 149 -16.29 3.68 -35.42
C ASN A 149 -15.58 3.64 -34.07
N ILE A 150 -15.07 4.78 -33.62
CA ILE A 150 -14.40 4.85 -32.32
C ILE A 150 -15.35 4.42 -31.21
N ILE A 151 -16.58 4.94 -31.23
CA ILE A 151 -17.56 4.60 -30.21
C ILE A 151 -17.88 3.11 -30.25
N GLY A 152 -18.04 2.57 -31.46
CA GLY A 152 -18.30 1.14 -31.59
C GLY A 152 -17.19 0.28 -31.01
N ILE A 153 -15.94 0.68 -31.23
CA ILE A 153 -14.81 -0.06 -30.67
C ILE A 153 -14.84 0.00 -29.16
N ILE A 154 -15.12 1.18 -28.60
CA ILE A 154 -15.16 1.30 -27.14
C ILE A 154 -16.37 0.59 -26.56
N VAL A 155 -17.50 0.58 -27.26
CA VAL A 155 -18.67 -0.11 -26.77
C VAL A 155 -18.47 -1.62 -26.83
N TYR A 156 -17.86 -2.11 -27.91
CA TYR A 156 -17.60 -3.54 -28.04
C TYR A 156 -16.63 -4.02 -26.96
N ILE A 157 -15.53 -3.29 -26.75
CA ILE A 157 -14.52 -3.72 -25.79
C ILE A 157 -15.07 -3.61 -24.36
N SER A 158 -15.97 -2.67 -24.11
CA SER A 158 -16.49 -2.46 -22.77
C SER A 158 -17.69 -3.37 -22.47
N ALA A 159 -18.20 -4.07 -23.47
CA ALA A 159 -19.29 -5.01 -23.29
C ALA A 159 -18.82 -6.45 -23.20
N ASN A 160 -17.60 -6.74 -23.64
CA ASN A 160 -17.00 -8.06 -23.55
C ASN A 160 -16.17 -8.23 -22.29
N ALA A 161 -16.21 -7.26 -21.38
CA ALA A 161 -15.38 -7.27 -20.18
C ALA A 161 -16.09 -7.88 -18.97
N GLY A 162 -17.29 -8.40 -19.15
CA GLY A 162 -18.08 -8.90 -18.04
C GLY A 162 -17.73 -10.32 -17.63
N ASP A 163 -17.61 -11.21 -18.62
CA ASP A 163 -17.24 -12.62 -18.44
C ASP A 163 -16.54 -12.99 -17.14
N SER A 173 -8.15 -16.10 -21.43
CA SER A 173 -7.36 -15.54 -22.51
C SER A 173 -8.20 -15.30 -23.75
N TYR A 174 -8.08 -14.11 -24.34
CA TYR A 174 -8.83 -13.73 -25.53
C TYR A 174 -7.91 -13.00 -26.49
N SER A 175 -8.31 -12.99 -27.76
CA SER A 175 -7.57 -12.26 -28.79
C SER A 175 -8.56 -11.73 -29.82
N TYR A 176 -8.16 -10.67 -30.51
CA TYR A 176 -8.98 -10.01 -31.50
C TYR A 176 -8.63 -10.54 -32.89
N GLY A 177 -9.65 -10.73 -33.72
CA GLY A 177 -9.48 -11.27 -35.05
C GLY A 177 -9.34 -10.19 -36.11
N TRP A 178 -9.31 -10.64 -37.36
CA TRP A 178 -9.09 -9.71 -38.47
C TRP A 178 -10.29 -8.79 -38.66
N SER A 179 -11.52 -9.33 -38.52
CA SER A 179 -12.71 -8.50 -38.63
C SER A 179 -12.68 -7.33 -37.65
N PHE A 180 -12.12 -7.55 -36.46
CA PHE A 180 -11.93 -6.44 -35.53
C PHE A 180 -10.94 -5.43 -36.09
N TYR A 181 -9.84 -5.91 -36.66
CA TYR A 181 -8.84 -5.03 -37.26
C TYR A 181 -9.26 -4.53 -38.65
N PHE A 182 -10.30 -5.10 -39.24
CA PHE A 182 -10.85 -4.54 -40.47
C PHE A 182 -11.65 -3.27 -40.20
N GLY A 183 -12.30 -3.19 -39.04
CA GLY A 183 -12.96 -1.96 -38.64
C GLY A 183 -12.00 -0.95 -38.05
N ALA A 184 -10.89 -1.41 -37.49
CA ALA A 184 -9.86 -0.50 -36.99
C ALA A 184 -9.06 0.11 -38.14
N LEU A 185 -8.82 -0.68 -39.19
CA LEU A 185 -8.17 -0.14 -40.39
C LEU A 185 -9.11 0.80 -41.14
N SER A 186 -10.40 0.45 -41.19
CA SER A 186 -11.38 1.31 -41.85
C SER A 186 -11.44 2.69 -41.19
N PHE A 187 -11.26 2.74 -39.87
CA PHE A 187 -11.22 4.02 -39.18
C PHE A 187 -10.08 4.89 -39.69
N ILE A 188 -8.89 4.30 -39.83
CA ILE A 188 -7.73 5.06 -40.32
C ILE A 188 -7.97 5.52 -41.75
N ILE A 189 -8.45 4.62 -42.61
CA ILE A 189 -8.71 4.98 -44.00
C ILE A 189 -9.76 6.07 -44.08
N ALA A 190 -10.78 6.02 -43.23
CA ALA A 190 -11.85 7.02 -43.27
C ALA A 190 -11.35 8.38 -42.84
N GLU A 191 -10.59 8.43 -41.74
CA GLU A 191 -10.04 9.69 -41.28
C GLU A 191 -9.07 10.29 -42.29
N MET A 192 -8.31 9.44 -42.98
CA MET A 192 -7.39 9.93 -44.00
C MET A 192 -8.14 10.41 -45.24
N VAL A 193 -9.26 9.78 -45.58
CA VAL A 193 -10.06 10.26 -46.70
C VAL A 193 -10.77 11.56 -46.32
N GLY A 194 -11.22 11.66 -45.08
CA GLY A 194 -11.86 12.89 -44.63
C GLY A 194 -10.92 14.07 -44.68
N VAL A 195 -9.65 13.85 -44.33
CA VAL A 195 -8.64 14.90 -44.43
C VAL A 195 -8.40 15.28 -45.89
N LEU A 196 -8.33 14.28 -46.76
CA LEU A 196 -8.08 14.55 -48.18
C LEU A 196 -9.27 15.23 -48.84
N ALA A 197 -10.48 14.96 -48.36
CA ALA A 197 -11.66 15.65 -48.88
C ALA A 197 -11.70 17.10 -48.41
N VAL A 198 -11.31 17.35 -47.16
CA VAL A 198 -11.29 18.72 -46.65
C VAL A 198 -10.28 19.56 -47.41
N HIS A 199 -9.16 18.95 -47.80
CA HIS A 199 -8.17 19.69 -48.61
C HIS A 199 -8.74 20.03 -49.98
N MET A 200 -9.47 19.10 -50.59
CA MET A 200 -10.09 19.37 -51.88
C MET A 200 -11.08 20.52 -51.77
N PHE A 201 -11.83 20.59 -50.66
CA PHE A 201 -12.75 21.69 -50.45
C PHE A 201 -12.02 23.01 -50.30
N ILE A 202 -10.94 23.04 -49.53
CA ILE A 202 -10.12 24.25 -49.41
C ILE A 202 -9.46 24.57 -50.74
N ASP A 203 -9.15 23.56 -51.55
CA ASP A 203 -8.58 23.82 -52.86
C ASP A 203 -9.61 24.43 -53.80
N ARG A 204 -10.86 23.95 -53.76
CA ARG A 204 -11.91 24.51 -54.60
C ARG A 204 -12.10 26.00 -54.33
N HIS A 205 -12.16 26.37 -53.06
CA HIS A 205 -12.43 27.77 -52.71
C HIS A 205 -11.22 28.66 -52.91
N LYS A 206 -10.01 28.13 -52.76
CA LYS A 206 -8.82 28.93 -53.01
C LYS A 206 -8.75 29.37 -54.47
N GLN A 207 -9.12 28.47 -55.38
CA GLN A 207 -9.15 28.83 -56.80
C GLN A 207 -10.16 29.94 -57.06
N LEU A 208 -11.37 29.81 -56.50
CA LEU A 208 -12.39 30.84 -56.67
C LEU A 208 -11.87 32.21 -56.20
N ARG A 209 -11.29 32.26 -55.01
CA ARG A 209 -10.75 33.52 -54.48
C ARG A 209 -9.67 34.07 -55.40
N ALA A 210 -8.73 33.22 -55.81
CA ALA A 210 -7.63 33.68 -56.65
C ALA A 210 -8.14 34.18 -58.00
N THR A 211 -9.10 33.47 -58.60
CA THR A 211 -9.67 33.93 -59.86
C THR A 211 -10.44 35.25 -59.67
N ALA A 212 -11.17 35.38 -58.57
CA ALA A 212 -11.95 36.58 -58.29
C ALA A 212 -11.13 37.70 -57.64
N ARG A 213 -9.81 37.60 -57.71
CA ARG A 213 -8.93 38.64 -57.17
C ARG A 213 -8.21 39.43 -58.25
N ALA A 214 -7.76 38.77 -59.31
CA ALA A 214 -7.09 39.45 -60.41
C ALA A 214 -8.09 39.93 -61.45
N THR B 396 -28.76 -49.11 29.05
CA THR B 396 -28.47 -48.27 27.90
C THR B 396 -29.44 -47.08 27.85
N VAL B 397 -28.93 -45.94 27.38
CA VAL B 397 -29.71 -44.71 27.29
C VAL B 397 -30.11 -44.51 25.83
N VAL B 398 -31.31 -43.98 25.62
CA VAL B 398 -31.83 -43.70 24.28
C VAL B 398 -31.67 -42.20 24.04
N VAL B 399 -30.67 -41.83 23.28
CA VAL B 399 -30.36 -40.42 23.00
C VAL B 399 -31.00 -40.10 21.66
N THR B 400 -32.24 -39.63 21.69
CA THR B 400 -32.90 -39.18 20.48
C THR B 400 -32.28 -37.87 19.98
N THR B 401 -32.17 -37.75 18.67
CA THR B 401 -31.55 -36.58 18.05
C THR B 401 -32.14 -36.40 16.65
N ILE B 402 -31.74 -35.33 15.98
CA ILE B 402 -32.24 -35.01 14.65
C ILE B 402 -31.06 -34.96 13.69
N MET B 403 -31.33 -35.31 12.43
CA MET B 403 -30.30 -35.35 11.39
C MET B 403 -30.23 -34.00 10.67
N GLU B 404 -29.67 -33.02 11.38
CA GLU B 404 -29.53 -31.66 10.86
C GLU B 404 -28.06 -31.25 10.96
N SER B 405 -27.41 -31.10 9.81
CA SER B 405 -26.02 -30.70 9.77
C SER B 405 -25.86 -29.31 10.39
N PRO B 406 -24.67 -28.98 10.92
CA PRO B 406 -23.54 -29.88 11.18
C PRO B 406 -23.65 -30.60 12.52
N TYR B 407 -24.85 -30.67 13.07
CA TYR B 407 -25.01 -31.23 14.41
C TYR B 407 -24.93 -32.75 14.42
N VAL B 408 -25.57 -33.40 13.45
CA VAL B 408 -25.46 -34.85 13.26
C VAL B 408 -25.39 -35.12 11.77
N MET B 409 -24.23 -35.57 11.30
CA MET B 409 -24.01 -35.88 9.89
C MET B 409 -23.31 -37.21 9.75
N TYR B 410 -23.65 -37.94 8.68
CA TYR B 410 -23.07 -39.26 8.45
C TYR B 410 -21.59 -39.13 8.14
N LYS B 411 -20.83 -40.15 8.50
CA LYS B 411 -19.40 -40.14 8.23
C LYS B 411 -19.15 -40.38 6.74
N LYS B 412 -17.87 -40.47 6.37
CA LYS B 412 -17.51 -40.65 4.97
C LYS B 412 -18.12 -41.93 4.39
N ASN B 413 -18.24 -42.98 5.19
CA ASN B 413 -18.74 -44.26 4.71
C ASN B 413 -20.06 -44.67 5.36
N HIS B 414 -20.21 -44.41 6.67
CA HIS B 414 -21.40 -44.69 7.46
C HIS B 414 -22.05 -46.03 7.13
N GLU B 415 -21.24 -47.03 6.76
CA GLU B 415 -21.78 -48.36 6.47
C GLU B 415 -20.86 -49.45 6.98
N MET B 416 -19.54 -49.22 6.91
CA MET B 416 -18.60 -50.18 7.48
C MET B 416 -18.73 -50.23 9.00
N PHE B 417 -19.13 -49.12 9.62
CA PHE B 417 -19.37 -49.05 11.05
C PHE B 417 -20.75 -49.63 11.38
N GLU B 418 -21.01 -49.82 12.66
CA GLU B 418 -22.22 -50.53 13.07
C GLU B 418 -23.00 -49.83 14.17
N GLY B 419 -22.32 -49.18 15.11
CA GLY B 419 -22.97 -48.58 16.26
C GLY B 419 -23.21 -47.10 16.08
N ASN B 420 -23.06 -46.35 17.17
CA ASN B 420 -23.17 -44.89 17.13
C ASN B 420 -22.06 -44.23 16.32
N ASP B 421 -21.14 -45.00 15.75
CA ASP B 421 -20.07 -44.47 14.92
C ASP B 421 -20.52 -44.13 13.51
N LYS B 422 -21.82 -44.21 13.22
CA LYS B 422 -22.35 -43.84 11.92
C LYS B 422 -22.77 -42.38 11.83
N TYR B 423 -22.49 -41.59 12.86
CA TYR B 423 -22.84 -40.18 12.86
C TYR B 423 -21.66 -39.37 13.38
N GLU B 424 -21.46 -38.19 12.81
CA GLU B 424 -20.47 -37.24 13.29
C GLU B 424 -21.07 -35.84 13.27
N GLY B 425 -20.75 -35.06 14.29
CA GLY B 425 -21.24 -33.70 14.34
C GLY B 425 -21.07 -33.13 15.73
N TYR B 426 -21.50 -31.86 15.86
CA TYR B 426 -21.43 -31.20 17.16
C TYR B 426 -22.29 -31.92 18.19
N CYS B 427 -23.50 -32.34 17.79
CA CYS B 427 -24.40 -33.03 18.70
C CYS B 427 -24.07 -34.51 18.85
N VAL B 428 -23.09 -35.02 18.12
CA VAL B 428 -22.63 -36.39 18.30
C VAL B 428 -21.42 -36.46 19.22
N ASP B 429 -20.50 -35.50 19.09
CA ASP B 429 -19.38 -35.41 20.02
C ASP B 429 -19.85 -34.95 21.40
N LEU B 430 -20.93 -34.18 21.46
CA LEU B 430 -21.42 -33.68 22.74
C LEU B 430 -22.07 -34.79 23.54
N ALA B 431 -22.78 -35.70 22.88
CA ALA B 431 -23.42 -36.81 23.59
C ALA B 431 -22.39 -37.67 24.29
N SER B 432 -21.26 -37.93 23.64
CA SER B 432 -20.18 -38.67 24.29
C SER B 432 -19.65 -37.92 25.51
N GLU B 433 -19.62 -36.59 25.44
CA GLU B 433 -19.13 -35.78 26.55
C GLU B 433 -20.09 -35.85 27.73
N ILE B 434 -21.38 -35.61 27.47
CA ILE B 434 -22.38 -35.61 28.53
C ILE B 434 -22.51 -37.00 29.15
N ALA B 435 -22.22 -38.04 28.38
CA ALA B 435 -22.41 -39.41 28.87
C ALA B 435 -21.26 -39.83 29.77
N LYS B 436 -20.01 -39.61 29.33
CA LYS B 436 -18.85 -39.87 30.19
C LYS B 436 -18.91 -39.12 31.51
N HIS B 437 -19.77 -38.10 31.63
CA HIS B 437 -19.90 -37.33 32.85
C HIS B 437 -20.92 -37.93 33.82
N ILE B 438 -21.68 -38.92 33.36
CA ILE B 438 -22.64 -39.62 34.22
C ILE B 438 -22.43 -41.13 34.19
N GLY B 439 -21.47 -41.62 33.40
CA GLY B 439 -21.22 -43.04 33.28
C GLY B 439 -22.41 -43.84 32.80
N ILE B 440 -23.02 -43.42 31.70
CA ILE B 440 -24.22 -44.06 31.17
C ILE B 440 -23.97 -44.43 29.71
N LYS B 441 -24.27 -45.68 29.37
CA LYS B 441 -24.16 -46.15 28.00
C LYS B 441 -25.32 -45.61 27.17
N TYR B 442 -25.02 -45.03 26.02
CA TYR B 442 -26.04 -44.45 25.15
C TYR B 442 -25.98 -45.08 23.77
N LYS B 443 -27.13 -45.03 23.08
CA LYS B 443 -27.26 -45.56 21.73
C LYS B 443 -28.18 -44.65 20.93
N ILE B 444 -27.59 -43.87 20.02
CA ILE B 444 -28.35 -42.89 19.24
C ILE B 444 -29.52 -43.58 18.56
N ALA B 445 -30.72 -43.02 18.75
CA ALA B 445 -31.95 -43.53 18.16
C ALA B 445 -32.62 -42.41 17.36
N ILE B 446 -32.15 -42.20 16.12
CA ILE B 446 -32.65 -41.15 15.23
C ILE B 446 -34.17 -41.17 15.20
N VAL B 447 -34.79 -40.07 15.61
CA VAL B 447 -36.24 -39.91 15.62
C VAL B 447 -36.80 -40.21 14.23
N PRO B 448 -37.89 -40.98 14.12
CA PRO B 448 -38.42 -41.29 12.78
C PRO B 448 -39.30 -40.19 12.21
N ASP B 449 -39.88 -39.33 13.04
CA ASP B 449 -40.74 -38.27 12.53
C ASP B 449 -39.94 -37.25 11.72
N GLY B 450 -38.74 -36.90 12.18
CA GLY B 450 -37.94 -35.88 11.54
C GLY B 450 -38.33 -34.46 11.91
N LYS B 451 -39.10 -34.27 12.96
CA LYS B 451 -39.53 -32.96 13.42
C LYS B 451 -38.92 -32.67 14.78
N TYR B 452 -38.66 -31.38 15.04
CA TYR B 452 -38.13 -30.98 16.34
C TYR B 452 -39.19 -31.14 17.43
N GLY B 453 -40.19 -30.26 17.42
CA GLY B 453 -41.27 -30.35 18.37
C GLY B 453 -42.39 -29.37 18.10
N ALA B 454 -43.63 -29.82 18.16
CA ALA B 454 -44.78 -28.94 17.96
C ALA B 454 -46.02 -29.60 18.54
N ARG B 455 -47.02 -28.78 18.84
CA ARG B 455 -48.29 -29.25 19.38
C ARG B 455 -49.34 -29.20 18.27
N ASP B 456 -49.93 -30.35 17.96
CA ASP B 456 -51.05 -30.44 17.04
C ASP B 456 -52.33 -30.23 17.84
N ALA B 457 -52.98 -29.09 17.65
CA ALA B 457 -54.17 -28.78 18.44
C ALA B 457 -55.42 -29.44 17.86
N ASP B 458 -55.33 -30.73 17.56
CA ASP B 458 -56.50 -31.54 17.21
C ASP B 458 -56.71 -32.69 18.18
N THR B 459 -55.69 -33.52 18.39
CA THR B 459 -55.72 -34.56 19.41
C THR B 459 -54.76 -34.27 20.56
N LYS B 460 -54.05 -33.14 20.53
CA LYS B 460 -53.13 -32.73 21.59
C LYS B 460 -52.01 -33.77 21.78
N ILE B 461 -51.26 -33.99 20.71
CA ILE B 461 -50.11 -34.89 20.73
C ILE B 461 -48.89 -34.04 20.38
N TRP B 462 -47.70 -34.64 20.49
CA TRP B 462 -46.44 -33.95 20.26
C TRP B 462 -45.64 -34.71 19.21
N ASN B 463 -45.35 -34.05 18.09
CA ASN B 463 -44.66 -34.68 16.97
C ASN B 463 -43.15 -34.45 17.10
N GLY B 464 -42.40 -35.54 17.06
CA GLY B 464 -40.95 -35.44 17.03
C GLY B 464 -40.31 -35.74 18.36
N MET B 465 -39.03 -35.36 18.46
CA MET B 465 -38.22 -35.65 19.65
C MET B 465 -38.92 -35.28 20.95
N VAL B 466 -39.75 -34.23 20.93
CA VAL B 466 -40.50 -33.87 22.13
C VAL B 466 -41.56 -34.92 22.42
N GLY B 467 -42.11 -35.55 21.39
CA GLY B 467 -43.07 -36.62 21.60
C GLY B 467 -42.44 -37.85 22.22
N GLU B 468 -41.23 -38.19 21.80
CA GLU B 468 -40.55 -39.40 22.29
C GLU B 468 -40.43 -39.38 23.81
N LEU B 469 -39.94 -38.27 24.36
CA LEU B 469 -39.79 -38.15 25.81
C LEU B 469 -41.14 -38.21 26.51
N VAL B 470 -42.08 -37.37 26.10
CA VAL B 470 -43.40 -37.28 26.72
C VAL B 470 -44.10 -38.63 26.75
N TYR B 471 -43.80 -39.50 25.79
CA TYR B 471 -44.54 -40.75 25.62
C TYR B 471 -43.62 -41.96 25.81
N GLY B 472 -42.71 -41.87 26.78
CA GLY B 472 -41.86 -42.97 27.17
C GLY B 472 -41.21 -43.74 26.04
N LYS B 473 -40.44 -43.06 25.20
CA LYS B 473 -39.67 -43.70 24.15
C LYS B 473 -38.19 -43.39 24.21
N ALA B 474 -37.79 -42.29 24.85
CA ALA B 474 -36.40 -41.89 24.93
C ALA B 474 -36.12 -41.36 26.33
N GLU B 475 -34.83 -41.18 26.63
CA GLU B 475 -34.40 -40.75 27.96
C GLU B 475 -33.73 -39.39 27.98
N ILE B 476 -33.29 -38.89 26.82
CA ILE B 476 -32.66 -37.58 26.72
C ILE B 476 -32.70 -37.17 25.26
N ALA B 477 -32.73 -35.87 25.01
CA ALA B 477 -32.90 -35.34 23.66
C ALA B 477 -31.79 -34.35 23.30
N ILE B 478 -30.54 -34.80 23.38
CA ILE B 478 -29.42 -33.98 22.94
C ILE B 478 -29.60 -33.66 21.46
N ALA B 479 -29.82 -32.38 21.15
CA ALA B 479 -30.13 -31.93 19.81
C ALA B 479 -30.19 -30.41 19.81
N PRO B 480 -30.14 -29.77 18.64
CA PRO B 480 -30.35 -28.32 18.59
C PRO B 480 -31.83 -27.98 18.77
N LEU B 481 -32.39 -28.40 19.90
CA LEU B 481 -33.81 -28.22 20.19
C LEU B 481 -33.99 -26.90 20.93
N THR B 482 -34.83 -26.01 20.37
CA THR B 482 -34.98 -24.67 20.92
C THR B 482 -35.81 -24.71 22.20
N ILE B 483 -35.40 -23.90 23.18
CA ILE B 483 -36.10 -23.77 24.45
C ILE B 483 -37.21 -22.73 24.30
N THR B 484 -38.45 -23.13 24.59
CA THR B 484 -39.61 -22.25 24.50
C THR B 484 -40.52 -22.52 25.71
N LEU B 485 -41.39 -21.55 25.97
CA LEU B 485 -42.31 -21.67 27.11
C LEU B 485 -43.25 -22.87 26.96
N VAL B 486 -43.78 -23.07 25.76
CA VAL B 486 -44.72 -24.17 25.53
C VAL B 486 -44.04 -25.52 25.73
N ARG B 487 -42.78 -25.62 25.29
CA ARG B 487 -42.06 -26.88 25.32
C ARG B 487 -41.74 -27.35 26.74
N GLU B 488 -41.59 -26.43 27.69
CA GLU B 488 -41.24 -26.80 29.05
C GLU B 488 -42.43 -27.09 29.94
N GLU B 489 -43.59 -27.41 29.36
CA GLU B 489 -44.74 -27.80 30.13
C GLU B 489 -44.98 -29.31 30.07
N VAL B 490 -44.20 -30.02 29.27
CA VAL B 490 -44.33 -31.47 29.15
C VAL B 490 -42.98 -32.12 29.48
N ILE B 491 -41.89 -31.42 29.16
CA ILE B 491 -40.54 -31.90 29.44
C ILE B 491 -39.78 -30.89 30.28
N ASP B 492 -38.52 -31.19 30.58
CA ASP B 492 -37.66 -30.33 31.40
C ASP B 492 -36.35 -30.11 30.66
N PHE B 493 -36.17 -28.90 30.12
CA PHE B 493 -34.92 -28.57 29.45
C PHE B 493 -33.83 -28.25 30.46
N SER B 494 -32.60 -28.57 30.09
CA SER B 494 -31.42 -28.22 30.86
C SER B 494 -30.93 -26.84 30.43
N LYS B 495 -29.84 -26.38 31.04
CA LYS B 495 -29.34 -25.04 30.75
C LYS B 495 -28.86 -24.97 29.30
N PRO B 496 -28.92 -23.79 28.69
CA PRO B 496 -28.52 -23.67 27.29
C PRO B 496 -27.05 -24.03 27.06
N PHE B 497 -26.81 -24.80 26.01
CA PHE B 497 -25.45 -25.15 25.61
C PHE B 497 -24.97 -24.32 24.42
N MET B 498 -25.85 -23.53 23.82
CA MET B 498 -25.53 -22.68 22.70
C MET B 498 -26.56 -21.56 22.65
N SER B 499 -26.11 -20.33 22.45
CA SER B 499 -26.99 -19.18 22.34
C SER B 499 -26.97 -18.65 20.92
N LEU B 500 -28.16 -18.51 20.34
CA LEU B 500 -28.32 -18.07 18.96
C LEU B 500 -29.39 -16.99 18.89
N GLY B 501 -29.52 -16.38 17.71
CA GLY B 501 -30.54 -15.39 17.48
C GLY B 501 -30.81 -15.25 16.00
N ILE B 502 -31.78 -14.39 15.67
CA ILE B 502 -32.08 -14.10 14.28
C ILE B 502 -30.96 -13.25 13.69
N SER B 503 -30.56 -13.57 12.46
CA SER B 503 -29.42 -12.91 11.83
C SER B 503 -29.68 -12.72 10.35
N ILE B 504 -29.18 -11.61 9.82
CA ILE B 504 -29.35 -11.27 8.42
C ILE B 504 -28.30 -11.99 7.60
N MET B 505 -28.72 -12.71 6.57
CA MET B 505 -27.83 -13.36 5.63
C MET B 505 -27.94 -12.66 4.29
N ILE B 506 -26.79 -12.37 3.67
CA ILE B 506 -26.73 -11.69 2.39
C ILE B 506 -25.68 -12.38 1.53
N LYS B 507 -25.49 -11.88 0.31
CA LYS B 507 -24.44 -12.36 -0.56
C LYS B 507 -23.19 -11.53 -0.38
N LYS B 508 -22.05 -12.21 -0.30
CA LYS B 508 -20.80 -11.53 -0.03
C LYS B 508 -20.48 -10.56 -1.17
N PRO B 509 -20.22 -9.29 -0.88
CA PRO B 509 -19.96 -8.33 -1.95
C PRO B 509 -18.81 -8.76 -2.84
N GLN B 510 -18.99 -8.57 -4.14
CA GLN B 510 -17.98 -8.89 -5.14
C GLN B 510 -17.47 -7.58 -5.75
N LYS B 511 -16.41 -7.70 -6.55
CA LYS B 511 -15.82 -6.53 -7.18
C LYS B 511 -16.88 -5.75 -7.95
N SER B 512 -16.95 -4.46 -7.69
CA SER B 512 -17.91 -3.61 -8.38
C SER B 512 -17.46 -3.35 -9.81
N LYS B 513 -18.33 -3.62 -10.76
CA LYS B 513 -18.02 -3.31 -12.15
C LYS B 513 -17.77 -1.82 -12.30
N PRO B 514 -16.66 -1.40 -12.90
CA PRO B 514 -16.37 0.03 -13.00
C PRO B 514 -17.47 0.77 -13.74
N GLY B 515 -17.81 1.95 -13.23
CA GLY B 515 -18.84 2.76 -13.85
C GLY B 515 -18.30 3.59 -15.00
N VAL B 516 -19.22 4.14 -15.78
CA VAL B 516 -18.84 4.95 -16.93
C VAL B 516 -17.92 6.09 -16.50
N PHE B 517 -18.40 6.93 -15.59
CA PHE B 517 -17.64 8.10 -15.13
C PHE B 517 -16.91 7.81 -13.82
N SER B 518 -16.41 6.59 -13.67
CA SER B 518 -15.66 6.22 -12.48
C SER B 518 -14.41 7.08 -12.29
N PHE B 519 -13.90 7.70 -13.34
CA PHE B 519 -12.69 8.50 -13.27
C PHE B 519 -12.87 9.73 -12.37
N LEU B 520 -14.07 9.92 -11.84
CA LEU B 520 -14.38 11.03 -10.97
C LEU B 520 -14.42 10.62 -9.50
N ASP B 521 -14.23 9.33 -9.22
CA ASP B 521 -14.28 8.84 -7.85
C ASP B 521 -13.22 9.44 -6.92
N PRO B 522 -11.93 9.60 -7.33
CA PRO B 522 -10.92 10.10 -6.38
C PRO B 522 -11.27 11.39 -5.65
N LEU B 523 -12.17 12.19 -6.22
CA LEU B 523 -12.61 13.43 -5.59
C LEU B 523 -14.13 13.40 -5.40
N ALA B 524 -14.59 14.05 -4.34
CA ALA B 524 -16.00 14.07 -4.04
C ALA B 524 -16.75 14.99 -5.01
N TYR B 525 -18.04 14.71 -5.16
CA TYR B 525 -18.89 15.54 -6.02
C TYR B 525 -18.81 17.01 -5.63
N GLU B 526 -18.70 17.29 -4.33
CA GLU B 526 -18.57 18.67 -3.87
C GLU B 526 -17.31 19.32 -4.42
N ILE B 527 -16.18 18.58 -4.41
CA ILE B 527 -14.93 19.14 -4.90
C ILE B 527 -15.03 19.50 -6.37
N TRP B 528 -15.58 18.59 -7.19
CA TRP B 528 -15.73 18.88 -8.62
C TRP B 528 -16.62 20.09 -8.84
N MET B 529 -17.73 20.17 -8.09
CA MET B 529 -18.61 21.33 -8.20
C MET B 529 -17.90 22.62 -7.80
N CYS B 530 -17.13 22.58 -6.71
CA CYS B 530 -16.41 23.76 -6.27
C CYS B 530 -15.27 24.14 -7.22
N ILE B 531 -14.67 23.16 -7.88
CA ILE B 531 -13.65 23.46 -8.89
C ILE B 531 -14.25 24.27 -10.04
N VAL B 532 -15.44 23.88 -10.49
CA VAL B 532 -16.14 24.63 -11.53
C VAL B 532 -16.40 26.06 -11.07
N PHE B 533 -16.88 26.21 -9.82
CA PHE B 533 -17.12 27.55 -9.29
C PHE B 533 -15.82 28.35 -9.19
N ALA B 534 -14.75 27.69 -8.75
CA ALA B 534 -13.46 28.36 -8.67
C ALA B 534 -12.94 28.75 -10.05
N TYR B 535 -13.13 27.87 -11.03
CA TYR B 535 -12.76 28.19 -12.41
C TYR B 535 -13.47 29.44 -12.90
N ILE B 536 -14.79 29.51 -12.72
CA ILE B 536 -15.54 30.69 -13.13
C ILE B 536 -15.07 31.93 -12.40
N GLY B 537 -14.91 31.83 -11.07
CA GLY B 537 -14.50 32.99 -10.29
C GLY B 537 -13.14 33.51 -10.68
N VAL B 538 -12.16 32.61 -10.83
CA VAL B 538 -10.81 33.03 -11.19
C VAL B 538 -10.80 33.72 -12.55
N SER B 539 -11.50 33.14 -13.53
CA SER B 539 -11.55 33.73 -14.86
C SER B 539 -12.15 35.12 -14.85
N VAL B 540 -13.26 35.29 -14.13
CA VAL B 540 -13.91 36.60 -14.05
C VAL B 540 -12.99 37.61 -13.37
N VAL B 541 -12.37 37.22 -12.26
CA VAL B 541 -11.47 38.12 -11.56
C VAL B 541 -10.27 38.48 -12.43
N LEU B 542 -9.70 37.49 -13.14
CA LEU B 542 -8.58 37.77 -14.04
C LEU B 542 -8.99 38.75 -15.13
N PHE B 543 -10.15 38.53 -15.75
CA PHE B 543 -10.68 39.48 -16.72
C PHE B 543 -10.80 40.88 -16.12
N LEU B 544 -11.38 40.97 -14.92
CA LEU B 544 -11.62 42.27 -14.30
C LEU B 544 -10.31 43.02 -14.07
N VAL B 545 -9.36 42.40 -13.35
CA VAL B 545 -8.13 43.07 -12.98
C VAL B 545 -7.28 43.44 -14.19
N SER B 546 -7.54 42.84 -15.34
CA SER B 546 -6.73 43.06 -16.53
C SER B 546 -7.27 44.13 -17.46
N ARG B 547 -8.59 44.27 -17.56
CA ARG B 547 -9.19 45.15 -18.56
C ARG B 547 -10.05 46.26 -18.00
N PHE B 548 -10.19 46.38 -16.67
CA PHE B 548 -11.10 47.38 -16.13
C PHE B 548 -10.50 48.78 -16.19
N SER B 549 -9.21 48.91 -15.87
CA SER B 549 -8.62 50.23 -15.78
C SER B 549 -8.58 50.91 -17.14
N PRO B 550 -9.09 52.14 -17.26
CA PRO B 550 -8.97 52.87 -18.52
C PRO B 550 -7.60 53.52 -18.72
N TYR B 551 -6.77 53.54 -17.69
CA TYR B 551 -5.44 54.15 -17.75
C TYR B 551 -4.40 53.22 -18.34
N GLU B 552 -4.82 52.08 -18.90
CA GLU B 552 -3.96 51.13 -19.57
C GLU B 552 -4.26 50.98 -21.05
N TRP B 553 -5.50 51.23 -21.46
CA TRP B 553 -5.88 51.17 -22.87
C TRP B 553 -5.28 52.34 -23.63
N GLN B 568 -4.91 48.46 -29.15
CA GLN B 568 -5.57 49.34 -28.19
C GLN B 568 -5.69 48.71 -26.78
N PRO B 569 -6.25 47.51 -26.64
CA PRO B 569 -6.31 46.88 -25.32
C PRO B 569 -4.92 46.62 -24.77
N PRO B 570 -4.72 46.81 -23.47
CA PRO B 570 -3.37 46.65 -22.92
C PRO B 570 -2.82 45.24 -23.05
N ASN B 571 -3.70 44.23 -22.98
CA ASN B 571 -3.30 42.83 -23.07
C ASN B 571 -4.40 42.09 -23.84
N GLU B 572 -4.28 40.77 -23.91
CA GLU B 572 -5.28 39.94 -24.57
C GLU B 572 -6.21 39.24 -23.58
N PHE B 573 -6.09 39.54 -22.29
CA PHE B 573 -6.89 38.86 -21.26
C PHE B 573 -8.31 39.43 -21.22
N GLY B 574 -9.10 39.04 -22.22
CA GLY B 574 -10.52 39.26 -22.19
C GLY B 574 -11.21 38.11 -21.49
N ILE B 575 -12.55 38.19 -21.44
CA ILE B 575 -13.31 37.16 -20.73
C ILE B 575 -13.12 35.80 -21.38
N PHE B 576 -13.23 35.75 -22.71
CA PHE B 576 -13.03 34.49 -23.42
CA PHE B 576 -13.03 34.51 -23.45
C PHE B 576 -11.61 33.97 -23.24
N ASN B 577 -10.60 34.84 -23.35
CA ASN B 577 -9.22 34.41 -23.18
C ASN B 577 -8.93 34.04 -21.72
N SER B 578 -9.53 34.75 -20.77
CA SER B 578 -9.32 34.43 -19.36
C SER B 578 -9.82 33.02 -19.04
N LEU B 579 -10.98 32.65 -19.58
CA LEU B 579 -11.47 31.28 -19.42
C LEU B 579 -10.50 30.28 -20.03
N TRP B 580 -9.95 30.59 -21.20
CA TRP B 580 -8.96 29.72 -21.82
C TRP B 580 -7.71 29.59 -20.96
N PHE B 581 -7.23 30.71 -20.42
CA PHE B 581 -6.04 30.67 -19.57
C PHE B 581 -6.26 29.80 -18.35
N SER B 582 -7.38 30.01 -17.65
CA SER B 582 -7.67 29.22 -16.46
C SER B 582 -7.81 27.75 -16.78
N LEU B 583 -8.45 27.42 -17.91
CA LEU B 583 -8.58 26.02 -18.30
C LEU B 583 -7.22 25.39 -18.57
N GLY B 584 -6.42 26.04 -19.43
CA GLY B 584 -5.08 25.54 -19.70
C GLY B 584 -4.23 25.39 -18.45
N ALA B 585 -4.31 26.37 -17.55
CA ALA B 585 -3.58 26.29 -16.28
C ALA B 585 -4.01 25.06 -15.50
N PHE B 586 -5.32 24.85 -15.35
CA PHE B 586 -5.82 23.71 -14.59
C PHE B 586 -5.39 22.39 -15.20
N MET B 587 -5.46 22.28 -16.54
CA MET B 587 -5.20 21.02 -17.21
C MET B 587 -3.71 20.68 -17.34
N GLN B 588 -2.81 21.52 -16.81
CA GLN B 588 -1.38 21.23 -16.81
C GLN B 588 -0.84 21.13 -18.23
N GLN B 589 -1.18 22.10 -19.08
CA GLN B 589 -0.88 22.00 -20.50
C GLN B 589 0.08 23.09 -20.98
N GLY B 590 -0.33 24.35 -20.97
CA GLY B 590 0.53 25.37 -21.53
C GLY B 590 0.15 26.76 -21.08
N CYS B 591 0.53 27.74 -21.91
CA CYS B 591 0.32 29.15 -21.58
C CYS B 591 0.39 29.92 -22.90
N ASP B 592 -0.78 30.19 -23.48
CA ASP B 592 -0.78 31.02 -24.69
C ASP B 592 -0.49 32.47 -24.35
N ILE B 593 -0.97 32.94 -23.20
CA ILE B 593 -0.74 34.30 -22.73
C ILE B 593 -0.59 34.25 -21.22
N SER B 594 0.25 35.14 -20.68
CA SER B 594 0.46 35.21 -19.25
C SER B 594 0.25 36.63 -18.75
N PRO B 595 -0.38 36.80 -17.59
CA PRO B 595 -0.57 38.15 -17.05
C PRO B 595 0.75 38.82 -16.72
N ARG B 596 0.85 40.10 -17.06
CA ARG B 596 2.07 40.88 -16.88
C ARG B 596 1.96 41.92 -15.79
N SER B 597 0.81 42.02 -15.13
CA SER B 597 0.57 43.01 -14.09
C SER B 597 0.53 42.34 -12.72
N LEU B 598 0.84 43.12 -11.69
CA LEU B 598 0.89 42.58 -10.33
C LEU B 598 -0.45 41.93 -9.96
N SER B 599 -1.56 42.64 -10.17
CA SER B 599 -2.87 42.09 -9.83
C SER B 599 -3.16 40.82 -10.63
N GLY B 600 -2.93 40.86 -11.94
CA GLY B 600 -3.12 39.68 -12.76
C GLY B 600 -2.23 38.52 -12.35
N ARG B 601 -0.96 38.81 -12.08
CA ARG B 601 -0.03 37.75 -11.68
C ARG B 601 -0.40 37.14 -10.33
N ILE B 602 -1.04 37.91 -9.45
CA ILE B 602 -1.56 37.34 -8.20
C ILE B 602 -2.62 36.29 -8.52
N VAL B 603 -3.55 36.61 -9.43
CA VAL B 603 -4.59 35.65 -9.82
C VAL B 603 -3.95 34.40 -10.39
N GLY B 604 -2.98 34.56 -11.28
CA GLY B 604 -2.30 33.40 -11.85
C GLY B 604 -1.61 32.55 -10.79
N GLY B 605 -0.93 33.19 -9.85
CA GLY B 605 -0.16 32.45 -8.87
C GLY B 605 -1.02 31.58 -7.96
N VAL B 606 -2.10 32.14 -7.43
CA VAL B 606 -3.00 31.36 -6.57
C VAL B 606 -3.66 30.25 -7.37
N TRP B 607 -4.09 30.56 -8.60
CA TRP B 607 -4.69 29.53 -9.45
C TRP B 607 -3.69 28.42 -9.77
N TRP B 608 -2.44 28.79 -10.01
CA TRP B 608 -1.40 27.79 -10.27
C TRP B 608 -1.14 26.93 -9.03
N PHE B 609 -1.21 27.54 -7.84
CA PHE B 609 -1.04 26.77 -6.61
C PHE B 609 -2.25 25.90 -6.33
N PHE B 610 -3.46 26.45 -6.50
CA PHE B 610 -4.67 25.66 -6.32
C PHE B 610 -4.67 24.45 -7.25
N THR B 611 -4.44 24.68 -8.54
CA THR B 611 -4.37 23.60 -9.51
C THR B 611 -3.40 22.51 -9.06
N LEU B 612 -2.16 22.89 -8.75
CA LEU B 612 -1.14 21.94 -8.35
C LEU B 612 -1.63 20.99 -7.26
N ILE B 613 -2.19 21.53 -6.19
CA ILE B 613 -2.68 20.72 -5.08
C ILE B 613 -3.77 19.76 -5.58
N ILE B 614 -4.75 20.28 -6.32
CA ILE B 614 -5.89 19.46 -6.74
C ILE B 614 -5.41 18.33 -7.66
N ILE B 615 -4.55 18.64 -8.62
CA ILE B 615 -4.10 17.61 -9.56
C ILE B 615 -3.28 16.55 -8.84
N SER B 616 -2.41 16.98 -7.91
CA SER B 616 -1.66 16.01 -7.11
C SER B 616 -2.60 15.17 -6.25
N SER B 617 -3.60 15.80 -5.64
CA SER B 617 -4.55 15.08 -4.80
C SER B 617 -5.30 14.01 -5.60
N TYR B 618 -5.76 14.37 -6.80
CA TYR B 618 -6.44 13.39 -7.65
C TYR B 618 -5.55 12.20 -7.94
N THR B 619 -4.33 12.44 -8.41
CA THR B 619 -3.41 11.36 -8.71
C THR B 619 -3.10 10.53 -7.47
N ALA B 620 -2.84 11.20 -6.35
CA ALA B 620 -2.52 10.48 -5.12
C ALA B 620 -3.70 9.63 -4.64
N ASN B 621 -4.90 10.19 -4.66
CA ASN B 621 -6.07 9.44 -4.19
C ASN B 621 -6.47 8.35 -5.17
N LEU B 622 -6.22 8.54 -6.45
CA LEU B 622 -6.49 7.48 -7.42
C LEU B 622 -5.55 6.30 -7.20
N ALA B 623 -4.28 6.57 -6.90
CA ALA B 623 -3.32 5.50 -6.62
C ALA B 623 -3.74 4.70 -5.39
N ALA B 624 -4.24 5.39 -4.35
CA ALA B 624 -4.74 4.70 -3.18
C ALA B 624 -5.89 3.75 -3.53
N PHE B 625 -6.82 4.21 -4.36
CA PHE B 625 -7.93 3.35 -4.78
C PHE B 625 -7.42 2.11 -5.49
N LEU B 626 -6.52 2.29 -6.46
CA LEU B 626 -6.03 1.16 -7.25
C LEU B 626 -5.16 0.21 -6.44
N THR B 627 -4.58 0.69 -5.34
CA THR B 627 -3.71 -0.16 -4.53
C THR B 627 -4.52 -1.03 -3.58
N VAL B 628 -5.38 -0.41 -2.77
CA VAL B 628 -6.17 -1.11 -1.76
C VAL B 628 -7.60 -1.19 -2.25
N GLU B 629 -8.17 -2.39 -2.26
CA GLU B 629 -9.51 -2.63 -2.75
C GLU B 629 -10.38 -3.06 -1.57
N ARG B 630 -11.06 -2.08 -0.97
CA ARG B 630 -11.95 -2.33 0.15
C ARG B 630 -13.38 -2.51 -0.35
N MET B 631 -14.04 -3.56 0.13
CA MET B 631 -15.39 -3.90 -0.30
C MET B 631 -16.40 -3.30 0.67
N VAL B 632 -17.47 -2.71 0.13
CA VAL B 632 -18.50 -2.07 0.93
C VAL B 632 -19.63 -3.06 1.16
N SER B 633 -20.01 -3.23 2.43
CA SER B 633 -21.16 -4.06 2.77
C SER B 633 -22.41 -3.20 2.82
N PRO B 634 -23.37 -3.40 1.91
CA PRO B 634 -24.57 -2.54 1.93
C PRO B 634 -25.35 -2.61 3.23
N ILE B 635 -25.30 -3.74 3.94
CA ILE B 635 -26.08 -3.96 5.15
C ILE B 635 -25.11 -4.30 6.27
N GLU B 636 -25.24 -3.57 7.39
CA GLU B 636 -24.42 -3.84 8.57
C GLU B 636 -25.24 -3.94 9.85
N SER B 637 -26.57 -3.92 9.75
CA SER B 637 -27.44 -3.98 10.92
C SER B 637 -28.87 -4.13 10.44
N ALA B 638 -29.76 -4.43 11.38
CA ALA B 638 -31.18 -4.54 11.06
C ALA B 638 -31.78 -3.20 10.67
N GLU B 639 -31.30 -2.11 11.27
CA GLU B 639 -31.81 -0.79 10.93
C GLU B 639 -31.53 -0.44 9.47
N ASP B 640 -30.33 -0.76 8.98
CA ASP B 640 -30.01 -0.52 7.58
C ASP B 640 -30.91 -1.34 6.65
N LEU B 641 -31.41 -2.47 7.13
CA LEU B 641 -32.26 -3.33 6.33
C LEU B 641 -33.71 -2.88 6.31
N ALA B 642 -34.10 -1.97 7.21
CA ALA B 642 -35.46 -1.49 7.34
C ALA B 642 -35.71 -0.19 6.58
N LYS B 643 -34.78 0.77 6.67
CA LYS B 643 -34.96 2.04 5.99
C LYS B 643 -34.97 1.87 4.48
N GLN B 644 -34.12 0.99 3.96
CA GLN B 644 -34.05 0.76 2.53
C GLN B 644 -35.30 0.04 2.04
N THR B 645 -35.54 0.13 0.72
CA THR B 645 -36.71 -0.48 0.12
C THR B 645 -36.33 -1.38 -1.04
N GLU B 646 -35.21 -1.09 -1.70
CA GLU B 646 -34.82 -1.85 -2.88
C GLU B 646 -34.46 -3.29 -2.53
N ILE B 647 -33.49 -3.47 -1.64
CA ILE B 647 -33.09 -4.81 -1.21
C ILE B 647 -34.21 -5.41 -0.37
N ALA B 648 -34.71 -6.57 -0.80
CA ALA B 648 -35.84 -7.21 -0.15
C ALA B 648 -35.34 -8.21 0.91
N TYR B 649 -36.29 -8.69 1.71
CA TYR B 649 -35.94 -9.60 2.80
C TYR B 649 -37.18 -10.34 3.27
N GLY B 650 -36.97 -11.58 3.72
CA GLY B 650 -38.07 -12.39 4.20
C GLY B 650 -37.57 -13.57 5.00
N THR B 651 -38.51 -14.38 5.48
CA THR B 651 -38.20 -15.55 6.30
C THR B 651 -38.85 -16.80 5.76
N LEU B 652 -38.78 -17.88 6.52
CA LEU B 652 -39.45 -19.13 6.14
C LEU B 652 -40.97 -18.96 6.30
N ASP B 653 -41.73 -19.84 5.66
CA ASP B 653 -43.19 -19.71 5.65
C ASP B 653 -43.75 -19.76 7.07
N SER B 654 -43.43 -20.82 7.82
CA SER B 654 -43.92 -20.93 9.18
C SER B 654 -42.79 -20.60 10.13
N GLY B 655 -42.01 -21.58 10.57
CA GLY B 655 -40.84 -21.34 11.39
C GLY B 655 -41.16 -20.61 12.68
N SER B 656 -40.17 -19.86 13.14
CA SER B 656 -40.28 -19.08 14.37
C SER B 656 -39.77 -17.66 14.22
N THR B 657 -38.91 -17.39 13.24
CA THR B 657 -38.49 -16.02 12.94
C THR B 657 -39.68 -15.16 12.52
N LYS B 658 -40.58 -15.72 11.70
CA LYS B 658 -41.73 -14.95 11.25
C LYS B 658 -42.63 -14.55 12.42
N GLU B 659 -42.84 -15.47 13.37
CA GLU B 659 -43.67 -15.13 14.53
C GLU B 659 -43.05 -14.06 15.39
N PHE B 660 -41.72 -13.89 15.33
CA PHE B 660 -41.06 -12.83 16.09
C PHE B 660 -41.54 -11.46 15.64
N PHE B 661 -41.57 -11.22 14.33
CA PHE B 661 -41.97 -9.90 13.83
C PHE B 661 -43.47 -9.67 14.01
N ARG B 662 -44.27 -10.73 14.01
CA ARG B 662 -45.70 -10.58 14.23
C ARG B 662 -46.00 -9.96 15.60
N ARG B 663 -45.32 -10.45 16.64
CA ARG B 663 -45.57 -10.02 18.00
C ARG B 663 -44.61 -8.96 18.49
N SER B 664 -43.63 -8.56 17.67
CA SER B 664 -42.61 -7.62 18.13
C SER B 664 -43.22 -6.23 18.31
N LYS B 665 -43.05 -5.67 19.51
CA LYS B 665 -43.53 -4.33 19.82
C LYS B 665 -42.42 -3.28 19.75
N ILE B 666 -41.44 -3.49 18.87
CA ILE B 666 -40.34 -2.57 18.70
C ILE B 666 -40.60 -1.74 17.44
N ALA B 667 -40.02 -0.55 17.39
CA ALA B 667 -40.19 0.31 16.21
C ALA B 667 -39.51 -0.29 14.99
N VAL B 668 -38.19 -0.53 15.08
CA VAL B 668 -37.42 -1.08 13.96
C VAL B 668 -38.06 -2.36 13.43
N TYR B 669 -38.25 -3.34 14.32
CA TYR B 669 -38.73 -4.65 13.89
C TYR B 669 -40.12 -4.56 13.26
N GLU B 670 -41.09 -3.98 13.98
CA GLU B 670 -42.46 -3.96 13.50
C GLU B 670 -42.57 -3.29 12.12
N LYS B 671 -41.69 -2.32 11.84
CA LYS B 671 -41.64 -1.73 10.51
C LYS B 671 -41.27 -2.77 9.47
N MET B 672 -40.34 -3.67 9.80
CA MET B 672 -39.95 -4.72 8.86
C MET B 672 -41.12 -5.63 8.53
N TRP B 673 -41.91 -6.00 9.54
CA TRP B 673 -43.05 -6.89 9.31
C TRP B 673 -44.03 -6.27 8.32
N THR B 674 -44.44 -5.03 8.58
CA THR B 674 -45.39 -4.29 7.75
C THR B 674 -45.06 -4.44 6.27
N TYR B 675 -43.77 -4.41 5.93
CA TYR B 675 -43.35 -4.51 4.54
C TYR B 675 -43.42 -5.96 4.05
N MET B 676 -42.76 -6.87 4.76
CA MET B 676 -42.71 -8.28 4.35
C MET B 676 -44.11 -8.85 4.12
N ARG B 677 -45.08 -8.41 4.93
CA ARG B 677 -46.43 -8.98 4.83
C ARG B 677 -47.07 -8.62 3.50
N SER B 678 -47.19 -7.34 3.20
CA SER B 678 -47.82 -6.87 1.97
C SER B 678 -46.75 -6.60 0.90
N ALA B 679 -46.01 -7.66 0.57
CA ALA B 679 -44.91 -7.58 -0.37
C ALA B 679 -45.14 -8.57 -1.51
N GLU B 680 -45.06 -8.08 -2.75
CA GLU B 680 -45.31 -8.93 -3.89
C GLU B 680 -44.10 -8.91 -4.83
N PRO B 681 -43.72 -10.05 -5.42
CA PRO B 681 -44.16 -11.41 -5.07
C PRO B 681 -43.82 -11.82 -3.63
N SER B 682 -44.39 -12.94 -3.18
CA SER B 682 -44.19 -13.39 -1.81
C SER B 682 -42.70 -13.58 -1.52
N VAL B 683 -42.27 -13.05 -0.38
CA VAL B 683 -40.87 -13.17 0.05
C VAL B 683 -40.64 -14.36 0.98
N PHE B 684 -41.69 -14.91 1.56
CA PHE B 684 -41.55 -16.00 2.52
C PHE B 684 -41.33 -17.31 1.77
N THR B 685 -40.22 -17.99 2.08
CA THR B 685 -39.89 -19.27 1.46
C THR B 685 -40.46 -20.42 2.28
N ARG B 686 -40.36 -21.62 1.73
CA ARG B 686 -40.88 -22.83 2.38
C ARG B 686 -39.83 -23.59 3.17
N THR B 687 -38.64 -23.75 2.62
CA THR B 687 -37.56 -24.48 3.28
C THR B 687 -36.32 -23.60 3.39
N THR B 688 -35.46 -23.95 4.33
CA THR B 688 -34.23 -23.18 4.55
C THR B 688 -33.35 -23.22 3.31
N ALA B 689 -33.22 -24.39 2.68
CA ALA B 689 -32.39 -24.50 1.48
C ALA B 689 -32.89 -23.59 0.38
N GLU B 690 -34.22 -23.44 0.26
CA GLU B 690 -34.79 -22.51 -0.70
C GLU B 690 -34.35 -21.08 -0.40
N GLY B 691 -34.45 -20.66 0.87
CA GLY B 691 -34.09 -19.30 1.22
C GLY B 691 -32.63 -19.00 0.95
N VAL B 692 -31.74 -19.92 1.34
CA VAL B 692 -30.32 -19.77 1.01
C VAL B 692 -30.14 -19.61 -0.50
N ALA B 693 -30.82 -20.46 -1.26
CA ALA B 693 -30.67 -20.42 -2.73
C ALA B 693 -31.19 -19.11 -3.29
N ARG B 694 -32.32 -18.62 -2.78
CA ARG B 694 -32.85 -17.32 -3.17
C ARG B 694 -31.88 -16.18 -2.91
N VAL B 695 -30.86 -16.40 -2.09
CA VAL B 695 -29.94 -15.33 -1.72
C VAL B 695 -28.77 -15.24 -2.72
N ARG B 696 -28.32 -16.38 -3.23
CA ARG B 696 -27.28 -16.39 -4.25
C ARG B 696 -27.83 -16.04 -5.62
N LYS B 697 -29.05 -16.50 -5.91
CA LYS B 697 -29.67 -16.22 -7.21
C LYS B 697 -29.98 -14.75 -7.36
N SER B 698 -30.39 -14.09 -6.27
CA SER B 698 -30.78 -12.68 -6.33
C SER B 698 -29.60 -11.74 -6.51
N LYS B 699 -28.37 -12.26 -6.51
CA LYS B 699 -27.14 -11.50 -6.71
C LYS B 699 -26.93 -10.41 -5.66
N GLY B 700 -27.75 -10.36 -4.62
CA GLY B 700 -27.56 -9.40 -3.55
C GLY B 700 -28.74 -8.48 -3.33
N LYS B 701 -29.88 -8.79 -3.95
CA LYS B 701 -31.11 -8.03 -3.75
C LYS B 701 -32.11 -8.80 -2.88
N PHE B 702 -31.60 -9.65 -1.98
CA PHE B 702 -32.47 -10.35 -1.04
C PHE B 702 -31.63 -10.75 0.18
N ALA B 703 -32.16 -10.47 1.36
CA ALA B 703 -31.54 -10.88 2.62
C ALA B 703 -32.44 -11.88 3.33
N PHE B 704 -31.89 -13.03 3.69
CA PHE B 704 -32.62 -14.05 4.43
C PHE B 704 -32.40 -13.88 5.93
N LEU B 705 -33.50 -13.79 6.68
CA LEU B 705 -33.47 -13.66 8.14
C LEU B 705 -33.65 -15.04 8.76
N LEU B 706 -32.55 -15.62 9.23
CA LEU B 706 -32.56 -16.97 9.79
C LEU B 706 -31.76 -16.98 11.10
N GLU B 707 -31.71 -18.14 11.73
CA GLU B 707 -30.97 -18.29 12.98
C GLU B 707 -29.48 -18.08 12.75
N SER B 708 -28.83 -17.52 13.78
CA SER B 708 -27.42 -17.17 13.65
C SER B 708 -26.53 -18.41 13.50
N THR B 709 -26.84 -19.49 14.23
CA THR B 709 -25.99 -20.67 14.19
C THR B 709 -25.93 -21.26 12.79
N MET B 710 -27.07 -21.35 12.11
CA MET B 710 -27.07 -21.85 10.74
C MET B 710 -26.45 -20.85 9.78
N ASN B 711 -26.63 -19.55 10.04
CA ASN B 711 -26.03 -18.52 9.21
C ASN B 711 -24.50 -18.54 9.28
N GLU B 712 -23.94 -19.16 10.32
CA GLU B 712 -22.48 -19.26 10.46
C GLU B 712 -21.96 -20.61 10.03
N TYR B 713 -22.82 -21.46 9.48
CA TYR B 713 -22.44 -22.72 8.84
C TYR B 713 -22.36 -22.59 7.34
N ILE B 714 -23.35 -21.93 6.73
CA ILE B 714 -23.36 -21.73 5.29
C ILE B 714 -22.31 -20.72 4.88
N GLU B 715 -21.89 -19.86 5.81
CA GLU B 715 -20.84 -18.89 5.54
C GLU B 715 -19.47 -19.54 5.43
N GLN B 716 -19.32 -20.79 5.87
CA GLN B 716 -18.06 -21.51 5.82
C GLN B 716 -18.10 -22.68 4.84
N ARG B 717 -19.04 -22.67 3.90
CA ARG B 717 -19.19 -23.72 2.91
C ARG B 717 -19.17 -23.12 1.51
N LYS B 718 -18.52 -23.83 0.59
CA LYS B 718 -18.42 -23.36 -0.79
C LYS B 718 -19.81 -23.26 -1.41
N PRO B 719 -20.03 -22.33 -2.36
CA PRO B 719 -19.09 -21.48 -3.09
C PRO B 719 -18.51 -20.31 -2.29
N CYS B 720 -18.90 -20.18 -1.03
CA CYS B 720 -18.41 -19.12 -0.14
C CYS B 720 -18.78 -17.74 -0.68
N ASP B 721 -20.09 -17.55 -0.89
CA ASP B 721 -20.62 -16.28 -1.35
C ASP B 721 -21.64 -15.68 -0.40
N THR B 722 -21.90 -16.29 0.75
CA THR B 722 -22.86 -15.80 1.72
C THR B 722 -22.16 -15.58 3.06
N MET B 723 -22.53 -14.52 3.76
CA MET B 723 -21.97 -14.22 5.07
C MET B 723 -23.06 -13.62 5.95
N LYS B 724 -22.68 -13.27 7.17
CA LYS B 724 -23.60 -12.72 8.16
C LYS B 724 -23.23 -11.27 8.45
N VAL B 725 -24.25 -10.42 8.60
CA VAL B 725 -24.06 -9.00 8.84
C VAL B 725 -24.94 -8.60 10.02
N GLY B 726 -24.47 -7.63 10.79
CA GLY B 726 -25.24 -7.16 11.92
C GLY B 726 -25.20 -8.11 13.09
N GLY B 727 -26.03 -7.82 14.08
CA GLY B 727 -26.10 -8.61 15.29
C GLY B 727 -27.43 -9.33 15.40
N ASN B 728 -27.53 -10.16 16.45
CA ASN B 728 -28.73 -10.96 16.65
C ASN B 728 -29.91 -10.06 17.01
N LEU B 729 -31.03 -10.28 16.33
CA LEU B 729 -32.26 -9.55 16.62
C LEU B 729 -33.06 -10.16 17.77
N ASP B 730 -32.63 -11.30 18.29
CA ASP B 730 -33.39 -12.00 19.32
C ASP B 730 -32.43 -12.87 20.12
N SER B 731 -32.90 -13.34 21.26
CA SER B 731 -32.12 -14.19 22.16
C SER B 731 -32.89 -15.48 22.41
N LYS B 732 -32.47 -16.56 21.75
CA LYS B 732 -33.04 -17.88 21.94
C LYS B 732 -31.90 -18.88 22.16
N GLY B 733 -32.20 -19.94 22.89
CA GLY B 733 -31.17 -20.89 23.25
C GLY B 733 -31.49 -22.35 22.99
N TYR B 734 -30.55 -23.07 22.37
CA TYR B 734 -30.65 -24.51 22.26
C TYR B 734 -30.35 -25.16 23.60
N GLY B 735 -31.05 -26.26 23.90
CA GLY B 735 -30.88 -26.94 25.16
C GLY B 735 -31.15 -28.41 25.04
N VAL B 736 -30.79 -29.13 26.11
CA VAL B 736 -30.96 -30.58 26.19
C VAL B 736 -32.22 -30.87 26.99
N ALA B 737 -33.08 -31.73 26.46
CA ALA B 737 -34.37 -32.03 27.06
C ALA B 737 -34.40 -33.45 27.60
N THR B 738 -35.10 -33.62 28.72
CA THR B 738 -35.31 -34.91 29.37
C THR B 738 -36.77 -35.07 29.72
N PRO B 739 -37.25 -36.30 29.82
CA PRO B 739 -38.64 -36.52 30.26
C PRO B 739 -38.89 -35.94 31.64
N LYS B 740 -40.08 -35.38 31.84
CA LYS B 740 -40.43 -34.76 33.10
C LYS B 740 -40.48 -35.81 34.21
N GLY B 741 -39.81 -35.53 35.32
CA GLY B 741 -39.74 -36.46 36.43
C GLY B 741 -38.59 -37.45 36.36
N SER B 742 -37.81 -37.45 35.28
CA SER B 742 -36.71 -38.39 35.16
C SER B 742 -35.60 -38.06 36.15
N SER B 743 -34.86 -39.09 36.54
CA SER B 743 -33.75 -38.92 37.47
C SER B 743 -32.47 -38.44 36.79
N LEU B 744 -32.45 -38.35 35.47
CA LEU B 744 -31.29 -37.87 34.73
C LEU B 744 -31.35 -36.38 34.44
N ARG B 745 -32.34 -35.67 34.99
CA ARG B 745 -32.44 -34.23 34.75
C ARG B 745 -31.26 -33.49 35.36
N THR B 746 -31.09 -33.62 36.68
CA THR B 746 -30.02 -32.90 37.36
C THR B 746 -28.62 -33.30 36.87
N PRO B 747 -28.28 -34.59 36.72
CA PRO B 747 -26.93 -34.91 36.21
C PRO B 747 -26.64 -34.31 34.84
N VAL B 748 -27.64 -34.26 33.95
CA VAL B 748 -27.44 -33.64 32.65
C VAL B 748 -27.25 -32.14 32.79
N ASN B 749 -28.00 -31.52 33.72
CA ASN B 749 -27.88 -30.08 33.92
C ASN B 749 -26.46 -29.71 34.34
N LEU B 750 -25.81 -30.54 35.15
CA LEU B 750 -24.47 -30.23 35.62
C LEU B 750 -23.40 -30.63 34.61
N ALA B 751 -23.69 -31.62 33.77
CA ALA B 751 -22.76 -31.99 32.71
C ALA B 751 -22.63 -30.89 31.67
N VAL B 752 -23.77 -30.32 31.24
CA VAL B 752 -23.74 -29.23 30.27
C VAL B 752 -23.03 -28.02 30.85
N LEU B 753 -23.34 -27.67 32.10
CA LEU B 753 -22.77 -26.47 32.70
C LEU B 753 -21.26 -26.62 32.90
N LYS B 754 -20.80 -27.80 33.29
CA LYS B 754 -19.37 -28.03 33.48
C LYS B 754 -18.60 -27.87 32.18
N LEU B 755 -19.12 -28.43 31.09
CA LEU B 755 -18.44 -28.33 29.80
C LEU B 755 -18.34 -26.90 29.29
N SER B 756 -19.25 -26.01 29.73
CA SER B 756 -19.17 -24.62 29.31
C SER B 756 -18.04 -23.88 30.03
N GLU B 757 -17.93 -24.08 31.33
CA GLU B 757 -16.84 -23.45 32.08
C GLU B 757 -15.49 -23.99 31.65
N ALA B 758 -15.40 -25.30 31.40
CA ALA B 758 -14.15 -25.89 30.96
C ALA B 758 -13.71 -25.33 29.61
N GLY B 759 -14.65 -25.14 28.70
CA GLY B 759 -14.35 -24.66 27.37
C GLY B 759 -14.58 -25.66 26.25
N VAL B 760 -15.15 -26.83 26.56
CA VAL B 760 -15.38 -27.83 25.53
C VAL B 760 -16.45 -27.37 24.55
N LEU B 761 -17.54 -26.79 25.07
CA LEU B 761 -18.63 -26.35 24.21
C LEU B 761 -18.19 -25.28 23.22
N ASP B 762 -17.16 -24.52 23.56
CA ASP B 762 -16.63 -23.53 22.62
C ASP B 762 -15.63 -24.16 21.66
N LYS B 763 -14.84 -25.11 22.12
CA LYS B 763 -13.93 -25.83 21.24
C LYS B 763 -14.70 -26.67 20.23
N LEU B 764 -15.79 -27.32 20.66
CA LEU B 764 -16.58 -28.13 19.75
C LEU B 764 -17.17 -27.29 18.62
N LYS B 765 -17.69 -26.11 18.95
CA LYS B 765 -18.28 -25.25 17.92
C LYS B 765 -17.25 -24.85 16.89
N ASN B 766 -16.09 -24.33 17.34
CA ASN B 766 -15.04 -23.93 16.41
C ASN B 766 -14.52 -25.09 15.58
N LYS B 767 -14.64 -26.32 16.08
CA LYS B 767 -14.15 -27.48 15.34
C LYS B 767 -15.05 -27.80 14.17
N TRP B 768 -16.37 -27.80 14.39
CA TRP B 768 -17.33 -28.20 13.37
C TRP B 768 -17.89 -27.02 12.57
N TRP B 769 -17.42 -25.81 12.83
CA TRP B 769 -17.87 -24.64 12.09
C TRP B 769 -16.76 -23.98 11.29
N TYR B 770 -15.54 -23.94 11.82
CA TYR B 770 -14.42 -23.24 11.19
C TYR B 770 -13.29 -24.16 10.81
N ASP B 771 -12.91 -25.11 11.67
CA ASP B 771 -11.86 -26.06 11.32
C ASP B 771 -12.27 -26.93 10.13
N LYS B 772 -13.53 -27.38 10.12
CA LYS B 772 -14.08 -28.11 8.99
C LYS B 772 -14.64 -27.20 7.91
N GLY B 773 -14.25 -25.92 7.90
CA GLY B 773 -14.75 -24.97 6.94
C GLY B 773 -14.10 -25.12 5.58
N GLU B 774 -14.57 -24.30 4.64
CA GLU B 774 -14.06 -24.34 3.28
C GLU B 774 -13.80 -22.96 2.68
N CYS B 775 -13.99 -21.88 3.44
CA CYS B 775 -13.76 -20.54 2.94
C CYS B 775 -12.40 -19.99 3.37
N GLY B 776 -12.12 -19.98 4.66
CA GLY B 776 -10.84 -19.48 5.17
C GLY B 776 -10.97 -18.20 5.96
N THR B 786 -3.29 -6.48 -8.36
CA THR B 786 -3.43 -5.31 -9.21
C THR B 786 -3.31 -5.65 -10.69
N SER B 787 -4.38 -5.33 -11.42
CA SER B 787 -4.46 -5.60 -12.85
C SER B 787 -4.39 -4.28 -13.61
N ALA B 788 -3.97 -4.38 -14.87
CA ALA B 788 -3.91 -3.20 -15.72
C ALA B 788 -5.30 -2.61 -15.91
N LEU B 789 -5.36 -1.28 -15.93
CA LEU B 789 -6.64 -0.61 -16.09
C LEU B 789 -7.26 -0.99 -17.44
N SER B 790 -8.56 -1.26 -17.42
CA SER B 790 -9.29 -1.66 -18.61
C SER B 790 -9.98 -0.45 -19.23
N LEU B 791 -10.47 -0.65 -20.46
CA LEU B 791 -11.23 0.40 -21.12
C LEU B 791 -12.48 0.76 -20.33
N SER B 792 -13.03 -0.19 -19.58
CA SER B 792 -14.21 0.08 -18.76
C SER B 792 -13.92 1.04 -17.61
N ASN B 793 -12.65 1.22 -17.26
CA ASN B 793 -12.30 2.17 -16.20
C ASN B 793 -12.27 3.60 -16.71
N VAL B 794 -11.87 3.80 -17.96
CA VAL B 794 -11.74 5.12 -18.55
C VAL B 794 -12.71 5.29 -19.73
N ALA B 795 -13.78 4.50 -19.77
CA ALA B 795 -14.72 4.59 -20.88
C ALA B 795 -15.43 5.94 -20.93
N GLY B 796 -15.69 6.54 -19.77
CA GLY B 796 -16.47 7.77 -19.75
C GLY B 796 -15.73 8.95 -20.36
N VAL B 797 -14.44 9.06 -20.10
CA VAL B 797 -13.67 10.16 -20.67
C VAL B 797 -13.59 10.05 -22.18
N PHE B 798 -13.55 8.83 -22.71
CA PHE B 798 -13.60 8.64 -24.16
C PHE B 798 -14.91 9.14 -24.74
N TYR B 799 -16.03 8.83 -24.07
CA TYR B 799 -17.33 9.34 -24.50
C TYR B 799 -17.36 10.86 -24.46
N ILE B 800 -16.81 11.46 -23.40
CA ILE B 800 -16.78 12.92 -23.29
C ILE B 800 -15.93 13.51 -24.41
N LEU B 801 -14.78 12.89 -24.69
CA LEU B 801 -13.92 13.37 -25.77
C LEU B 801 -14.65 13.34 -27.11
N VAL B 802 -15.27 12.20 -27.45
CA VAL B 802 -15.95 12.09 -28.74
C VAL B 802 -17.17 13.00 -28.78
N GLY B 803 -17.85 13.16 -27.63
CA GLY B 803 -18.93 14.14 -27.56
C GLY B 803 -18.44 15.55 -27.77
N GLY B 804 -17.28 15.89 -27.19
CA GLY B 804 -16.69 17.19 -27.44
C GLY B 804 -16.29 17.40 -28.88
N LEU B 805 -15.78 16.33 -29.52
CA LEU B 805 -15.42 16.43 -30.93
C LEU B 805 -16.65 16.60 -31.82
N GLY B 806 -17.78 16.02 -31.42
CA GLY B 806 -19.00 16.19 -32.17
C GLY B 806 -19.64 17.55 -31.93
N LEU B 807 -19.56 18.03 -30.69
CA LEU B 807 -20.07 19.36 -30.37
C LEU B 807 -19.30 20.44 -31.13
N ALA B 808 -17.97 20.32 -31.18
CA ALA B 808 -17.16 21.30 -31.90
C ALA B 808 -17.51 21.32 -33.38
N MET B 809 -17.69 20.15 -33.99
CA MET B 809 -18.11 20.08 -35.38
C MET B 809 -19.47 20.75 -35.58
N LEU B 810 -20.41 20.48 -34.68
CA LEU B 810 -21.71 21.15 -34.75
C LEU B 810 -21.57 22.65 -34.62
N VAL B 811 -20.80 23.11 -33.63
CA VAL B 811 -20.62 24.54 -33.41
C VAL B 811 -19.99 25.20 -34.63
N ALA B 812 -18.94 24.57 -35.18
CA ALA B 812 -18.25 25.14 -36.34
C ALA B 812 -19.20 25.26 -37.53
N LEU B 813 -19.97 24.21 -37.81
CA LEU B 813 -20.86 24.23 -38.96
C LEU B 813 -22.03 25.20 -38.78
N ILE B 814 -22.43 25.47 -37.54
CA ILE B 814 -23.49 26.45 -37.31
C ILE B 814 -23.01 27.84 -37.69
N GLU B 815 -21.78 28.19 -37.30
CA GLU B 815 -21.21 29.48 -37.71
C GLU B 815 -21.12 29.57 -39.23
N PHE B 816 -20.62 28.51 -39.87
CA PHE B 816 -20.53 28.45 -41.32
C PHE B 816 -21.91 28.61 -41.97
N CYS B 817 -22.91 27.95 -41.38
CA CYS B 817 -24.31 28.05 -41.88
C CYS B 817 -24.83 29.48 -41.73
N TYR B 818 -24.50 30.16 -40.64
CA TYR B 818 -24.95 31.52 -40.40
C TYR B 818 -24.31 32.48 -41.39
N LYS B 819 -22.98 32.40 -41.50
CA LYS B 819 -22.25 33.30 -42.40
C LYS B 819 -22.70 33.11 -43.85
N SER B 820 -22.91 31.86 -44.26
CA SER B 820 -23.32 31.59 -45.63
C SER B 820 -24.64 32.27 -45.96
N ARG B 821 -25.62 32.18 -45.06
CA ARG B 821 -26.90 32.84 -45.27
C ARG B 821 -26.72 34.35 -45.43
N ALA B 822 -26.06 34.99 -44.45
CA ALA B 822 -25.79 36.42 -44.45
C ALA B 822 -25.48 36.97 -45.84
N GLU B 823 -24.40 36.47 -46.45
CA GLU B 823 -23.96 36.98 -47.74
C GLU B 823 -24.44 36.09 -48.88
N VAL C 399 -37.03 -10.30 48.58
CA VAL C 399 -36.33 -10.44 47.32
C VAL C 399 -34.94 -9.80 47.43
N THR C 400 -33.93 -10.62 47.67
CA THR C 400 -32.56 -10.12 47.74
C THR C 400 -32.12 -9.54 46.41
N THR C 401 -31.40 -8.43 46.47
CA THR C 401 -31.01 -7.69 45.28
C THR C 401 -29.71 -6.95 45.58
N ILE C 402 -29.01 -6.55 44.54
CA ILE C 402 -27.71 -5.87 44.66
C ILE C 402 -27.79 -4.54 43.93
N MET C 403 -27.07 -3.55 44.45
CA MET C 403 -27.11 -2.19 43.92
C MET C 403 -26.05 -2.07 42.83
N GLU C 404 -26.48 -2.30 41.58
CA GLU C 404 -25.59 -2.17 40.44
C GLU C 404 -26.35 -1.52 39.29
N SER C 405 -25.69 -0.60 38.58
CA SER C 405 -26.30 0.09 37.46
C SER C 405 -26.03 -0.65 36.15
N PRO C 406 -26.97 -0.65 35.21
CA PRO C 406 -28.29 -0.03 35.31
C PRO C 406 -29.35 -0.95 35.91
N TYR C 407 -28.93 -2.12 36.41
CA TYR C 407 -29.88 -3.09 36.94
C TYR C 407 -30.72 -2.48 38.06
N VAL C 408 -30.06 -1.86 39.04
CA VAL C 408 -30.73 -1.23 40.18
C VAL C 408 -30.08 0.11 40.44
N MET C 409 -30.89 1.15 40.55
CA MET C 409 -30.39 2.51 40.76
C MET C 409 -31.39 3.28 41.62
N TYR C 410 -30.87 4.06 42.57
CA TYR C 410 -31.71 4.95 43.35
C TYR C 410 -32.41 5.96 42.44
N LYS C 411 -33.69 6.17 42.71
CA LYS C 411 -34.45 7.20 41.99
C LYS C 411 -33.84 8.58 42.20
N LYS C 412 -34.22 9.50 41.31
CA LYS C 412 -33.71 10.87 41.36
C LYS C 412 -33.89 11.50 42.74
N ASN C 413 -35.05 11.29 43.36
CA ASN C 413 -35.38 11.85 44.67
C ASN C 413 -35.93 10.76 45.59
N HIS C 414 -35.20 9.66 45.69
CA HIS C 414 -35.63 8.52 46.49
C HIS C 414 -35.72 8.82 47.99
N GLU C 415 -35.29 10.00 48.43
CA GLU C 415 -35.43 10.35 49.84
C GLU C 415 -36.89 10.64 50.19
N MET C 416 -37.68 11.08 49.22
CA MET C 416 -39.11 11.30 49.41
C MET C 416 -39.93 10.12 48.90
N PHE C 417 -39.45 8.90 49.16
CA PHE C 417 -40.10 7.69 48.70
C PHE C 417 -39.87 6.59 49.72
N GLU C 418 -40.86 5.71 49.86
CA GLU C 418 -40.78 4.59 50.79
C GLU C 418 -41.29 3.33 50.13
N GLY C 419 -40.73 2.20 50.53
CA GLY C 419 -41.10 0.91 49.97
C GLY C 419 -40.28 0.51 48.76
N ASN C 420 -40.87 -0.31 47.89
CA ASN C 420 -40.21 -0.74 46.67
C ASN C 420 -40.04 0.39 45.65
N ASP C 421 -40.70 1.52 45.85
CA ASP C 421 -40.59 2.65 44.93
C ASP C 421 -39.29 3.42 45.10
N LYS C 422 -38.50 3.14 46.13
CA LYS C 422 -37.25 3.86 46.34
C LYS C 422 -36.22 3.56 45.26
N TYR C 423 -36.32 2.42 44.58
CA TYR C 423 -35.33 1.99 43.62
C TYR C 423 -35.92 1.94 42.22
N GLU C 424 -35.04 1.87 41.22
CA GLU C 424 -35.43 1.72 39.83
C GLU C 424 -34.28 1.09 39.08
N GLY C 425 -34.60 0.56 37.90
CA GLY C 425 -33.61 -0.06 37.04
C GLY C 425 -34.20 -1.25 36.32
N TYR C 426 -33.33 -1.98 35.63
CA TYR C 426 -33.77 -3.13 34.85
C TYR C 426 -34.40 -4.19 35.75
N CYS C 427 -33.72 -4.55 36.84
CA CYS C 427 -34.22 -5.60 37.71
C CYS C 427 -35.41 -5.15 38.53
N VAL C 428 -35.58 -3.85 38.76
CA VAL C 428 -36.78 -3.36 39.42
C VAL C 428 -37.99 -3.54 38.51
N ASP C 429 -37.86 -3.15 37.24
CA ASP C 429 -38.92 -3.39 36.28
C ASP C 429 -39.15 -4.88 36.07
N LEU C 430 -38.07 -5.66 36.02
CA LEU C 430 -38.19 -7.10 35.85
C LEU C 430 -38.98 -7.73 37.00
N ALA C 431 -38.75 -7.25 38.23
CA ALA C 431 -39.48 -7.78 39.37
C ALA C 431 -40.98 -7.50 39.25
N SER C 432 -41.35 -6.31 38.78
CA SER C 432 -42.75 -6.00 38.55
C SER C 432 -43.35 -6.91 37.48
N GLU C 433 -42.59 -7.18 36.41
CA GLU C 433 -43.08 -8.03 35.35
C GLU C 433 -43.25 -9.47 35.83
N ILE C 434 -42.24 -10.00 36.53
CA ILE C 434 -42.30 -11.38 37.03
C ILE C 434 -43.43 -11.55 38.03
N ALA C 435 -43.57 -10.60 38.96
CA ALA C 435 -44.54 -10.76 40.04
C ALA C 435 -45.97 -10.83 39.51
N LYS C 436 -46.35 -9.90 38.62
CA LYS C 436 -47.72 -9.89 38.13
C LYS C 436 -48.04 -11.13 37.30
N HIS C 437 -47.04 -11.72 36.64
CA HIS C 437 -47.28 -12.90 35.82
C HIS C 437 -47.55 -14.13 36.68
N ILE C 438 -46.99 -14.18 37.90
CA ILE C 438 -47.20 -15.29 38.80
C ILE C 438 -48.08 -14.92 39.99
N GLY C 439 -48.62 -13.71 40.01
CA GLY C 439 -49.53 -13.28 41.04
C GLY C 439 -48.95 -13.31 42.45
N ILE C 440 -47.75 -12.76 42.62
CA ILE C 440 -47.08 -12.75 43.90
C ILE C 440 -46.78 -11.31 44.30
N LYS C 441 -46.64 -11.09 45.60
CA LYS C 441 -46.27 -9.80 46.16
C LYS C 441 -44.88 -9.90 46.77
N TYR C 442 -44.03 -8.93 46.48
CA TYR C 442 -42.63 -8.98 46.86
C TYR C 442 -42.25 -7.73 47.63
N LYS C 443 -41.05 -7.75 48.20
CA LYS C 443 -40.50 -6.62 48.94
C LYS C 443 -38.99 -6.57 48.66
N ILE C 444 -38.58 -5.59 47.86
CA ILE C 444 -37.17 -5.47 47.50
C ILE C 444 -36.34 -5.20 48.75
N ALA C 445 -35.23 -5.90 48.89
CA ALA C 445 -34.33 -5.73 50.03
C ALA C 445 -32.90 -5.93 49.55
N ILE C 446 -32.13 -4.85 49.55
CA ILE C 446 -30.73 -4.92 49.11
C ILE C 446 -29.93 -5.79 50.07
N VAL C 447 -29.00 -6.55 49.53
CA VAL C 447 -28.13 -7.41 50.37
C VAL C 447 -27.18 -6.50 51.16
N PRO C 448 -27.08 -6.66 52.48
CA PRO C 448 -26.22 -5.76 53.27
C PRO C 448 -24.74 -5.78 52.91
N ASP C 449 -24.18 -6.94 52.54
CA ASP C 449 -22.73 -6.99 52.35
C ASP C 449 -22.33 -6.31 51.05
N GLY C 450 -23.15 -6.42 50.00
CA GLY C 450 -22.83 -5.89 48.70
C GLY C 450 -22.08 -6.82 47.77
N LYS C 451 -21.80 -8.05 48.19
CA LYS C 451 -21.09 -8.99 47.34
C LYS C 451 -22.08 -9.86 46.60
N TYR C 452 -21.66 -10.36 45.43
CA TYR C 452 -22.55 -11.16 44.60
C TYR C 452 -22.79 -12.52 45.22
N GLY C 453 -21.75 -13.34 45.33
CA GLY C 453 -21.83 -14.62 46.00
C GLY C 453 -20.59 -15.47 45.81
N ALA C 454 -19.79 -15.60 46.87
CA ALA C 454 -18.54 -16.33 46.80
C ALA C 454 -18.47 -17.33 47.94
N ARG C 455 -17.55 -18.29 47.81
CA ARG C 455 -17.32 -19.30 48.82
C ARG C 455 -16.01 -18.99 49.54
N ASP C 456 -16.10 -18.70 50.84
CA ASP C 456 -14.90 -18.45 51.65
C ASP C 456 -13.86 -19.56 51.47
N ALA C 457 -14.30 -20.76 51.11
CA ALA C 457 -13.50 -21.97 50.90
C ALA C 457 -12.85 -22.48 52.18
N ASP C 458 -13.11 -21.86 53.33
CA ASP C 458 -12.57 -22.35 54.60
C ASP C 458 -13.69 -22.81 55.50
N THR C 459 -14.38 -21.85 56.13
CA THR C 459 -15.55 -22.14 56.97
C THR C 459 -16.75 -22.63 56.16
N LYS C 460 -16.62 -22.76 54.83
CA LYS C 460 -17.67 -23.19 53.92
C LYS C 460 -19.03 -22.59 54.26
N ILE C 461 -19.05 -21.26 54.38
CA ILE C 461 -20.27 -20.49 54.60
C ILE C 461 -20.47 -19.58 53.39
N TRP C 462 -21.52 -19.83 52.61
CA TRP C 462 -21.82 -18.99 51.46
C TRP C 462 -22.12 -17.57 51.90
N ASN C 463 -21.48 -16.60 51.24
CA ASN C 463 -21.63 -15.19 51.56
C ASN C 463 -22.15 -14.45 50.34
N GLY C 464 -23.19 -13.63 50.54
CA GLY C 464 -23.78 -12.84 49.49
C GLY C 464 -25.22 -13.25 49.23
N MET C 465 -25.66 -13.02 47.98
CA MET C 465 -27.02 -13.37 47.60
C MET C 465 -27.24 -14.87 47.67
N VAL C 466 -26.25 -15.66 47.25
CA VAL C 466 -26.36 -17.11 47.32
C VAL C 466 -26.56 -17.56 48.76
N GLY C 467 -25.76 -16.99 49.67
CA GLY C 467 -25.95 -17.27 51.09
C GLY C 467 -27.30 -16.81 51.60
N GLU C 468 -27.82 -15.72 51.05
CA GLU C 468 -29.13 -15.21 51.45
C GLU C 468 -30.27 -16.09 50.96
N LEU C 469 -29.98 -17.08 50.10
CA LEU C 469 -30.98 -18.02 49.61
C LEU C 469 -30.86 -19.39 50.26
N VAL C 470 -29.64 -19.92 50.37
CA VAL C 470 -29.44 -21.25 50.96
C VAL C 470 -29.86 -21.25 52.42
N TYR C 471 -29.61 -20.14 53.13
CA TYR C 471 -29.94 -20.03 54.54
C TYR C 471 -31.35 -19.49 54.77
N GLY C 472 -32.17 -19.42 53.73
CA GLY C 472 -33.55 -19.00 53.85
C GLY C 472 -33.75 -17.59 54.36
N LYS C 473 -33.03 -16.63 53.78
CA LYS C 473 -33.23 -15.23 54.07
C LYS C 473 -34.04 -14.51 53.01
N ALA C 474 -34.18 -15.10 51.82
CA ALA C 474 -34.95 -14.53 50.73
C ALA C 474 -35.47 -15.67 49.87
N GLU C 475 -36.50 -15.38 49.08
CA GLU C 475 -37.16 -16.41 48.29
C GLU C 475 -37.00 -16.25 46.78
N ILE C 476 -36.51 -15.10 46.32
CA ILE C 476 -36.27 -14.85 44.89
C ILE C 476 -35.14 -13.85 44.77
N ALA C 477 -34.12 -14.18 43.97
CA ALA C 477 -32.95 -13.34 43.77
C ALA C 477 -33.02 -12.77 42.36
N ILE C 478 -33.66 -11.60 42.22
CA ILE C 478 -33.79 -10.93 40.92
C ILE C 478 -32.59 -9.99 40.80
N ALA C 479 -31.51 -10.50 40.23
CA ALA C 479 -30.26 -9.75 40.12
C ALA C 479 -29.47 -10.31 38.95
N PRO C 480 -28.46 -9.58 38.47
CA PRO C 480 -27.57 -10.14 37.43
C PRO C 480 -26.64 -11.20 38.00
N LEU C 481 -27.20 -12.28 38.53
CA LEU C 481 -26.43 -13.34 39.16
C LEU C 481 -26.08 -14.38 38.10
N THR C 482 -24.80 -14.44 37.74
CA THR C 482 -24.36 -15.35 36.69
C THR C 482 -24.61 -16.79 37.09
N ILE C 483 -24.98 -17.61 36.11
CA ILE C 483 -25.23 -19.04 36.33
C ILE C 483 -23.89 -19.78 36.26
N THR C 484 -23.53 -20.44 37.35
CA THR C 484 -22.27 -21.16 37.43
C THR C 484 -22.52 -22.51 38.11
N LEU C 485 -21.63 -23.46 37.82
CA LEU C 485 -21.77 -24.80 38.39
C LEU C 485 -21.69 -24.78 39.91
N VAL C 486 -20.74 -24.02 40.46
CA VAL C 486 -20.54 -24.00 41.91
C VAL C 486 -21.80 -23.51 42.61
N ARG C 487 -22.49 -22.53 42.03
CA ARG C 487 -23.74 -22.04 42.60
C ARG C 487 -24.90 -22.98 42.31
N GLU C 488 -24.86 -23.68 41.17
CA GLU C 488 -25.95 -24.58 40.82
C GLU C 488 -26.09 -25.74 41.80
N GLU C 489 -25.04 -26.06 42.54
CA GLU C 489 -25.09 -27.16 43.50
C GLU C 489 -25.75 -26.76 44.81
N VAL C 490 -26.10 -25.49 45.00
CA VAL C 490 -26.78 -25.05 46.21
C VAL C 490 -28.08 -24.31 45.92
N ILE C 491 -28.28 -23.78 44.71
CA ILE C 491 -29.53 -23.14 44.33
C ILE C 491 -29.86 -23.58 42.90
N ASP C 492 -31.09 -23.30 42.48
CA ASP C 492 -31.57 -23.68 41.16
C ASP C 492 -31.95 -22.41 40.39
N PHE C 493 -31.09 -22.01 39.46
CA PHE C 493 -31.35 -20.83 38.65
C PHE C 493 -32.50 -21.08 37.70
N SER C 494 -33.04 -19.98 37.15
CA SER C 494 -34.02 -20.05 36.09
C SER C 494 -33.31 -19.92 34.75
N LYS C 495 -34.07 -20.01 33.66
CA LYS C 495 -33.48 -19.85 32.35
C LYS C 495 -32.92 -18.43 32.19
N PRO C 496 -31.78 -18.28 31.52
CA PRO C 496 -31.17 -16.94 31.40
C PRO C 496 -32.10 -15.93 30.76
N PHE C 497 -32.23 -14.77 31.39
CA PHE C 497 -32.97 -13.65 30.82
C PHE C 497 -32.06 -12.65 30.11
N MET C 498 -30.75 -12.89 30.09
CA MET C 498 -29.82 -11.99 29.40
C MET C 498 -28.54 -12.77 29.11
N SER C 499 -28.36 -13.16 27.85
CA SER C 499 -27.14 -13.83 27.45
C SER C 499 -26.03 -12.79 27.26
N LEU C 500 -24.82 -13.13 27.68
CA LEU C 500 -23.71 -12.19 27.65
C LEU C 500 -22.41 -12.97 27.51
N GLY C 501 -21.30 -12.27 27.63
CA GLY C 501 -20.00 -12.91 27.61
C GLY C 501 -18.91 -11.89 27.86
N ILE C 502 -17.68 -12.30 27.62
CA ILE C 502 -16.52 -11.44 27.82
C ILE C 502 -16.18 -10.78 26.50
N SER C 503 -16.21 -9.45 26.48
CA SER C 503 -15.98 -8.67 25.27
C SER C 503 -14.74 -7.80 25.46
N ILE C 504 -14.50 -6.91 24.49
CA ILE C 504 -13.33 -6.04 24.49
C ILE C 504 -13.81 -4.60 24.44
N MET C 505 -13.34 -3.79 25.38
CA MET C 505 -13.65 -2.36 25.43
C MET C 505 -12.39 -1.56 25.16
N ILE C 506 -12.47 -0.64 24.21
CA ILE C 506 -11.38 0.28 23.89
C ILE C 506 -11.95 1.68 23.85
N LYS C 507 -11.05 2.66 23.99
CA LYS C 507 -11.47 4.06 23.93
C LYS C 507 -11.98 4.38 22.53
N LYS C 508 -13.23 4.82 22.46
CA LYS C 508 -13.83 5.19 21.18
C LYS C 508 -12.94 6.20 20.46
N PRO C 509 -12.63 5.97 19.19
CA PRO C 509 -11.75 6.90 18.46
C PRO C 509 -12.49 8.18 18.08
N GLN C 510 -11.76 9.05 17.38
CA GLN C 510 -12.29 10.33 16.95
C GLN C 510 -12.41 10.33 15.42
N LYS C 511 -13.31 11.17 14.92
CA LYS C 511 -13.50 11.26 13.47
C LYS C 511 -12.34 11.96 12.78
N SER C 512 -11.41 12.54 13.56
CA SER C 512 -10.21 13.19 13.05
C SER C 512 -10.54 14.14 11.89
N LYS C 513 -11.45 15.07 12.16
CA LYS C 513 -11.82 16.11 11.21
C LYS C 513 -10.57 16.74 10.63
N PRO C 514 -10.34 16.65 9.32
CA PRO C 514 -9.12 17.22 8.74
C PRO C 514 -9.02 18.72 9.00
N GLY C 515 -7.79 19.17 9.21
CA GLY C 515 -7.55 20.59 9.40
C GLY C 515 -7.73 21.35 8.11
N VAL C 516 -7.80 22.68 8.23
CA VAL C 516 -8.05 23.50 7.06
C VAL C 516 -6.86 23.47 6.13
N PHE C 517 -5.66 23.65 6.68
CA PHE C 517 -4.43 23.69 5.90
C PHE C 517 -3.72 22.34 5.94
N SER C 518 -4.45 21.26 5.66
CA SER C 518 -3.90 19.92 5.72
C SER C 518 -3.33 19.45 4.39
N PHE C 519 -3.53 20.20 3.31
CA PHE C 519 -2.87 19.89 2.05
C PHE C 519 -1.36 20.06 2.13
N LEU C 520 -0.86 20.74 3.16
CA LEU C 520 0.58 20.89 3.36
C LEU C 520 1.19 19.70 4.08
N ASP C 521 0.37 18.80 4.59
CA ASP C 521 0.87 17.69 5.40
C ASP C 521 1.89 16.79 4.70
N PRO C 522 1.83 16.51 3.39
CA PRO C 522 2.85 15.63 2.79
C PRO C 522 4.28 16.10 2.99
N LEU C 523 4.51 17.39 3.20
CA LEU C 523 5.84 17.92 3.46
C LEU C 523 5.89 18.58 4.82
N ALA C 524 7.08 18.63 5.40
CA ALA C 524 7.25 19.22 6.72
C ALA C 524 7.30 20.74 6.63
N TYR C 525 6.97 21.39 7.75
CA TYR C 525 7.02 22.84 7.83
C TYR C 525 8.38 23.39 7.42
N GLU C 526 9.45 22.67 7.77
CA GLU C 526 10.80 23.12 7.39
C GLU C 526 10.98 23.13 5.89
N ILE C 527 10.50 22.10 5.19
CA ILE C 527 10.60 22.07 3.73
C ILE C 527 9.84 23.24 3.13
N TRP C 528 8.59 23.44 3.56
CA TRP C 528 7.79 24.56 3.03
C TRP C 528 8.48 25.88 3.25
N MET C 529 9.06 26.08 4.45
CA MET C 529 9.77 27.32 4.73
C MET C 529 11.02 27.44 3.87
N CYS C 530 11.74 26.33 3.67
CA CYS C 530 12.96 26.36 2.87
C CYS C 530 12.67 26.57 1.39
N ILE C 531 11.53 26.09 0.91
CA ILE C 531 11.13 26.34 -0.48
C ILE C 531 10.97 27.84 -0.72
N VAL C 532 10.34 28.54 0.22
CA VAL C 532 10.18 29.99 0.11
C VAL C 532 11.55 30.66 0.07
N PHE C 533 12.44 30.26 0.98
CA PHE C 533 13.81 30.81 0.96
C PHE C 533 14.51 30.50 -0.34
N ALA C 534 14.43 29.25 -0.80
CA ALA C 534 15.02 28.88 -2.09
C ALA C 534 14.40 29.69 -3.22
N TYR C 535 13.08 29.86 -3.20
CA TYR C 535 12.41 30.66 -4.21
C TYR C 535 12.98 32.08 -4.27
N ILE C 536 13.10 32.73 -3.11
CA ILE C 536 13.63 34.08 -3.06
C ILE C 536 15.07 34.11 -3.56
N GLY C 537 15.89 33.17 -3.11
CA GLY C 537 17.28 33.15 -3.52
C GLY C 537 17.45 32.96 -5.02
N VAL C 538 16.74 31.99 -5.58
CA VAL C 538 16.81 31.73 -7.02
C VAL C 538 16.43 32.98 -7.81
N SER C 539 15.33 33.63 -7.42
CA SER C 539 14.86 34.82 -8.13
C SER C 539 15.91 35.93 -8.07
N VAL C 540 16.49 36.17 -6.91
CA VAL C 540 17.52 37.20 -6.77
C VAL C 540 18.74 36.85 -7.62
N VAL C 541 19.17 35.59 -7.57
CA VAL C 541 20.32 35.18 -8.37
C VAL C 541 20.00 35.24 -9.86
N LEU C 542 18.77 34.90 -10.23
CA LEU C 542 18.35 35.02 -11.62
C LEU C 542 18.39 36.47 -12.08
N PHE C 543 18.10 37.41 -11.18
CA PHE C 543 18.21 38.83 -11.50
C PHE C 543 19.66 39.30 -11.48
N LEU C 544 20.48 38.71 -10.62
CA LEU C 544 21.88 39.13 -10.53
C LEU C 544 22.64 38.77 -11.81
N VAL C 545 22.49 37.54 -12.28
CA VAL C 545 23.26 37.08 -13.43
C VAL C 545 22.73 37.60 -14.75
N SER C 546 21.51 38.13 -14.79
CA SER C 546 20.88 38.52 -16.05
C SER C 546 21.00 40.01 -16.35
N ARG C 547 21.07 40.87 -15.34
CA ARG C 547 20.98 42.31 -15.55
C ARG C 547 22.14 43.09 -14.96
N PHE C 548 23.18 42.42 -14.45
CA PHE C 548 24.25 43.18 -13.80
C PHE C 548 25.31 43.66 -14.78
N SER C 549 25.64 42.85 -15.77
CA SER C 549 26.76 43.16 -16.65
C SER C 549 26.43 44.39 -17.50
N PRO C 550 27.20 45.47 -17.41
CA PRO C 550 26.95 46.65 -18.26
C PRO C 550 27.43 46.51 -19.69
N TYR C 551 27.86 45.31 -20.11
CA TYR C 551 28.34 45.08 -21.46
C TYR C 551 27.28 44.42 -22.35
N GLU C 552 26.04 44.35 -21.85
CA GLU C 552 24.93 43.74 -22.57
C GLU C 552 23.77 44.68 -22.77
N TRP C 553 23.68 45.76 -21.99
CA TRP C 553 22.61 46.74 -22.11
C TRP C 553 22.76 47.58 -23.38
N GLN C 568 18.48 50.02 -23.62
CA GLN C 568 17.65 48.82 -23.79
C GLN C 568 18.18 47.67 -22.95
N PRO C 569 17.29 47.02 -22.19
CA PRO C 569 17.69 45.88 -21.36
C PRO C 569 18.12 44.71 -22.22
N PRO C 570 19.13 43.96 -21.79
CA PRO C 570 19.59 42.82 -22.61
C PRO C 570 18.57 41.71 -22.70
N ASN C 571 17.61 41.67 -21.79
CA ASN C 571 16.55 40.67 -21.75
C ASN C 571 15.39 41.26 -20.96
N GLU C 572 14.43 40.42 -20.58
CA GLU C 572 13.27 40.85 -19.82
C GLU C 572 13.26 40.29 -18.41
N PHE C 573 14.44 39.90 -17.88
CA PHE C 573 14.52 39.22 -16.59
C PHE C 573 14.88 40.22 -15.48
N GLY C 574 13.92 41.10 -15.19
CA GLY C 574 14.04 41.98 -14.05
C GLY C 574 13.62 41.25 -12.78
N ILE C 575 13.71 41.97 -11.66
CA ILE C 575 13.44 41.33 -10.37
C ILE C 575 11.99 40.85 -10.31
N PHE C 576 11.06 41.71 -10.72
CA PHE C 576 9.64 41.31 -10.78
CA PHE C 576 9.66 41.28 -10.73
C PHE C 576 9.42 40.17 -11.75
N ASN C 577 10.14 40.16 -12.88
CA ASN C 577 10.01 39.08 -13.83
C ASN C 577 10.77 37.83 -13.41
N SER C 578 11.90 37.99 -12.71
CA SER C 578 12.60 36.83 -12.16
C SER C 578 11.73 36.09 -11.17
N LEU C 579 11.03 36.82 -10.30
CA LEU C 579 10.09 36.19 -9.37
C LEU C 579 8.98 35.47 -10.11
N TRP C 580 8.48 36.05 -11.20
CA TRP C 580 7.43 35.42 -11.98
C TRP C 580 7.90 34.13 -12.63
N PHE C 581 9.11 34.14 -13.20
CA PHE C 581 9.65 32.94 -13.82
C PHE C 581 9.82 31.82 -12.79
N SER C 582 10.37 32.16 -11.62
CA SER C 582 10.58 31.15 -10.59
C SER C 582 9.25 30.61 -10.06
N LEU C 583 8.25 31.48 -9.90
CA LEU C 583 6.96 31.04 -9.42
C LEU C 583 6.31 30.07 -10.40
N GLY C 584 6.36 30.38 -11.70
CA GLY C 584 5.78 29.50 -12.69
C GLY C 584 6.59 28.24 -12.94
N ALA C 585 7.89 28.28 -12.64
CA ALA C 585 8.71 27.08 -12.75
C ALA C 585 8.38 26.09 -11.65
N PHE C 586 8.19 26.58 -10.42
CA PHE C 586 7.84 25.69 -9.31
C PHE C 586 6.51 25.01 -9.56
N MET C 587 5.53 25.73 -10.10
CA MET C 587 4.22 25.15 -10.34
C MET C 587 4.14 24.40 -11.66
N GLN C 588 5.22 24.39 -12.44
CA GLN C 588 5.28 23.72 -13.73
C GLN C 588 4.19 24.24 -14.65
N GLN C 589 4.01 25.56 -14.61
CA GLN C 589 3.07 26.27 -15.46
C GLN C 589 3.89 27.36 -16.14
N GLY C 590 3.20 28.36 -16.69
CA GLY C 590 3.92 29.52 -17.19
C GLY C 590 4.47 29.38 -18.60
N CYS C 591 4.57 30.53 -19.27
CA CYS C 591 5.12 30.61 -20.62
C CYS C 591 6.13 31.75 -20.65
N ASP C 592 6.05 32.61 -21.65
CA ASP C 592 6.84 33.85 -21.70
C ASP C 592 8.33 33.49 -21.81
N ILE C 593 9.16 34.29 -21.17
CA ILE C 593 10.60 34.26 -21.38
C ILE C 593 11.27 33.17 -20.55
N SER C 594 12.33 32.62 -21.12
CA SER C 594 13.25 31.68 -20.50
C SER C 594 14.65 32.25 -20.64
N PRO C 595 15.56 31.93 -19.71
CA PRO C 595 16.90 32.53 -19.76
C PRO C 595 17.66 32.08 -20.99
N ARG C 596 18.22 33.05 -21.72
CA ARG C 596 19.01 32.77 -22.91
C ARG C 596 20.51 32.73 -22.67
N SER C 597 20.98 33.20 -21.51
CA SER C 597 22.41 33.24 -21.24
C SER C 597 22.85 31.98 -20.51
N LEU C 598 24.17 31.77 -20.48
CA LEU C 598 24.72 30.59 -19.81
C LEU C 598 24.38 30.59 -18.32
N SER C 599 24.83 31.63 -17.61
CA SER C 599 24.59 31.72 -16.17
C SER C 599 23.11 31.66 -15.84
N GLY C 600 22.28 32.34 -16.62
CA GLY C 600 20.84 32.30 -16.37
C GLY C 600 20.25 30.92 -16.60
N ARG C 601 20.73 30.21 -17.62
CA ARG C 601 20.25 28.85 -17.86
C ARG C 601 20.72 27.90 -16.77
N ILE C 602 21.85 28.18 -16.13
CA ILE C 602 22.29 27.36 -15.00
C ILE C 602 21.33 27.53 -13.83
N VAL C 603 20.87 28.76 -13.58
CA VAL C 603 19.89 29.01 -12.53
C VAL C 603 18.58 28.30 -12.86
N GLY C 604 18.10 28.45 -14.09
CA GLY C 604 16.90 27.75 -14.51
C GLY C 604 17.01 26.25 -14.36
N GLY C 605 18.14 25.68 -14.79
CA GLY C 605 18.29 24.24 -14.79
C GLY C 605 18.21 23.62 -13.41
N VAL C 606 18.94 24.21 -12.44
CA VAL C 606 18.91 23.67 -11.08
C VAL C 606 17.54 23.90 -10.44
N TRP C 607 16.93 25.05 -10.71
CA TRP C 607 15.58 25.31 -10.20
C TRP C 607 14.58 24.33 -10.78
N TRP C 608 14.70 24.01 -12.07
CA TRP C 608 13.83 23.01 -12.68
C TRP C 608 14.04 21.63 -12.06
N PHE C 609 15.30 21.26 -11.83
CA PHE C 609 15.58 19.98 -11.18
C PHE C 609 15.05 19.98 -9.74
N PHE C 610 15.24 21.08 -9.02
CA PHE C 610 14.71 21.18 -7.66
C PHE C 610 13.20 21.04 -7.66
N THR C 611 12.52 21.75 -8.57
CA THR C 611 11.08 21.64 -8.68
C THR C 611 10.64 20.20 -8.95
N LEU C 612 11.34 19.52 -9.85
CA LEU C 612 10.91 18.18 -10.26
C LEU C 612 10.93 17.20 -9.09
N ILE C 613 11.95 17.30 -8.23
CA ILE C 613 12.04 16.42 -7.07
C ILE C 613 10.95 16.77 -6.05
N ILE C 614 10.79 18.06 -5.74
CA ILE C 614 9.85 18.46 -4.70
C ILE C 614 8.42 18.13 -5.10
N ILE C 615 8.04 18.41 -6.34
CA ILE C 615 6.67 18.18 -6.76
C ILE C 615 6.37 16.69 -6.81
N SER C 616 7.33 15.88 -7.28
CA SER C 616 7.15 14.43 -7.26
C SER C 616 7.09 13.90 -5.84
N SER C 617 7.92 14.45 -4.95
CA SER C 617 7.91 14.00 -3.56
C SER C 617 6.59 14.30 -2.87
N TYR C 618 6.04 15.49 -3.12
CA TYR C 618 4.73 15.84 -2.56
C TYR C 618 3.66 14.84 -3.02
N THR C 619 3.60 14.59 -4.33
CA THR C 619 2.61 13.65 -4.85
C THR C 619 2.85 12.24 -4.33
N ALA C 620 4.12 11.84 -4.24
CA ALA C 620 4.43 10.48 -3.79
C ALA C 620 4.19 10.30 -2.29
N ASN C 621 4.37 11.36 -1.50
CA ASN C 621 4.13 11.26 -0.07
C ASN C 621 2.67 11.48 0.29
N LEU C 622 1.91 12.16 -0.57
CA LEU C 622 0.47 12.24 -0.38
C LEU C 622 -0.19 10.91 -0.69
N ALA C 623 0.24 10.24 -1.76
CA ALA C 623 -0.24 8.90 -2.07
C ALA C 623 0.06 7.94 -0.93
N ALA C 624 1.28 8.00 -0.38
CA ALA C 624 1.63 7.16 0.76
C ALA C 624 0.70 7.40 1.94
N PHE C 625 0.36 8.67 2.20
CA PHE C 625 -0.55 8.98 3.30
C PHE C 625 -1.93 8.40 3.04
N LEU C 626 -2.49 8.68 1.85
CA LEU C 626 -3.84 8.21 1.53
C LEU C 626 -3.92 6.68 1.47
N THR C 627 -2.82 6.02 1.11
CA THR C 627 -2.85 4.56 0.98
C THR C 627 -2.74 3.88 2.34
N VAL C 628 -1.91 4.42 3.24
CA VAL C 628 -1.74 3.79 4.54
C VAL C 628 -2.92 4.09 5.46
N GLU C 629 -3.54 5.25 5.31
CA GLU C 629 -4.79 5.52 6.01
C GLU C 629 -5.93 4.67 5.47
N ARG C 630 -5.76 4.11 4.27
CA ARG C 630 -6.75 3.25 3.66
C ARG C 630 -6.53 1.78 3.99
N MET C 631 -5.34 1.43 4.48
CA MET C 631 -5.03 0.05 4.86
C MET C 631 -5.35 -0.24 6.32
N VAL C 632 -5.53 0.79 7.14
CA VAL C 632 -5.81 0.58 8.56
C VAL C 632 -7.03 -0.32 8.73
N SER C 633 -6.91 -1.28 9.65
CA SER C 633 -7.99 -2.21 9.96
C SER C 633 -8.31 -2.11 11.45
N PRO C 634 -9.56 -1.77 11.81
CA PRO C 634 -9.92 -1.75 13.24
C PRO C 634 -9.82 -3.14 13.86
N ILE C 635 -9.38 -3.17 15.11
CA ILE C 635 -9.30 -4.43 15.84
C ILE C 635 -10.70 -4.93 16.13
N GLU C 636 -10.99 -6.18 15.74
CA GLU C 636 -12.31 -6.76 15.95
C GLU C 636 -12.23 -8.19 16.48
N SER C 637 -11.16 -8.52 17.21
CA SER C 637 -11.04 -9.85 17.78
C SER C 637 -10.07 -9.81 18.95
N ALA C 638 -10.15 -10.86 19.78
CA ALA C 638 -9.13 -11.07 20.81
C ALA C 638 -7.78 -11.41 20.19
N GLU C 639 -7.79 -12.21 19.11
CA GLU C 639 -6.55 -12.62 18.47
C GLU C 639 -5.72 -11.43 18.02
N ASP C 640 -6.38 -10.39 17.49
CA ASP C 640 -5.67 -9.19 17.06
C ASP C 640 -4.93 -8.55 18.23
N LEU C 641 -5.56 -8.46 19.40
CA LEU C 641 -4.89 -7.89 20.56
C LEU C 641 -3.70 -8.74 20.98
N ALA C 642 -3.83 -10.06 20.92
CA ALA C 642 -2.74 -10.94 21.34
C ALA C 642 -1.51 -10.74 20.46
N LYS C 643 -1.70 -10.64 19.15
CA LYS C 643 -0.58 -10.38 18.24
C LYS C 643 0.04 -9.01 18.52
N GLN C 644 -0.79 -7.99 18.72
CA GLN C 644 -0.28 -6.65 18.95
C GLN C 644 0.39 -6.55 20.32
N THR C 645 1.41 -5.70 20.39
CA THR C 645 2.09 -5.41 21.64
C THR C 645 2.05 -3.95 22.04
N GLU C 646 1.36 -3.09 21.26
CA GLU C 646 1.27 -1.67 21.60
C GLU C 646 0.22 -1.44 22.69
N ILE C 647 -1.02 -1.82 22.42
CA ILE C 647 -2.10 -1.66 23.39
C ILE C 647 -2.00 -2.77 24.42
N ALA C 648 -2.33 -2.46 25.67
CA ALA C 648 -2.23 -3.41 26.77
C ALA C 648 -3.62 -3.80 27.22
N TYR C 649 -4.05 -5.00 26.86
CA TYR C 649 -5.32 -5.53 27.35
C TYR C 649 -5.27 -5.73 28.86
N GLY C 650 -6.43 -5.58 29.51
CA GLY C 650 -6.49 -5.84 30.93
C GLY C 650 -7.84 -6.24 31.47
N THR C 651 -7.83 -7.18 32.42
CA THR C 651 -9.01 -7.69 33.09
C THR C 651 -9.12 -7.11 34.50
N LEU C 652 -9.69 -7.88 35.41
CA LEU C 652 -9.76 -7.55 36.83
C LEU C 652 -9.08 -8.65 37.63
N ASP C 653 -8.98 -8.45 38.95
CA ASP C 653 -8.35 -9.45 39.80
C ASP C 653 -9.37 -10.46 40.32
N SER C 654 -10.41 -9.98 41.01
CA SER C 654 -11.38 -10.84 41.67
C SER C 654 -12.58 -11.03 40.77
N GLY C 655 -12.72 -12.22 40.19
CA GLY C 655 -13.91 -12.56 39.45
C GLY C 655 -13.61 -13.56 38.35
N SER C 656 -14.65 -13.79 37.54
CA SER C 656 -14.58 -14.79 36.47
C SER C 656 -13.53 -14.42 35.43
N THR C 657 -13.60 -13.19 34.91
CA THR C 657 -12.76 -12.75 33.79
C THR C 657 -11.27 -13.05 34.00
N LYS C 658 -10.82 -13.25 35.23
CA LYS C 658 -9.43 -13.67 35.43
C LYS C 658 -9.30 -15.19 35.45
N GLU C 659 -10.26 -15.87 36.07
CA GLU C 659 -10.27 -17.34 36.04
C GLU C 659 -10.40 -17.88 34.63
N PHE C 660 -11.16 -17.19 33.78
CA PHE C 660 -11.39 -17.65 32.41
C PHE C 660 -10.08 -17.80 31.64
N PHE C 661 -9.22 -16.79 31.74
CA PHE C 661 -7.94 -16.86 31.03
C PHE C 661 -6.99 -17.84 31.70
N ARG C 662 -7.02 -17.90 33.03
CA ARG C 662 -6.12 -18.81 33.74
C ARG C 662 -6.39 -20.26 33.37
N ARG C 663 -7.66 -20.65 33.30
CA ARG C 663 -8.03 -22.02 32.98
C ARG C 663 -8.23 -22.26 31.48
N SER C 664 -8.11 -21.22 30.66
CA SER C 664 -8.33 -21.37 29.23
C SER C 664 -7.30 -22.30 28.61
N LYS C 665 -7.77 -23.26 27.81
CA LYS C 665 -6.91 -24.14 27.05
C LYS C 665 -6.74 -23.71 25.60
N ILE C 666 -7.33 -22.58 25.21
CA ILE C 666 -7.24 -22.09 23.83
C ILE C 666 -5.94 -21.33 23.67
N ALA C 667 -5.22 -21.62 22.58
CA ALA C 667 -3.93 -20.98 22.35
C ALA C 667 -4.09 -19.47 22.18
N VAL C 668 -5.14 -19.03 21.48
CA VAL C 668 -5.36 -17.60 21.28
C VAL C 668 -5.57 -16.89 22.63
N TYR C 669 -6.08 -17.60 23.62
CA TYR C 669 -6.32 -17.04 24.94
C TYR C 669 -5.22 -17.36 25.94
N GLU C 670 -4.53 -18.49 25.77
CA GLU C 670 -3.51 -18.88 26.72
C GLU C 670 -2.35 -17.89 26.72
N LYS C 671 -1.96 -17.41 25.54
CA LYS C 671 -0.85 -16.47 25.43
C LYS C 671 -1.15 -15.17 26.18
N MET C 672 -2.39 -14.68 26.05
CA MET C 672 -2.77 -13.46 26.76
C MET C 672 -2.67 -13.64 28.27
N TRP C 673 -3.11 -14.79 28.77
CA TRP C 673 -3.04 -15.04 30.21
C TRP C 673 -1.61 -15.03 30.70
N THR C 674 -0.72 -15.73 29.97
CA THR C 674 0.70 -15.72 30.29
C THR C 674 1.22 -14.30 30.46
N TYR C 675 1.02 -13.48 29.42
CA TYR C 675 1.50 -12.09 29.44
C TYR C 675 1.02 -11.36 30.68
N MET C 676 -0.29 -11.31 30.90
CA MET C 676 -0.86 -10.53 32.01
C MET C 676 -0.35 -10.99 33.36
N ARG C 677 0.10 -12.25 33.48
CA ARG C 677 0.51 -12.76 34.78
C ARG C 677 1.84 -12.16 35.23
N SER C 678 2.75 -11.93 34.28
CA SER C 678 4.09 -11.44 34.59
C SER C 678 4.35 -10.04 34.05
N ALA C 679 3.41 -9.45 33.33
CA ALA C 679 3.60 -8.11 32.78
C ALA C 679 3.68 -7.09 33.89
N GLU C 680 4.50 -6.06 33.68
CA GLU C 680 4.60 -4.95 34.60
C GLU C 680 4.51 -3.63 33.84
N PRO C 681 3.81 -2.62 34.37
CA PRO C 681 3.10 -2.66 35.66
C PRO C 681 1.83 -3.51 35.62
N SER C 682 1.38 -3.96 36.79
CA SER C 682 0.26 -4.91 36.89
C SER C 682 -0.99 -4.37 36.20
N VAL C 683 -1.38 -5.00 35.10
CA VAL C 683 -2.62 -4.62 34.41
C VAL C 683 -3.84 -4.94 35.26
N PHE C 684 -3.75 -5.95 36.13
CA PHE C 684 -4.85 -6.32 36.99
C PHE C 684 -5.31 -5.16 37.87
N THR C 685 -6.47 -4.61 37.57
CA THR C 685 -7.06 -3.54 38.36
C THR C 685 -7.89 -4.15 39.50
N ARG C 686 -8.62 -3.31 40.22
CA ARG C 686 -9.36 -3.76 41.40
C ARG C 686 -10.84 -3.43 41.31
N THR C 687 -11.19 -2.19 40.99
CA THR C 687 -12.57 -1.75 40.87
C THR C 687 -12.90 -1.54 39.40
N THR C 688 -14.11 -1.93 39.01
CA THR C 688 -14.56 -1.69 37.64
C THR C 688 -14.50 -0.21 37.28
N ALA C 689 -14.81 0.67 38.24
CA ALA C 689 -14.75 2.10 37.98
C ALA C 689 -13.33 2.55 37.65
N GLU C 690 -12.34 2.00 38.35
CA GLU C 690 -10.94 2.32 38.03
C GLU C 690 -10.59 1.89 36.61
N GLY C 691 -10.94 0.67 36.24
CA GLY C 691 -10.62 0.13 34.93
C GLY C 691 -11.18 0.97 33.82
N VAL C 692 -12.50 1.22 33.85
CA VAL C 692 -13.15 1.99 32.80
C VAL C 692 -12.55 3.38 32.67
N ALA C 693 -11.91 3.88 33.73
CA ALA C 693 -11.27 5.19 33.66
C ALA C 693 -9.92 5.10 32.98
N ARG C 694 -9.13 4.07 33.30
CA ARG C 694 -7.81 3.89 32.72
C ARG C 694 -7.88 3.96 31.19
N VAL C 695 -8.83 3.23 30.60
CA VAL C 695 -8.96 3.18 29.15
C VAL C 695 -9.17 4.58 28.58
N ARG C 696 -10.05 5.36 29.22
CA ARG C 696 -10.28 6.73 28.79
C ARG C 696 -9.05 7.60 29.05
N LYS C 697 -8.43 7.44 30.22
CA LYS C 697 -7.23 8.20 30.57
C LYS C 697 -5.98 7.50 30.06
N SER C 698 -5.97 7.17 28.77
CA SER C 698 -4.77 6.61 28.14
C SER C 698 -4.70 6.90 26.65
N LYS C 699 -5.64 7.65 26.08
CA LYS C 699 -5.67 8.02 24.67
C LYS C 699 -5.57 6.77 23.77
N GLY C 700 -6.56 5.91 23.92
CA GLY C 700 -6.70 4.74 23.06
C GLY C 700 -5.54 3.77 23.13
N LYS C 701 -4.97 3.55 24.31
CA LYS C 701 -3.84 2.65 24.47
C LYS C 701 -4.09 1.52 25.46
N PHE C 702 -5.27 1.47 26.09
CA PHE C 702 -5.65 0.37 26.96
C PHE C 702 -6.91 -0.30 26.44
N ALA C 703 -7.02 -1.59 26.71
CA ALA C 703 -8.20 -2.38 26.35
C ALA C 703 -8.70 -3.13 27.58
N PHE C 704 -9.95 -2.92 27.94
CA PHE C 704 -10.54 -3.52 29.12
C PHE C 704 -11.37 -4.73 28.73
N LEU C 705 -11.24 -5.81 29.49
CA LEU C 705 -11.97 -7.05 29.25
C LEU C 705 -13.03 -7.23 30.33
N LEU C 706 -14.27 -6.89 30.01
CA LEU C 706 -15.38 -6.96 30.95
C LEU C 706 -16.58 -7.62 30.28
N GLU C 707 -17.70 -7.66 31.02
CA GLU C 707 -18.90 -8.29 30.52
C GLU C 707 -19.51 -7.48 29.39
N SER C 708 -20.16 -8.17 28.45
CA SER C 708 -20.77 -7.49 27.32
C SER C 708 -21.96 -6.63 27.75
N THR C 709 -22.59 -6.95 28.88
CA THR C 709 -23.70 -6.13 29.35
C THR C 709 -23.21 -4.81 29.93
N MET C 710 -22.20 -4.88 30.81
CA MET C 710 -21.64 -3.65 31.37
C MET C 710 -21.01 -2.79 30.29
N ASN C 711 -20.33 -3.42 29.33
CA ASN C 711 -19.69 -2.67 28.25
C ASN C 711 -20.71 -1.87 27.46
N GLU C 712 -21.87 -2.47 27.17
CA GLU C 712 -22.89 -1.80 26.37
C GLU C 712 -23.59 -0.71 27.15
N TYR C 713 -23.43 -0.68 28.47
CA TYR C 713 -23.97 0.41 29.28
C TYR C 713 -23.02 1.60 29.26
N ILE C 714 -21.80 1.41 29.75
CA ILE C 714 -20.73 2.42 29.71
C ILE C 714 -20.71 3.13 28.38
N GLU C 715 -20.71 2.37 27.28
CA GLU C 715 -20.64 2.94 25.94
C GLU C 715 -21.76 3.95 25.70
N GLN C 716 -22.91 3.77 26.36
CA GLN C 716 -24.06 4.63 26.15
C GLN C 716 -24.16 5.72 27.22
N ARG C 717 -23.07 5.96 27.94
CA ARG C 717 -23.01 6.99 28.97
C ARG C 717 -21.88 7.96 28.65
N LYS C 718 -22.03 9.20 29.09
CA LYS C 718 -21.04 10.23 28.81
C LYS C 718 -19.74 9.93 29.56
N PRO C 719 -18.60 10.47 29.10
CA PRO C 719 -18.39 11.38 27.96
C PRO C 719 -18.43 10.72 26.58
N CYS C 720 -18.87 9.46 26.52
CA CYS C 720 -19.09 8.76 25.25
C CYS C 720 -17.77 8.47 24.53
N ASP C 721 -16.72 8.19 25.29
CA ASP C 721 -15.41 7.91 24.73
C ASP C 721 -15.06 6.42 24.77
N THR C 722 -16.05 5.56 24.96
CA THR C 722 -15.86 4.10 24.91
C THR C 722 -16.81 3.48 23.89
N MET C 723 -16.44 2.30 23.42
CA MET C 723 -17.26 1.58 22.46
C MET C 723 -17.00 0.09 22.58
N LYS C 724 -17.90 -0.70 22.00
CA LYS C 724 -17.78 -2.16 21.99
C LYS C 724 -17.19 -2.62 20.66
N VAL C 725 -16.18 -3.48 20.72
CA VAL C 725 -15.52 -4.00 19.53
C VAL C 725 -15.44 -5.52 19.64
N GLY C 726 -15.31 -6.15 18.48
CA GLY C 726 -15.15 -7.60 18.43
C GLY C 726 -16.42 -8.32 18.87
N GLY C 727 -16.22 -9.53 19.42
CA GLY C 727 -17.33 -10.33 19.88
C GLY C 727 -17.01 -10.98 21.21
N ASN C 728 -18.06 -11.52 21.84
CA ASN C 728 -17.93 -12.16 23.14
C ASN C 728 -16.96 -13.33 23.07
N LEU C 729 -16.03 -13.39 24.03
CA LEU C 729 -15.08 -14.48 24.09
C LEU C 729 -15.69 -15.75 24.70
N ASP C 730 -16.79 -15.63 25.43
CA ASP C 730 -17.47 -16.78 26.02
C ASP C 730 -18.97 -16.52 26.01
N SER C 731 -19.72 -17.48 26.56
CA SER C 731 -21.18 -17.41 26.58
C SER C 731 -21.67 -17.76 27.98
N LYS C 732 -22.12 -16.74 28.71
CA LYS C 732 -22.71 -16.91 30.04
C LYS C 732 -24.13 -16.35 30.03
N GLY C 733 -24.75 -16.33 31.20
CA GLY C 733 -26.12 -15.83 31.30
C GLY C 733 -26.47 -15.46 32.71
N TYR C 734 -27.44 -14.56 32.84
CA TYR C 734 -27.99 -14.15 34.13
C TYR C 734 -29.34 -14.83 34.33
N GLY C 735 -29.48 -15.54 35.44
CA GLY C 735 -30.70 -16.26 35.72
C GLY C 735 -31.22 -15.96 37.12
N VAL C 736 -32.54 -15.76 37.21
CA VAL C 736 -33.18 -15.60 38.50
C VAL C 736 -32.95 -16.86 39.33
N ALA C 737 -32.72 -16.68 40.62
CA ALA C 737 -32.42 -17.80 41.51
C ALA C 737 -33.42 -17.86 42.65
N THR C 738 -33.59 -19.07 43.18
CA THR C 738 -34.52 -19.39 44.26
C THR C 738 -33.88 -20.45 45.13
N PRO C 739 -34.24 -20.52 46.41
CA PRO C 739 -33.72 -21.58 47.28
C PRO C 739 -34.03 -22.97 46.73
N LYS C 740 -33.42 -23.97 47.35
CA LYS C 740 -33.70 -25.36 47.00
C LYS C 740 -34.91 -25.87 47.79
N GLY C 741 -35.73 -26.69 47.12
CA GLY C 741 -36.93 -27.20 47.72
C GLY C 741 -38.11 -26.24 47.72
N SER C 742 -37.96 -25.09 47.08
CA SER C 742 -39.02 -24.10 47.03
C SER C 742 -40.16 -24.56 46.14
N SER C 743 -41.18 -23.71 46.03
CA SER C 743 -42.32 -23.95 45.16
C SER C 743 -42.43 -22.96 44.02
N LEU C 744 -41.66 -21.86 44.07
CA LEU C 744 -41.68 -20.84 43.03
C LEU C 744 -40.84 -21.21 41.82
N ARG C 745 -39.98 -22.23 41.94
CA ARG C 745 -39.08 -22.60 40.85
C ARG C 745 -39.80 -22.70 39.51
N THR C 746 -40.91 -23.44 39.46
CA THR C 746 -41.59 -23.62 38.19
C THR C 746 -42.34 -22.37 37.75
N PRO C 747 -43.14 -21.70 38.60
CA PRO C 747 -43.77 -20.45 38.14
C PRO C 747 -42.77 -19.39 37.71
N VAL C 748 -41.64 -19.28 38.41
CA VAL C 748 -40.64 -18.29 38.03
C VAL C 748 -39.96 -18.67 36.73
N ASN C 749 -39.63 -19.95 36.56
CA ASN C 749 -38.97 -20.39 35.33
C ASN C 749 -39.86 -20.13 34.11
N LEU C 750 -41.15 -20.42 34.23
CA LEU C 750 -42.07 -20.13 33.14
C LEU C 750 -42.25 -18.62 32.96
N ALA C 751 -42.21 -17.87 34.06
CA ALA C 751 -42.37 -16.41 33.97
C ALA C 751 -41.25 -15.77 33.16
N VAL C 752 -40.04 -16.32 33.22
CA VAL C 752 -38.94 -15.77 32.45
C VAL C 752 -39.02 -16.17 30.98
N LEU C 753 -39.68 -17.29 30.67
CA LEU C 753 -39.87 -17.67 29.27
C LEU C 753 -41.08 -16.98 28.64
N LYS C 754 -42.02 -16.50 29.44
CA LYS C 754 -43.13 -15.75 28.89
C LYS C 754 -42.71 -14.32 28.57
N LEU C 755 -41.84 -13.74 29.40
CA LEU C 755 -41.41 -12.37 29.21
C LEU C 755 -40.42 -12.24 28.07
N SER C 756 -39.97 -13.36 27.50
CA SER C 756 -39.02 -13.37 26.39
C SER C 756 -39.72 -13.52 25.04
N GLU C 757 -40.61 -14.50 24.91
CA GLU C 757 -41.38 -14.67 23.69
C GLU C 757 -42.13 -13.37 23.34
N ALA C 758 -42.83 -12.80 24.32
CA ALA C 758 -43.55 -11.54 24.11
C ALA C 758 -42.62 -10.38 23.80
N GLY C 759 -41.31 -10.55 23.94
CA GLY C 759 -40.38 -9.47 23.71
C GLY C 759 -40.28 -8.47 24.83
N VAL C 760 -40.70 -8.82 26.05
CA VAL C 760 -40.63 -7.89 27.17
C VAL C 760 -39.23 -7.83 27.77
N LEU C 761 -38.39 -8.84 27.51
CA LEU C 761 -37.02 -8.79 28.01
C LEU C 761 -36.12 -7.99 27.08
N ASP C 762 -36.48 -7.91 25.79
CA ASP C 762 -35.71 -7.05 24.88
C ASP C 762 -36.18 -5.61 24.95
N LYS C 763 -37.46 -5.39 25.26
CA LYS C 763 -37.96 -4.03 25.46
C LYS C 763 -37.29 -3.40 26.69
N LEU C 764 -37.13 -4.17 27.76
CA LEU C 764 -36.48 -3.65 28.96
C LEU C 764 -34.99 -3.47 28.76
N LYS C 765 -34.37 -4.30 27.91
CA LYS C 765 -32.95 -4.16 27.63
C LYS C 765 -32.69 -2.90 26.81
N ASN C 766 -33.51 -2.65 25.78
CA ASN C 766 -33.41 -1.40 25.05
C ASN C 766 -33.78 -0.20 25.90
N LYS C 767 -34.74 -0.37 26.82
CA LYS C 767 -35.20 0.74 27.64
C LYS C 767 -34.08 1.32 28.49
N TRP C 768 -33.27 0.47 29.11
CA TRP C 768 -32.25 0.94 30.03
C TRP C 768 -30.87 1.07 29.40
N TRP C 769 -30.51 0.20 28.46
CA TRP C 769 -29.17 0.29 27.89
C TRP C 769 -29.10 1.22 26.69
N TYR C 770 -30.23 1.72 26.22
CA TYR C 770 -30.25 2.59 25.04
C TYR C 770 -31.21 3.76 25.24
N ASP C 771 -32.52 3.46 25.25
CA ASP C 771 -33.58 4.46 25.36
C ASP C 771 -33.30 5.50 26.44
N LYS C 772 -32.78 5.06 27.58
CA LYS C 772 -32.39 5.96 28.66
C LYS C 772 -30.89 6.23 28.66
N GLY C 773 -30.28 6.22 27.48
CA GLY C 773 -28.87 6.53 27.34
C GLY C 773 -28.62 8.02 27.19
N GLU C 774 -27.34 8.35 27.03
CA GLU C 774 -26.90 9.73 26.90
C GLU C 774 -26.09 9.98 25.64
N CYS C 775 -25.51 8.95 25.03
CA CYS C 775 -24.68 9.09 23.84
C CYS C 775 -25.51 9.04 22.56
N GLY C 776 -26.54 9.88 22.49
CA GLY C 776 -27.40 9.93 21.33
C GLY C 776 -28.87 9.77 21.66
N SER C 787 -13.97 6.93 1.14
CA SER C 787 -12.88 6.57 0.23
C SER C 787 -12.37 7.78 -0.53
N ALA C 788 -13.30 8.55 -1.11
CA ALA C 788 -12.94 9.72 -1.88
C ALA C 788 -12.52 10.86 -0.96
N LEU C 789 -11.85 11.85 -1.56
CA LEU C 789 -11.41 13.02 -0.81
C LEU C 789 -12.57 13.97 -0.64
N SER C 790 -12.78 14.45 0.59
CA SER C 790 -13.86 15.38 0.88
C SER C 790 -13.38 16.81 0.69
N LEU C 791 -14.34 17.73 0.68
CA LEU C 791 -14.01 19.15 0.56
C LEU C 791 -13.30 19.67 1.81
N SER C 792 -13.48 19.00 2.95
CA SER C 792 -12.75 19.38 4.16
C SER C 792 -11.26 19.12 4.02
N ASN C 793 -10.88 18.16 3.16
CA ASN C 793 -9.48 17.84 2.97
C ASN C 793 -8.75 18.85 2.09
N VAL C 794 -9.48 19.64 1.31
CA VAL C 794 -8.88 20.62 0.42
C VAL C 794 -9.52 21.98 0.64
N ALA C 795 -10.17 22.15 1.80
CA ALA C 795 -10.84 23.40 2.10
C ALA C 795 -9.87 24.57 2.12
N GLY C 796 -8.67 24.35 2.66
CA GLY C 796 -7.74 25.46 2.83
C GLY C 796 -7.26 26.06 1.52
N VAL C 797 -6.96 25.21 0.54
CA VAL C 797 -6.51 25.74 -0.75
C VAL C 797 -7.63 26.52 -1.43
N PHE C 798 -8.89 26.20 -1.12
CA PHE C 798 -10.00 27.00 -1.63
C PHE C 798 -10.06 28.37 -0.96
N TYR C 799 -9.67 28.44 0.32
CA TYR C 799 -9.67 29.73 1.00
C TYR C 799 -8.53 30.62 0.52
N ILE C 800 -7.38 30.01 0.21
CA ILE C 800 -6.25 30.77 -0.31
C ILE C 800 -6.58 31.33 -1.69
N LEU C 801 -7.16 30.48 -2.56
CA LEU C 801 -7.52 30.92 -3.90
C LEU C 801 -8.46 32.13 -3.86
N VAL C 802 -9.55 32.03 -3.10
CA VAL C 802 -10.49 33.14 -3.02
C VAL C 802 -9.85 34.33 -2.33
N GLY C 803 -9.02 34.08 -1.32
CA GLY C 803 -8.26 35.16 -0.71
C GLY C 803 -7.33 35.85 -1.69
N GLY C 804 -6.65 35.06 -2.53
CA GLY C 804 -5.80 35.65 -3.56
C GLY C 804 -6.59 36.43 -4.59
N LEU C 805 -7.78 35.94 -4.95
CA LEU C 805 -8.65 36.68 -5.86
C LEU C 805 -9.08 38.01 -5.25
N GLY C 806 -9.47 37.99 -3.98
CA GLY C 806 -9.81 39.24 -3.30
C GLY C 806 -8.63 40.19 -3.21
N LEU C 807 -7.45 39.65 -2.90
CA LEU C 807 -6.25 40.49 -2.82
C LEU C 807 -5.91 41.10 -4.18
N ALA C 808 -6.02 40.30 -5.25
CA ALA C 808 -5.77 40.83 -6.59
C ALA C 808 -6.74 41.94 -6.94
N MET C 809 -8.01 41.78 -6.59
CA MET C 809 -8.98 42.85 -6.80
C MET C 809 -8.61 44.09 -6.00
N LEU C 810 -8.21 43.91 -4.74
CA LEU C 810 -7.77 45.04 -3.94
C LEU C 810 -6.60 45.76 -4.57
N VAL C 811 -5.62 45.00 -5.08
CA VAL C 811 -4.43 45.58 -5.68
C VAL C 811 -4.81 46.40 -6.91
N ALA C 812 -5.63 45.84 -7.79
CA ALA C 812 -5.98 46.50 -9.04
C ALA C 812 -6.75 47.80 -8.79
N LEU C 813 -7.61 47.82 -7.77
CA LEU C 813 -8.37 49.04 -7.48
C LEU C 813 -7.48 50.13 -6.91
N ILE C 814 -6.61 49.80 -5.96
CA ILE C 814 -5.72 50.79 -5.36
C ILE C 814 -4.94 51.52 -6.44
N GLU C 815 -4.36 50.77 -7.38
CA GLU C 815 -3.66 51.39 -8.50
C GLU C 815 -4.60 52.32 -9.28
N PHE C 816 -5.76 51.82 -9.67
CA PHE C 816 -6.78 52.62 -10.35
C PHE C 816 -7.10 53.91 -9.60
N CYS C 817 -7.35 53.79 -8.30
CA CYS C 817 -7.67 54.97 -7.44
C CYS C 817 -6.49 55.95 -7.47
N TYR C 818 -5.28 55.47 -7.21
CA TYR C 818 -4.09 56.33 -7.19
C TYR C 818 -3.95 57.11 -8.51
N LYS C 819 -3.99 56.40 -9.62
CA LYS C 819 -3.86 57.05 -10.93
C LYS C 819 -5.02 58.02 -11.17
N SER C 820 -6.23 57.63 -10.78
CA SER C 820 -7.40 58.49 -11.02
C SER C 820 -7.26 59.80 -10.26
N ARG C 821 -6.86 59.74 -8.99
CA ARG C 821 -6.66 60.93 -8.19
C ARG C 821 -5.66 61.88 -8.85
N ALA C 822 -4.51 61.34 -9.30
CA ALA C 822 -3.47 62.15 -9.91
C ALA C 822 -4.03 63.03 -11.03
N GLU C 823 -4.85 62.46 -11.90
CA GLU C 823 -5.51 63.23 -12.94
C GLU C 823 -6.71 64.00 -12.37
N GLY D 7 41.20 25.26 -39.77
CA GLY D 7 42.57 24.87 -39.44
C GLY D 7 42.76 24.55 -37.98
N VAL D 8 42.10 25.32 -37.11
CA VAL D 8 42.17 25.08 -35.67
C VAL D 8 40.96 24.29 -35.16
N GLN D 9 39.82 24.35 -35.85
CA GLN D 9 38.66 23.57 -35.44
C GLN D 9 38.71 22.15 -35.96
N MET D 10 39.51 21.88 -37.00
CA MET D 10 39.68 20.53 -37.48
C MET D 10 40.61 19.72 -36.59
N LEU D 11 41.55 20.39 -35.89
CA LEU D 11 42.45 19.68 -35.00
C LEU D 11 41.68 19.03 -33.84
N LEU D 12 40.74 19.77 -33.25
CA LEU D 12 39.92 19.18 -32.20
C LEU D 12 39.09 18.02 -32.73
N THR D 13 38.58 18.15 -33.96
CA THR D 13 37.84 17.07 -34.58
C THR D 13 38.72 15.84 -34.80
N ILE D 14 39.91 16.05 -35.34
CA ILE D 14 40.84 14.93 -35.59
C ILE D 14 41.27 14.30 -34.26
N VAL D 15 41.63 15.14 -33.29
CA VAL D 15 42.06 14.63 -31.99
C VAL D 15 40.92 13.91 -31.29
N GLY D 16 39.72 14.50 -31.32
CA GLY D 16 38.58 13.87 -30.69
C GLY D 16 38.21 12.54 -31.33
N ALA D 17 38.26 12.48 -32.67
CA ALA D 17 37.92 11.24 -33.36
C ALA D 17 38.88 10.12 -32.99
N PHE D 18 40.18 10.44 -32.93
CA PHE D 18 41.16 9.44 -32.51
C PHE D 18 40.92 9.00 -31.08
N ALA D 19 40.69 9.96 -30.17
CA ALA D 19 40.42 9.64 -28.78
C ALA D 19 39.21 8.73 -28.64
N ALA D 20 38.12 9.05 -29.36
CA ALA D 20 36.91 8.25 -29.25
C ALA D 20 37.11 6.85 -29.81
N PHE D 21 37.77 6.74 -30.96
CA PHE D 21 38.05 5.43 -31.54
C PHE D 21 38.97 4.63 -30.64
N SER D 22 40.00 5.27 -30.08
CA SER D 22 40.92 4.58 -29.18
C SER D 22 40.20 4.07 -27.94
N LEU D 23 39.38 4.92 -27.32
CA LEU D 23 38.69 4.53 -26.10
C LEU D 23 37.72 3.39 -26.35
N MET D 24 37.05 3.39 -27.50
CA MET D 24 36.09 2.34 -27.81
C MET D 24 36.76 1.04 -28.25
N THR D 25 37.98 1.11 -28.77
CA THR D 25 38.71 -0.12 -29.09
C THR D 25 39.33 -0.74 -27.85
N ILE D 26 39.70 0.07 -26.86
CA ILE D 26 40.27 -0.48 -25.64
C ILE D 26 39.16 -0.99 -24.72
N ALA D 27 37.99 -0.38 -24.76
CA ALA D 27 36.84 -0.90 -24.01
C ALA D 27 36.41 -2.27 -24.53
N VAL D 28 36.25 -2.38 -25.84
CA VAL D 28 35.85 -3.65 -26.44
C VAL D 28 36.91 -4.72 -26.21
N GLY D 29 38.19 -4.32 -26.23
CA GLY D 29 39.26 -5.30 -26.14
C GLY D 29 39.62 -5.73 -24.74
N THR D 30 39.48 -4.84 -23.75
CA THR D 30 39.84 -5.18 -22.38
C THR D 30 38.66 -5.84 -21.66
N ASP D 31 38.97 -6.43 -20.50
CA ASP D 31 37.97 -7.15 -19.73
C ASP D 31 37.77 -6.54 -18.35
N TYR D 32 37.54 -5.23 -18.31
CA TYR D 32 37.27 -4.55 -17.04
C TYR D 32 35.94 -3.81 -17.12
N TRP D 33 34.90 -4.51 -17.57
CA TRP D 33 33.56 -3.94 -17.68
C TRP D 33 32.74 -4.10 -16.41
N LEU D 34 32.95 -5.19 -15.67
CA LEU D 34 32.18 -5.46 -14.47
C LEU D 34 33.05 -6.16 -13.45
N TYR D 35 32.84 -5.85 -12.17
CA TYR D 35 33.45 -6.55 -11.05
C TYR D 35 32.36 -7.36 -10.36
N SER D 36 32.26 -8.64 -10.72
CA SER D 36 31.32 -9.57 -10.12
C SER D 36 32.06 -10.54 -9.22
N ARG D 37 31.31 -11.49 -8.64
CA ARG D 37 31.86 -12.53 -7.78
C ARG D 37 31.37 -13.88 -8.30
N GLY D 38 32.06 -14.42 -9.30
CA GLY D 38 31.68 -15.68 -9.90
C GLY D 38 32.86 -16.64 -9.98
N VAL D 39 32.86 -17.44 -11.04
CA VAL D 39 33.89 -18.45 -11.26
C VAL D 39 34.63 -18.12 -12.56
N CYS D 40 35.89 -18.56 -12.62
CA CYS D 40 36.72 -18.33 -13.80
C CYS D 40 37.39 -19.60 -14.31
N LYS D 41 37.15 -20.75 -13.68
CA LYS D 41 37.69 -22.02 -14.13
C LYS D 41 36.56 -22.96 -14.51
N THR D 42 36.84 -23.85 -15.47
CA THR D 42 35.87 -24.85 -15.88
C THR D 42 35.62 -25.84 -14.75
N LYS D 43 34.56 -26.64 -14.91
CA LYS D 43 34.18 -27.59 -13.87
C LYS D 43 35.26 -28.66 -13.70
N SER D 44 35.72 -28.84 -12.46
CA SER D 44 36.72 -29.84 -12.15
C SER D 44 36.03 -31.13 -11.74
N VAL D 45 35.55 -31.86 -12.76
CA VAL D 45 34.85 -33.12 -12.57
C VAL D 45 35.71 -34.08 -11.77
N SER D 46 36.84 -34.50 -12.35
CA SER D 46 37.69 -35.49 -11.69
C SER D 46 38.51 -34.86 -10.56
N GLU D 47 39.22 -33.76 -10.88
CA GLU D 47 40.08 -33.07 -9.93
C GLU D 47 39.42 -32.87 -8.57
N ASN D 48 38.09 -32.72 -8.57
CA ASN D 48 37.30 -32.56 -7.34
C ASN D 48 37.85 -31.47 -6.43
N GLU D 49 38.57 -30.49 -7.00
CA GLU D 49 39.07 -29.36 -6.22
C GLU D 49 37.99 -28.78 -5.32
N THR D 50 36.76 -28.68 -5.84
CA THR D 50 35.60 -28.28 -5.04
C THR D 50 34.38 -29.08 -5.46
N SER D 51 34.59 -30.29 -5.98
CA SER D 51 33.55 -31.20 -6.43
C SER D 51 32.83 -30.65 -7.66
N LYS D 52 32.01 -29.62 -7.47
CA LYS D 52 31.30 -29.03 -8.60
C LYS D 52 31.38 -27.51 -8.56
N LYS D 53 30.87 -26.91 -7.48
CA LYS D 53 30.84 -25.45 -7.34
C LYS D 53 32.19 -24.99 -6.82
N ASN D 54 32.98 -24.36 -7.68
CA ASN D 54 34.31 -23.90 -7.27
C ASN D 54 34.19 -22.69 -6.35
N GLU D 55 35.34 -22.14 -5.97
CA GLU D 55 35.39 -21.04 -5.00
C GLU D 55 35.05 -19.74 -5.70
N GLU D 56 33.85 -19.23 -5.46
CA GLU D 56 33.46 -17.93 -5.99
C GLU D 56 34.32 -16.84 -5.36
N VAL D 57 35.05 -16.10 -6.19
CA VAL D 57 35.95 -15.04 -5.75
C VAL D 57 35.66 -13.80 -6.59
N MET D 58 36.25 -12.68 -6.18
CA MET D 58 36.08 -11.43 -6.91
C MET D 58 36.65 -11.56 -8.32
N THR D 59 35.90 -11.09 -9.31
CA THR D 59 36.26 -11.21 -10.71
C THR D 59 36.17 -9.86 -11.40
N HIS D 60 36.78 -9.78 -12.59
CA HIS D 60 36.63 -8.63 -13.47
C HIS D 60 36.19 -9.15 -14.84
N SER D 61 34.95 -8.87 -15.22
CA SER D 61 34.40 -9.33 -16.48
C SER D 61 34.46 -8.24 -17.53
N GLY D 62 34.30 -8.65 -18.79
CA GLY D 62 34.31 -7.74 -19.91
C GLY D 62 33.17 -8.02 -20.86
N LEU D 63 33.51 -8.33 -22.11
CA LEU D 63 32.53 -8.67 -23.13
C LEU D 63 32.70 -10.09 -23.66
N TRP D 64 33.84 -10.71 -23.44
CA TRP D 64 34.14 -12.03 -23.98
C TRP D 64 34.76 -12.99 -22.95
N ARG D 65 35.51 -12.50 -21.97
CA ARG D 65 36.23 -13.36 -21.04
C ARG D 65 36.03 -12.89 -19.60
N THR D 66 35.84 -13.83 -18.70
CA THR D 66 35.80 -13.57 -17.27
C THR D 66 37.10 -14.04 -16.64
N CYS D 67 37.59 -13.29 -15.66
CA CYS D 67 38.91 -13.53 -15.07
C CYS D 67 38.79 -13.47 -13.56
N CYS D 68 39.89 -13.72 -12.85
CA CYS D 68 39.90 -13.77 -11.40
C CYS D 68 40.99 -12.88 -10.84
N LEU D 69 40.62 -11.94 -9.95
CA LEU D 69 41.62 -11.11 -9.29
C LEU D 69 42.39 -11.90 -8.25
N GLU D 70 41.69 -12.41 -7.24
CA GLU D 70 42.27 -13.20 -6.16
C GLU D 70 42.03 -14.69 -6.37
N GLY D 71 42.74 -15.49 -5.59
CA GLY D 71 42.60 -16.93 -5.61
C GLY D 71 43.86 -17.61 -6.07
N ASN D 72 43.81 -18.96 -6.03
CA ASN D 72 44.92 -19.76 -6.51
C ASN D 72 44.97 -19.83 -8.03
N PHE D 73 43.93 -19.36 -8.71
CA PHE D 73 43.85 -19.36 -10.16
C PHE D 73 43.96 -17.95 -10.74
N LYS D 74 44.42 -16.99 -9.92
CA LYS D 74 44.60 -15.60 -10.31
C LYS D 74 45.21 -15.46 -11.70
N GLY D 75 44.44 -14.92 -12.64
CA GLY D 75 44.87 -14.68 -13.99
C GLY D 75 44.24 -15.60 -15.01
N LEU D 76 43.71 -16.75 -14.57
CA LEU D 76 42.97 -17.62 -15.46
C LEU D 76 41.72 -16.91 -15.96
N CYS D 77 41.47 -17.01 -17.27
CA CYS D 77 40.37 -16.27 -17.89
C CYS D 77 39.54 -17.22 -18.75
N LYS D 78 38.35 -17.55 -18.26
CA LYS D 78 37.39 -18.35 -18.99
C LYS D 78 36.66 -17.47 -20.00
N GLN D 79 36.09 -18.11 -21.03
CA GLN D 79 35.30 -17.40 -22.02
C GLN D 79 33.84 -17.39 -21.57
N ILE D 80 33.28 -16.19 -21.38
CA ILE D 80 31.92 -16.04 -20.90
C ILE D 80 30.97 -16.85 -21.78
N ASP D 81 30.13 -17.67 -21.14
CA ASP D 81 29.11 -18.45 -21.83
C ASP D 81 27.76 -17.76 -21.69
N HIS D 82 27.26 -17.19 -22.79
CA HIS D 82 26.03 -16.41 -22.74
C HIS D 82 24.81 -17.33 -22.75
N PHE D 83 24.65 -18.10 -23.81
CA PHE D 83 23.53 -19.03 -23.95
C PHE D 83 23.65 -20.14 -22.91
N PRO D 84 22.79 -20.18 -21.88
CA PRO D 84 22.95 -21.19 -20.84
C PRO D 84 22.21 -22.47 -21.13
N GLU D 85 22.25 -23.41 -20.19
CA GLU D 85 21.57 -24.71 -20.32
C GLU D 85 21.74 -25.36 -21.68
N THR D 93 12.24 -15.92 -27.61
CA THR D 93 11.90 -14.74 -28.39
C THR D 93 12.68 -13.53 -27.87
N ALA D 94 12.02 -12.72 -27.03
CA ALA D 94 12.64 -11.52 -26.50
C ALA D 94 13.95 -11.84 -25.77
N GLU D 95 13.91 -12.83 -24.87
CA GLU D 95 15.12 -13.20 -24.14
C GLU D 95 16.18 -13.77 -25.07
N TYR D 96 15.78 -14.61 -26.02
CA TYR D 96 16.75 -15.20 -26.95
C TYR D 96 17.38 -14.14 -27.83
N PHE D 97 16.58 -13.20 -28.34
CA PHE D 97 17.11 -12.14 -29.18
C PHE D 97 18.09 -11.26 -28.40
N LEU D 98 17.77 -10.97 -27.13
CA LEU D 98 18.66 -10.17 -26.32
C LEU D 98 19.97 -10.90 -26.04
N ARG D 99 19.92 -12.23 -25.92
CA ARG D 99 21.14 -12.99 -25.67
C ARG D 99 21.99 -13.13 -26.93
N ALA D 100 21.37 -13.04 -28.11
CA ALA D 100 22.12 -13.07 -29.35
C ALA D 100 22.77 -11.73 -29.66
N VAL D 101 22.23 -10.64 -29.13
CA VAL D 101 22.83 -9.32 -29.34
C VAL D 101 23.93 -9.04 -28.31
N ARG D 102 23.77 -9.56 -27.09
CA ARG D 102 24.80 -9.40 -26.07
C ARG D 102 25.99 -10.33 -26.32
N ALA D 103 25.75 -11.51 -26.87
CA ALA D 103 26.85 -12.43 -27.15
C ALA D 103 27.75 -11.92 -28.26
N SER D 104 27.14 -11.47 -29.37
CA SER D 104 27.92 -10.99 -30.50
C SER D 104 28.51 -9.61 -30.27
N SER D 105 27.94 -8.82 -29.36
CA SER D 105 28.40 -7.46 -29.10
C SER D 105 28.47 -6.64 -30.39
N ILE D 106 27.43 -6.78 -31.21
CA ILE D 106 27.40 -6.10 -32.50
C ILE D 106 27.41 -4.59 -32.31
N PHE D 107 26.67 -4.09 -31.32
CA PHE D 107 26.53 -2.65 -31.13
C PHE D 107 27.81 -2.03 -30.56
N PRO D 108 28.46 -2.63 -29.56
CA PRO D 108 29.80 -2.14 -29.19
C PRO D 108 30.82 -2.24 -30.31
N ILE D 109 30.62 -3.17 -31.24
CA ILE D 109 31.55 -3.31 -32.36
C ILE D 109 31.12 -2.47 -33.55
N LEU D 110 29.81 -2.23 -33.73
CA LEU D 110 29.35 -1.34 -34.78
C LEU D 110 29.80 0.09 -34.51
N SER D 111 29.76 0.51 -33.25
CA SER D 111 30.29 1.82 -32.87
C SER D 111 31.75 1.97 -33.30
N VAL D 112 32.56 0.94 -33.04
CA VAL D 112 33.96 0.97 -33.44
C VAL D 112 34.09 1.15 -34.96
N ILE D 113 33.28 0.42 -35.72
CA ILE D 113 33.33 0.52 -37.17
C ILE D 113 32.88 1.89 -37.64
N LEU D 114 31.88 2.46 -36.97
CA LEU D 114 31.39 3.78 -37.35
C LEU D 114 32.35 4.89 -36.91
N LEU D 115 32.97 4.73 -35.74
CA LEU D 115 34.02 5.66 -35.33
C LEU D 115 35.21 5.60 -36.29
N PHE D 116 35.53 4.40 -36.79
CA PHE D 116 36.61 4.27 -37.76
C PHE D 116 36.23 4.91 -39.09
N MET D 117 35.00 4.69 -39.55
CA MET D 117 34.56 5.31 -40.80
C MET D 117 34.54 6.83 -40.69
N GLY D 118 34.08 7.34 -39.55
CA GLY D 118 34.15 8.76 -39.26
C GLY D 118 35.52 9.37 -39.53
N GLY D 119 36.56 8.77 -38.94
CA GLY D 119 37.91 9.28 -39.13
C GLY D 119 38.39 9.15 -40.56
N LEU D 120 37.97 8.10 -41.26
CA LEU D 120 38.29 7.96 -42.67
C LEU D 120 37.75 9.14 -43.47
N CYS D 121 36.51 9.54 -43.20
CA CYS D 121 35.95 10.70 -43.87
C CYS D 121 36.75 11.96 -43.57
N ILE D 122 37.19 12.12 -42.31
CA ILE D 122 38.01 13.27 -41.96
C ILE D 122 39.33 13.23 -42.72
N ALA D 123 39.89 12.03 -42.89
CA ALA D 123 41.09 11.87 -43.70
C ALA D 123 40.81 12.24 -45.15
N ALA D 124 39.65 11.82 -45.67
CA ALA D 124 39.29 12.13 -47.04
C ALA D 124 38.87 13.58 -47.22
N SER D 125 38.62 14.30 -46.12
CA SER D 125 38.14 15.67 -46.17
C SER D 125 39.22 16.66 -46.57
N GLU D 126 40.44 16.19 -46.80
CA GLU D 126 41.57 17.06 -47.15
C GLU D 126 42.17 16.75 -48.50
N PHE D 127 42.03 15.51 -49.01
CA PHE D 127 42.41 15.20 -50.37
C PHE D 127 41.37 15.63 -51.38
N TYR D 128 40.19 16.05 -50.92
CA TYR D 128 39.10 16.52 -51.78
C TYR D 128 38.42 17.67 -51.02
N LYS D 129 38.94 18.88 -51.22
CA LYS D 129 38.53 20.04 -50.45
C LYS D 129 37.32 20.76 -51.04
N THR D 130 36.73 20.23 -52.11
CA THR D 130 35.51 20.80 -52.67
C THR D 130 34.27 19.95 -52.44
N ARG D 131 34.44 18.66 -52.13
CA ARG D 131 33.31 17.78 -51.83
C ARG D 131 32.91 17.99 -50.39
N HIS D 132 31.98 18.93 -50.16
CA HIS D 132 31.56 19.26 -48.80
C HIS D 132 30.71 18.17 -48.15
N ASN D 133 30.26 17.18 -48.92
CA ASN D 133 29.42 16.13 -48.38
C ASN D 133 30.22 15.05 -47.66
N ILE D 134 31.55 15.15 -47.65
CA ILE D 134 32.36 14.20 -46.91
C ILE D 134 32.42 14.57 -45.43
N ILE D 135 32.42 15.88 -45.13
CA ILE D 135 32.42 16.31 -43.74
C ILE D 135 31.07 16.02 -43.08
N LEU D 136 29.99 16.11 -43.84
CA LEU D 136 28.67 15.74 -43.31
C LEU D 136 28.62 14.25 -42.98
N SER D 137 29.20 13.41 -43.84
CA SER D 137 29.22 11.97 -43.57
C SER D 137 29.96 11.66 -42.28
N ALA D 138 31.12 12.29 -42.08
CA ALA D 138 31.85 12.15 -40.82
C ALA D 138 30.96 12.42 -39.62
N GLY D 139 30.30 13.57 -39.61
CA GLY D 139 29.42 13.91 -38.49
C GLY D 139 28.32 12.90 -38.27
N ILE D 140 27.72 12.40 -39.36
CA ILE D 140 26.66 11.41 -39.23
C ILE D 140 27.20 10.10 -38.65
N PHE D 141 28.39 9.68 -39.09
CA PHE D 141 29.00 8.48 -38.55
C PHE D 141 29.26 8.62 -37.05
N PHE D 142 29.72 9.79 -36.60
CA PHE D 142 30.02 9.98 -35.19
C PHE D 142 28.74 9.99 -34.35
N VAL D 143 27.71 10.71 -34.80
CA VAL D 143 26.44 10.72 -34.09
C VAL D 143 25.84 9.31 -34.06
N SER D 144 25.88 8.61 -35.19
CA SER D 144 25.37 7.24 -35.22
C SER D 144 26.19 6.31 -34.34
N ALA D 145 27.51 6.50 -34.32
CA ALA D 145 28.37 5.68 -33.46
C ALA D 145 27.97 5.84 -32.00
N GLY D 146 27.71 7.07 -31.56
CA GLY D 146 27.25 7.28 -30.19
C GLY D 146 25.92 6.60 -29.93
N LEU D 147 25.03 6.60 -30.91
CA LEU D 147 23.75 5.90 -30.77
C LEU D 147 23.96 4.41 -30.55
N SER D 148 24.86 3.80 -31.33
CA SER D 148 25.17 2.39 -31.14
C SER D 148 25.74 2.14 -29.75
N ASN D 149 26.60 3.05 -29.28
CA ASN D 149 27.13 2.95 -27.92
C ASN D 149 26.00 2.92 -26.89
N ILE D 150 25.02 3.83 -27.04
CA ILE D 150 23.87 3.84 -26.15
C ILE D 150 23.19 2.48 -26.12
N ILE D 151 22.91 1.92 -27.30
CA ILE D 151 22.24 0.62 -27.38
C ILE D 151 23.09 -0.46 -26.74
N GLY D 152 24.39 -0.47 -27.07
CA GLY D 152 25.29 -1.44 -26.47
C GLY D 152 25.30 -1.39 -24.96
N ILE D 153 25.34 -0.17 -24.40
CA ILE D 153 25.36 -0.02 -22.95
C ILE D 153 24.07 -0.57 -22.34
N ILE D 154 22.93 -0.22 -22.92
CA ILE D 154 21.65 -0.72 -22.42
C ILE D 154 21.59 -2.24 -22.54
N VAL D 155 21.98 -2.77 -23.70
CA VAL D 155 21.94 -4.22 -23.92
C VAL D 155 22.82 -4.93 -22.92
N TYR D 156 24.03 -4.41 -22.70
CA TYR D 156 24.95 -5.03 -21.75
C TYR D 156 24.36 -5.01 -20.34
N ILE D 157 23.84 -3.86 -19.91
CA ILE D 157 23.27 -3.77 -18.57
C ILE D 157 22.00 -4.60 -18.47
N SER D 158 21.17 -4.60 -19.52
CA SER D 158 19.92 -5.34 -19.49
C SER D 158 20.12 -6.86 -19.56
N ALA D 159 21.34 -7.31 -19.86
CA ALA D 159 21.64 -8.74 -19.90
C ALA D 159 22.17 -9.23 -18.56
N ASN D 160 23.04 -8.46 -17.91
CA ASN D 160 23.63 -8.86 -16.64
C ASN D 160 22.61 -8.94 -15.52
N ALA D 161 21.38 -8.50 -15.74
CA ALA D 161 20.34 -8.55 -14.72
C ALA D 161 19.55 -9.84 -14.74
N GLY D 162 19.73 -10.67 -15.77
CA GLY D 162 19.09 -11.98 -15.82
C GLY D 162 19.98 -13.04 -15.21
N ASP D 163 20.86 -12.63 -14.30
CA ASP D 163 21.79 -13.54 -13.62
C ASP D 163 22.31 -12.79 -12.42
N PRO D 164 22.42 -13.43 -11.24
CA PRO D 164 22.89 -12.71 -10.05
C PRO D 164 24.41 -12.80 -9.87
N SER D 173 25.91 -6.64 -5.42
CA SER D 173 27.31 -6.55 -5.03
C SER D 173 28.23 -6.54 -6.24
N TYR D 174 27.99 -5.60 -7.14
CA TYR D 174 28.77 -5.49 -8.37
C TYR D 174 29.13 -4.03 -8.62
N SER D 175 30.25 -3.82 -9.28
CA SER D 175 30.70 -2.48 -9.66
C SER D 175 31.16 -2.49 -11.11
N TYR D 176 31.27 -1.30 -11.68
CA TYR D 176 31.69 -1.13 -13.07
C TYR D 176 33.14 -0.68 -13.11
N GLY D 177 33.88 -1.20 -14.09
CA GLY D 177 35.29 -0.92 -14.20
C GLY D 177 35.60 0.18 -15.20
N TRP D 178 36.89 0.33 -15.50
CA TRP D 178 37.32 1.43 -16.35
C TRP D 178 37.01 1.17 -17.82
N SER D 179 36.93 -0.11 -18.23
CA SER D 179 36.55 -0.40 -19.61
C SER D 179 35.07 -0.11 -19.86
N PHE D 180 34.24 -0.12 -18.81
CA PHE D 180 32.86 0.32 -18.97
C PHE D 180 32.79 1.84 -19.12
N TYR D 181 33.66 2.56 -18.39
CA TYR D 181 33.70 4.02 -18.49
C TYR D 181 34.57 4.50 -19.64
N PHE D 182 35.25 3.59 -20.34
CA PHE D 182 35.95 3.97 -21.57
C PHE D 182 35.02 3.98 -22.77
N GLY D 183 33.93 3.23 -22.73
CA GLY D 183 32.90 3.31 -23.74
C GLY D 183 31.94 4.45 -23.47
N ALA D 184 31.64 4.66 -22.19
CA ALA D 184 30.81 5.80 -21.81
C ALA D 184 31.49 7.12 -22.14
N LEU D 185 32.79 7.23 -21.85
CA LEU D 185 33.54 8.42 -22.23
C LEU D 185 33.62 8.56 -23.75
N SER D 186 33.78 7.45 -24.45
CA SER D 186 33.83 7.48 -25.91
C SER D 186 32.56 8.06 -26.50
N PHE D 187 31.40 7.65 -25.96
CA PHE D 187 30.13 8.23 -26.40
C PHE D 187 30.14 9.76 -26.32
N ILE D 188 30.56 10.29 -25.18
CA ILE D 188 30.59 11.74 -25.00
C ILE D 188 31.52 12.38 -26.03
N ILE D 189 32.73 11.81 -26.19
CA ILE D 189 33.68 12.34 -27.15
C ILE D 189 33.11 12.26 -28.56
N ALA D 190 32.52 11.11 -28.91
CA ALA D 190 31.98 10.93 -30.25
C ALA D 190 30.87 11.94 -30.54
N GLU D 191 29.97 12.15 -29.59
CA GLU D 191 28.88 13.10 -29.79
C GLU D 191 29.41 14.52 -29.95
N MET D 192 30.41 14.90 -29.15
CA MET D 192 30.99 16.23 -29.27
C MET D 192 31.69 16.42 -30.61
N VAL D 193 32.41 15.40 -31.08
CA VAL D 193 33.02 15.47 -32.41
C VAL D 193 31.95 15.59 -33.48
N GLY D 194 30.88 14.79 -33.36
CA GLY D 194 29.78 14.89 -34.30
C GLY D 194 29.23 16.30 -34.41
N VAL D 195 29.17 17.01 -33.29
CA VAL D 195 28.73 18.40 -33.30
C VAL D 195 29.74 19.26 -34.04
N LEU D 196 31.03 19.00 -33.83
CA LEU D 196 32.07 19.80 -34.46
C LEU D 196 32.15 19.54 -35.96
N ALA D 197 31.84 18.31 -36.39
CA ALA D 197 31.83 18.01 -37.81
C ALA D 197 30.57 18.55 -38.49
N VAL D 198 29.47 18.66 -37.76
CA VAL D 198 28.27 19.29 -38.32
C VAL D 198 28.48 20.81 -38.40
N HIS D 199 29.16 21.39 -37.41
CA HIS D 199 29.43 22.81 -37.44
C HIS D 199 30.38 23.18 -38.58
N MET D 200 31.35 22.30 -38.86
CA MET D 200 32.26 22.55 -39.97
C MET D 200 31.52 22.46 -41.30
N PHE D 201 30.59 21.51 -41.43
CA PHE D 201 29.76 21.46 -42.63
C PHE D 201 28.92 22.72 -42.77
N ILE D 202 28.34 23.19 -41.66
CA ILE D 202 27.56 24.43 -41.69
C ILE D 202 28.47 25.60 -42.08
N ASP D 203 29.67 25.64 -41.49
CA ASP D 203 30.61 26.72 -41.78
C ASP D 203 31.04 26.68 -43.25
N ARG D 204 31.32 25.48 -43.76
CA ARG D 204 31.76 25.34 -45.14
C ARG D 204 30.72 25.89 -46.09
N HIS D 205 29.45 25.55 -45.89
CA HIS D 205 28.38 26.02 -46.75
C HIS D 205 28.08 27.50 -46.53
N LYS D 206 28.40 28.05 -45.37
CA LYS D 206 28.23 29.48 -45.14
C LYS D 206 29.32 30.29 -45.82
N GLN D 207 30.41 29.64 -46.23
CA GLN D 207 31.51 30.32 -46.92
C GLN D 207 31.32 30.32 -48.43
N LEU D 208 30.38 29.51 -48.93
CA LEU D 208 30.08 29.43 -50.35
C LEU D 208 28.90 30.29 -50.74
N ARG D 209 28.09 30.72 -49.76
CA ARG D 209 26.99 31.63 -50.03
C ARG D 209 27.48 33.07 -50.10
N ALA D 210 28.24 33.50 -49.07
CA ALA D 210 28.77 34.87 -49.03
C ALA D 210 29.47 35.22 -50.33
N THR D 211 30.32 34.33 -50.83
CA THR D 211 31.01 34.58 -52.10
C THR D 211 30.00 34.74 -53.24
N ALA D 212 28.98 33.87 -53.28
CA ALA D 212 28.00 33.94 -54.35
C ALA D 212 27.12 35.18 -54.23
N ARG D 213 26.91 35.67 -52.99
CA ARG D 213 26.15 36.90 -52.80
C ARG D 213 26.90 38.11 -53.36
N ALA D 214 28.20 38.20 -53.09
CA ALA D 214 29.03 39.28 -53.61
C ALA D 214 29.05 39.27 -55.14
N GLY E 7 -28.50 50.29 -24.10
CA GLY E 7 -29.95 50.18 -24.00
C GLY E 7 -30.44 48.75 -23.98
N VAL E 8 -29.81 47.90 -24.78
CA VAL E 8 -30.16 46.48 -24.81
C VAL E 8 -29.24 45.64 -23.96
N GLN E 9 -28.01 46.09 -23.71
CA GLN E 9 -27.09 45.35 -22.84
C GLN E 9 -27.32 45.65 -21.37
N MET E 10 -27.97 46.77 -21.06
CA MET E 10 -28.31 47.07 -19.67
C MET E 10 -29.52 46.27 -19.20
N LEU E 11 -30.41 45.89 -20.13
CA LEU E 11 -31.57 45.09 -19.74
C LEU E 11 -31.15 43.72 -19.20
N LEU E 12 -30.20 43.06 -19.87
CA LEU E 12 -29.69 41.80 -19.36
C LEU E 12 -29.02 41.98 -18.00
N THR E 13 -28.30 43.09 -17.83
CA THR E 13 -27.67 43.38 -16.55
C THR E 13 -28.72 43.59 -15.46
N ILE E 14 -29.75 44.39 -15.75
CA ILE E 14 -30.81 44.64 -14.77
C ILE E 14 -31.56 43.35 -14.46
N VAL E 15 -31.93 42.60 -15.51
CA VAL E 15 -32.66 41.36 -15.31
C VAL E 15 -31.80 40.34 -14.56
N GLY E 16 -30.53 40.21 -14.94
CA GLY E 16 -29.65 39.29 -14.26
C GLY E 16 -29.43 39.64 -12.80
N ALA E 17 -29.26 40.93 -12.51
CA ALA E 17 -29.06 41.35 -11.12
C ALA E 17 -30.27 41.03 -10.26
N PHE E 18 -31.47 41.27 -10.78
CA PHE E 18 -32.68 40.91 -10.05
C PHE E 18 -32.77 39.40 -9.85
N ALA E 19 -32.53 38.63 -10.90
CA ALA E 19 -32.56 37.18 -10.80
C ALA E 19 -31.58 36.68 -9.75
N ALA E 20 -30.35 37.20 -9.76
CA ALA E 20 -29.34 36.73 -8.81
C ALA E 20 -29.71 37.11 -7.38
N PHE E 21 -30.17 38.34 -7.17
CA PHE E 21 -30.59 38.76 -5.84
C PHE E 21 -31.79 37.95 -5.36
N SER E 22 -32.76 37.71 -6.25
CA SER E 22 -33.93 36.92 -5.88
C SER E 22 -33.54 35.49 -5.50
N LEU E 23 -32.69 34.86 -6.32
CA LEU E 23 -32.30 33.48 -6.05
C LEU E 23 -31.53 33.37 -4.73
N MET E 24 -30.69 34.35 -4.42
CA MET E 24 -29.91 34.31 -3.20
C MET E 24 -30.73 34.67 -1.96
N THR E 25 -31.81 35.43 -2.12
CA THR E 25 -32.69 35.70 -0.99
C THR E 25 -33.62 34.53 -0.70
N ILE E 26 -34.00 33.76 -1.73
CA ILE E 26 -34.86 32.60 -1.52
C ILE E 26 -34.04 31.43 -1.01
N ALA E 27 -32.76 31.32 -1.41
CA ALA E 27 -31.90 30.29 -0.86
C ALA E 27 -31.66 30.51 0.63
N VAL E 28 -31.28 31.73 1.01
CA VAL E 28 -31.05 32.04 2.42
C VAL E 28 -32.31 31.88 3.24
N GLY E 29 -33.47 32.20 2.65
CA GLY E 29 -34.70 32.19 3.41
C GLY E 29 -35.37 30.84 3.53
N THR E 30 -35.23 29.99 2.52
CA THR E 30 -35.87 28.68 2.53
C THR E 30 -34.99 27.65 3.22
N ASP E 31 -35.59 26.50 3.54
CA ASP E 31 -34.90 25.44 4.27
C ASP E 31 -34.80 24.16 3.45
N TYR E 32 -34.35 24.26 2.21
CA TYR E 32 -34.17 23.09 1.37
C TYR E 32 -32.74 23.01 0.87
N TRP E 33 -31.78 23.13 1.79
CA TRP E 33 -30.37 23.06 1.47
C TRP E 33 -29.83 21.64 1.52
N LEU E 34 -30.35 20.81 2.42
CA LEU E 34 -29.85 19.44 2.59
C LEU E 34 -31.01 18.52 2.95
N TYR E 35 -30.96 17.29 2.44
CA TYR E 35 -31.88 16.23 2.83
C TYR E 35 -31.09 15.22 3.67
N SER E 36 -31.19 15.36 4.99
CA SER E 36 -30.55 14.46 5.93
C SER E 36 -31.60 13.58 6.59
N ARG E 37 -31.15 12.74 7.52
CA ARG E 37 -32.02 11.86 8.30
C ARG E 37 -31.71 12.07 9.78
N GLY E 38 -32.31 13.09 10.38
CA GLY E 38 -32.08 13.42 11.77
C GLY E 38 -33.39 13.59 12.52
N VAL E 39 -33.37 14.50 13.49
CA VAL E 39 -34.51 14.77 14.35
C VAL E 39 -34.95 16.21 14.14
N CYS E 40 -36.24 16.46 14.38
CA CYS E 40 -36.81 17.80 14.25
C CYS E 40 -37.59 18.23 15.47
N LYS E 41 -37.69 17.41 16.51
CA LYS E 41 -38.37 17.77 17.73
C LYS E 41 -37.40 17.77 18.90
N THR E 42 -37.68 18.63 19.89
CA THR E 42 -36.87 18.68 21.09
C THR E 42 -36.99 17.39 21.89
N LYS E 43 -36.10 17.21 22.85
CA LYS E 43 -36.08 16.00 23.65
C LYS E 43 -37.35 15.89 24.48
N SER E 44 -38.04 14.76 24.36
CA SER E 44 -39.26 14.50 25.12
C SER E 44 -38.89 13.78 26.42
N VAL E 45 -38.40 14.57 27.38
CA VAL E 45 -38.00 14.07 28.69
C VAL E 45 -39.16 13.32 29.34
N SER E 46 -40.23 14.04 29.67
CA SER E 46 -41.35 13.43 30.37
C SER E 46 -42.22 12.61 29.42
N GLU E 47 -42.65 13.20 28.31
CA GLU E 47 -43.51 12.56 27.32
C GLU E 47 -43.07 11.14 26.98
N ASN E 48 -41.75 10.89 27.06
CA ASN E 48 -41.16 9.57 26.80
C ASN E 48 -41.64 8.94 25.49
N GLU E 49 -42.06 9.79 24.54
CA GLU E 49 -42.47 9.31 23.22
C GLU E 49 -41.46 8.31 22.66
N THR E 50 -40.16 8.58 22.85
CA THR E 50 -39.10 7.64 22.51
C THR E 50 -37.99 7.69 23.55
N SER E 51 -38.35 8.05 24.79
CA SER E 51 -37.44 8.15 25.93
C SER E 51 -36.44 9.29 25.72
N LYS E 52 -35.47 9.10 24.83
CA LYS E 52 -34.49 10.13 24.56
C LYS E 52 -34.28 10.32 23.06
N LYS E 53 -33.85 9.26 22.37
CA LYS E 53 -33.57 9.33 20.94
C LYS E 53 -34.88 9.16 20.17
N ASN E 54 -35.38 10.24 19.58
CA ASN E 54 -36.64 10.18 18.85
C ASN E 54 -36.45 9.43 17.53
N GLU E 55 -37.52 9.37 16.75
CA GLU E 55 -37.53 8.61 15.50
C GLU E 55 -36.81 9.42 14.42
N GLU E 56 -35.60 9.02 14.07
CA GLU E 56 -34.89 9.65 12.96
C GLU E 56 -35.63 9.36 11.66
N VAL E 57 -36.04 10.43 10.97
CA VAL E 57 -36.79 10.33 9.73
C VAL E 57 -36.14 11.27 8.72
N MET E 58 -36.56 11.16 7.46
CA MET E 58 -36.04 12.02 6.40
C MET E 58 -36.39 13.47 6.70
N THR E 59 -35.40 14.36 6.53
CA THR E 59 -35.53 15.77 6.85
C THR E 59 -35.07 16.62 5.67
N HIS E 60 -35.44 17.90 5.72
CA HIS E 60 -34.93 18.90 4.78
C HIS E 60 -34.38 20.06 5.60
N SER E 61 -33.07 20.22 5.59
CA SER E 61 -32.41 21.26 6.36
C SER E 61 -32.07 22.46 5.47
N GLY E 62 -31.79 23.58 6.13
CA GLY E 62 -31.44 24.81 5.44
C GLY E 62 -30.22 25.46 6.07
N LEU E 63 -30.39 26.69 6.55
CA LEU E 63 -29.34 27.44 7.22
C LEU E 63 -29.68 27.78 8.66
N TRP E 64 -30.95 27.69 9.04
CA TRP E 64 -31.40 28.08 10.38
C TRP E 64 -32.34 27.07 11.02
N ARG E 65 -33.14 26.34 10.25
CA ARG E 65 -34.16 25.45 10.81
C ARG E 65 -34.12 24.10 10.12
N THR E 66 -34.27 23.03 10.91
CA THR E 66 -34.42 21.68 10.40
C THR E 66 -35.88 21.27 10.54
N CYS E 67 -36.38 20.52 9.55
CA CYS E 67 -37.79 20.18 9.46
C CYS E 67 -37.92 18.69 9.15
N CYS E 68 -39.16 18.19 9.09
CA CYS E 68 -39.41 16.77 8.88
C CYS E 68 -40.40 16.58 7.73
N LEU E 69 -40.02 15.78 6.74
CA LEU E 69 -40.94 15.47 5.65
C LEU E 69 -42.01 14.50 6.11
N GLU E 70 -41.60 13.31 6.53
CA GLU E 70 -42.49 12.25 7.00
C GLU E 70 -42.51 12.19 8.53
N GLY E 71 -43.47 11.46 9.05
CA GLY E 71 -43.60 11.24 10.48
C GLY E 71 -44.87 11.84 11.04
N ASN E 72 -45.09 11.59 12.33
CA ASN E 72 -46.24 12.15 13.03
C ASN E 72 -46.04 13.62 13.36
N PHE E 73 -44.82 14.15 13.19
CA PHE E 73 -44.51 15.54 13.46
C PHE E 73 -44.25 16.32 12.18
N LYS E 74 -44.65 15.77 11.03
CA LYS E 74 -44.49 16.39 9.72
C LYS E 74 -44.82 17.88 9.74
N GLY E 75 -43.82 18.71 9.51
CA GLY E 75 -43.96 20.15 9.45
C GLY E 75 -43.35 20.87 10.63
N LEU E 76 -43.14 20.17 11.74
CA LEU E 76 -42.43 20.76 12.88
C LEU E 76 -41.01 21.10 12.47
N CYS E 77 -40.56 22.30 12.84
CA CYS E 77 -39.25 22.79 12.41
C CYS E 77 -38.48 23.32 13.61
N LYS E 78 -37.47 22.56 14.03
CA LYS E 78 -36.57 22.96 15.10
C LYS E 78 -35.53 23.94 14.54
N GLN E 79 -34.92 24.72 15.43
CA GLN E 79 -33.85 25.62 15.06
C GLN E 79 -32.52 24.90 15.19
N ILE E 80 -31.78 24.79 14.08
CA ILE E 80 -30.51 24.07 14.06
C ILE E 80 -29.60 24.61 15.15
N ASP E 81 -29.06 23.71 15.97
CA ASP E 81 -28.11 24.06 17.01
C ASP E 81 -26.68 23.75 16.53
N HIS E 82 -25.92 24.80 16.26
CA HIS E 82 -24.59 24.62 15.68
C HIS E 82 -23.57 24.27 16.76
N PHE E 83 -23.38 25.14 17.73
CA PHE E 83 -22.46 24.90 18.83
C PHE E 83 -22.95 23.75 19.71
N PRO E 84 -22.30 22.59 19.69
CA PRO E 84 -22.84 21.45 20.46
C PRO E 84 -22.30 21.41 21.88
N GLU E 85 -22.68 20.37 22.62
CA GLU E 85 -22.24 20.16 24.00
C GLU E 85 -22.32 21.42 24.86
N THR E 93 -10.33 26.68 18.26
CA THR E 93 -9.64 27.54 17.31
C THR E 93 -10.25 27.36 15.93
N ALA E 94 -9.61 26.54 15.08
CA ALA E 94 -10.08 26.33 13.72
C ALA E 94 -11.52 25.84 13.71
N GLU E 95 -11.82 24.82 14.50
CA GLU E 95 -13.18 24.29 14.54
C GLU E 95 -14.16 25.30 15.09
N TYR E 96 -13.77 26.03 16.15
CA TYR E 96 -14.66 27.03 16.73
C TYR E 96 -14.93 28.17 15.76
N PHE E 97 -13.89 28.65 15.07
CA PHE E 97 -14.06 29.73 14.10
C PHE E 97 -14.97 29.29 12.96
N LEU E 98 -14.81 28.05 12.49
CA LEU E 98 -15.68 27.54 11.42
C LEU E 98 -17.11 27.43 11.88
N ARG E 99 -17.34 27.11 13.15
CA ARG E 99 -18.70 26.99 13.67
C ARG E 99 -19.33 28.36 13.90
N ALA E 100 -18.53 29.40 14.12
CA ALA E 100 -19.05 30.75 14.24
C ALA E 100 -19.37 31.37 12.90
N VAL E 101 -18.73 30.91 11.82
CA VAL E 101 -19.03 31.43 10.49
C VAL E 101 -20.21 30.69 9.86
N ARG E 102 -20.36 29.40 10.17
CA ARG E 102 -21.51 28.65 9.67
C ARG E 102 -22.79 28.98 10.42
N ALA E 103 -22.68 29.30 11.72
CA ALA E 103 -23.88 29.64 12.49
C ALA E 103 -24.45 30.98 12.05
N SER E 104 -23.60 31.99 11.91
CA SER E 104 -24.07 33.32 11.52
C SER E 104 -24.43 33.41 10.05
N SER E 105 -23.88 32.54 9.20
CA SER E 105 -24.11 32.58 7.76
C SER E 105 -23.80 33.96 7.20
N ILE E 106 -22.67 34.53 7.64
CA ILE E 106 -22.30 35.87 7.21
C ILE E 106 -22.06 35.91 5.71
N PHE E 107 -21.42 34.88 5.16
CA PHE E 107 -21.04 34.88 3.75
C PHE E 107 -22.26 34.68 2.85
N PRO E 108 -23.18 33.75 3.16
CA PRO E 108 -24.44 33.72 2.39
C PRO E 108 -25.25 35.00 2.53
N ILE E 109 -25.08 35.73 3.64
CA ILE E 109 -25.81 36.97 3.82
C ILE E 109 -25.04 38.17 3.28
N LEU E 110 -23.70 38.11 3.31
CA LEU E 110 -22.91 39.17 2.70
C LEU E 110 -23.13 39.22 1.19
N SER E 111 -23.21 38.04 0.56
CA SER E 111 -23.55 37.98 -0.86
C SER E 111 -24.85 38.70 -1.16
N VAL E 112 -25.87 38.46 -0.34
CA VAL E 112 -27.16 39.13 -0.52
C VAL E 112 -26.98 40.65 -0.44
N ILE E 113 -26.21 41.12 0.53
CA ILE E 113 -26.01 42.56 0.69
C ILE E 113 -25.22 43.12 -0.48
N LEU E 114 -24.26 42.36 -1.00
CA LEU E 114 -23.48 42.83 -2.14
C LEU E 114 -24.27 42.75 -3.43
N LEU E 115 -25.10 41.72 -3.59
CA LEU E 115 -26.01 41.67 -4.74
C LEU E 115 -27.01 42.83 -4.69
N PHE E 116 -27.46 43.19 -3.49
CA PHE E 116 -28.37 44.33 -3.36
C PHE E 116 -27.66 45.64 -3.68
N MET E 117 -26.42 45.81 -3.20
CA MET E 117 -25.66 47.02 -3.49
C MET E 117 -25.38 47.13 -4.99
N GLY E 118 -25.03 46.02 -5.63
CA GLY E 118 -24.89 45.95 -7.07
C GLY E 118 -26.05 46.58 -7.81
N GLY E 119 -27.26 46.12 -7.51
CA GLY E 119 -28.44 46.65 -8.18
C GLY E 119 -28.69 48.12 -7.88
N LEU E 120 -28.35 48.55 -6.65
CA LEU E 120 -28.46 49.97 -6.32
C LEU E 120 -27.58 50.81 -7.23
N CYS E 121 -26.34 50.36 -7.48
CA CYS E 121 -25.47 51.07 -8.41
C CYS E 121 -26.06 51.13 -9.80
N ILE E 122 -26.67 50.01 -10.26
CA ILE E 122 -27.30 50.01 -11.56
C ILE E 122 -28.47 51.00 -11.59
N ALA E 123 -29.20 51.10 -10.48
CA ALA E 123 -30.25 52.10 -10.38
C ALA E 123 -29.66 53.51 -10.42
N ALA E 124 -28.54 53.72 -9.74
CA ALA E 124 -27.90 55.02 -9.74
C ALA E 124 -27.19 55.32 -11.06
N SER E 125 -27.00 54.31 -11.90
CA SER E 125 -26.26 54.47 -13.15
C SER E 125 -27.07 55.21 -14.22
N GLU E 126 -28.30 55.61 -13.91
CA GLU E 126 -29.15 56.29 -14.86
C GLU E 126 -29.57 57.68 -14.41
N PHE E 127 -29.57 57.96 -13.11
CA PHE E 127 -29.78 59.32 -12.61
C PHE E 127 -28.51 60.15 -12.68
N TYR E 128 -27.37 59.53 -12.99
CA TYR E 128 -26.08 60.21 -13.12
C TYR E 128 -25.35 59.52 -14.26
N LYS E 129 -25.58 59.99 -15.49
CA LYS E 129 -25.10 59.34 -16.69
C LYS E 129 -23.68 59.77 -17.08
N THR E 130 -23.03 60.61 -16.28
CA THR E 130 -21.65 61.00 -16.54
C THR E 130 -20.66 60.40 -15.57
N ARG E 131 -21.11 59.94 -14.40
CA ARG E 131 -20.23 59.31 -13.42
C ARG E 131 -20.05 57.85 -13.82
N HIS E 132 -19.02 57.59 -14.62
CA HIS E 132 -18.77 56.25 -15.12
C HIS E 132 -18.27 55.29 -14.05
N ASN E 133 -17.89 55.79 -12.88
CA ASN E 133 -17.37 54.94 -11.81
C ASN E 133 -18.47 54.25 -11.03
N ILE E 134 -19.74 54.51 -11.34
CA ILE E 134 -20.83 53.82 -10.68
C ILE E 134 -21.07 52.46 -11.32
N ILE E 135 -20.86 52.35 -12.64
CA ILE E 135 -21.02 51.07 -13.32
C ILE E 135 -19.89 50.13 -12.93
N LEU E 136 -18.69 50.66 -12.71
CA LEU E 136 -17.58 49.83 -12.24
C LEU E 136 -17.87 49.28 -10.84
N SER E 137 -18.45 50.10 -9.97
CA SER E 137 -18.78 49.64 -8.62
C SER E 137 -19.77 48.49 -8.67
N ALA E 138 -20.82 48.61 -9.50
CA ALA E 138 -21.76 47.52 -9.70
C ALA E 138 -21.05 46.21 -10.04
N GLY E 139 -20.19 46.24 -11.06
CA GLY E 139 -19.46 45.03 -11.45
C GLY E 139 -18.63 44.45 -10.33
N ILE E 140 -17.97 45.31 -9.56
CA ILE E 140 -17.14 44.84 -8.45
C ILE E 140 -18.01 44.19 -7.38
N PHE E 141 -19.17 44.79 -7.08
CA PHE E 141 -20.08 44.20 -6.10
C PHE E 141 -20.56 42.82 -6.55
N PHE E 142 -20.85 42.66 -7.83
CA PHE E 142 -21.34 41.38 -8.33
C PHE E 142 -20.25 40.31 -8.28
N VAL E 143 -19.04 40.65 -8.74
CA VAL E 143 -17.93 39.71 -8.67
C VAL E 143 -17.63 39.35 -7.23
N SER E 144 -17.60 40.35 -6.34
CA SER E 144 -17.35 40.08 -4.92
C SER E 144 -18.48 39.25 -4.32
N ALA E 145 -19.73 39.53 -4.71
CA ALA E 145 -20.85 38.74 -4.21
C ALA E 145 -20.69 37.26 -4.56
N GLY E 146 -20.28 36.97 -5.80
CA GLY E 146 -20.03 35.59 -6.17
C GLY E 146 -18.91 34.96 -5.34
N LEU E 147 -17.88 35.74 -5.03
CA LEU E 147 -16.80 35.25 -4.18
C LEU E 147 -17.32 34.85 -2.80
N SER E 148 -18.17 35.70 -2.20
CA SER E 148 -18.77 35.37 -0.92
C SER E 148 -19.61 34.09 -1.02
N ASN E 149 -20.35 33.94 -2.12
CA ASN E 149 -21.11 32.71 -2.35
C ASN E 149 -20.20 31.49 -2.33
N ILE E 150 -19.06 31.58 -3.02
CA ILE E 150 -18.08 30.49 -3.03
C ILE E 150 -17.69 30.12 -1.60
N ILE E 151 -17.32 31.14 -0.80
CA ILE E 151 -16.90 30.88 0.58
C ILE E 151 -18.05 30.28 1.38
N GLY E 152 -19.25 30.85 1.24
CA GLY E 152 -20.41 30.30 1.94
C GLY E 152 -20.65 28.85 1.61
N ILE E 153 -20.57 28.50 0.33
CA ILE E 153 -20.80 27.11 -0.09
C ILE E 153 -19.77 26.18 0.54
N ILE E 154 -18.49 26.57 0.48
CA ILE E 154 -17.43 25.75 1.09
C ILE E 154 -17.64 25.64 2.59
N VAL E 155 -17.92 26.77 3.25
CA VAL E 155 -18.11 26.76 4.70
C VAL E 155 -19.27 25.84 5.07
N TYR E 156 -20.39 25.97 4.34
CA TYR E 156 -21.55 25.13 4.62
C TYR E 156 -21.23 23.65 4.44
N ILE E 157 -20.58 23.30 3.33
CA ILE E 157 -20.23 21.90 3.09
C ILE E 157 -19.17 21.43 4.08
N SER E 158 -18.20 22.28 4.41
CA SER E 158 -17.13 21.89 5.32
C SER E 158 -17.61 21.78 6.77
N ALA E 159 -18.81 22.24 7.07
CA ALA E 159 -19.37 22.14 8.42
C ALA E 159 -20.20 20.87 8.58
N ASN E 160 -21.00 20.53 7.57
CA ASN E 160 -21.87 19.36 7.64
C ASN E 160 -21.09 18.05 7.67
N ALA E 161 -19.78 18.09 7.48
CA ALA E 161 -18.96 16.89 7.50
C ALA E 161 -18.43 16.56 8.89
N GLY E 162 -18.58 17.47 9.85
CA GLY E 162 -18.21 17.20 11.23
C GLY E 162 -19.37 16.62 12.01
N ASP E 163 -20.30 15.97 11.31
CA ASP E 163 -21.47 15.37 11.92
C ASP E 163 -22.06 14.42 10.89
N PRO E 164 -22.47 13.20 11.28
CA PRO E 164 -23.00 12.26 10.30
C PRO E 164 -24.51 12.37 10.11
N SER E 173 -25.55 9.27 3.09
CA SER E 173 -26.96 9.17 2.72
C SER E 173 -27.64 10.53 2.78
N TYR E 174 -27.08 11.51 2.07
CA TYR E 174 -27.60 12.86 2.05
C TYR E 174 -27.62 13.38 0.63
N SER E 175 -28.57 14.29 0.36
CA SER E 175 -28.69 14.93 -0.93
C SER E 175 -28.89 16.42 -0.74
N TYR E 176 -28.67 17.19 -1.81
CA TYR E 176 -28.80 18.63 -1.79
C TYR E 176 -30.12 19.03 -2.45
N GLY E 177 -30.77 20.05 -1.89
CA GLY E 177 -32.06 20.48 -2.36
C GLY E 177 -31.98 21.67 -3.30
N TRP E 178 -33.15 22.24 -3.59
CA TRP E 178 -33.22 23.31 -4.57
C TRP E 178 -32.71 24.63 -4.00
N SER E 179 -32.81 24.83 -2.69
CA SER E 179 -32.26 26.04 -2.09
C SER E 179 -30.74 26.03 -2.10
N PHE E 180 -30.11 24.85 -2.14
CA PHE E 180 -28.67 24.80 -2.32
C PHE E 180 -28.30 25.15 -3.76
N TYR E 181 -29.12 24.73 -4.73
CA TYR E 181 -28.88 25.04 -6.12
C TYR E 181 -29.42 26.41 -6.53
N PHE E 182 -30.13 27.09 -5.64
CA PHE E 182 -30.53 28.47 -5.88
C PHE E 182 -29.42 29.46 -5.53
N GLY E 183 -28.51 29.08 -4.64
CA GLY E 183 -27.33 29.87 -4.37
C GLY E 183 -26.24 29.58 -5.37
N ALA E 184 -26.12 28.31 -5.76
CA ALA E 184 -25.17 27.94 -6.81
C ALA E 184 -25.52 28.61 -8.13
N LEU E 185 -26.80 28.60 -8.50
CA LEU E 185 -27.25 29.29 -9.71
C LEU E 185 -27.03 30.79 -9.58
N SER E 186 -27.28 31.35 -8.39
CA SER E 186 -27.08 32.77 -8.17
C SER E 186 -25.63 33.17 -8.42
N PHE E 187 -24.68 32.37 -7.95
CA PHE E 187 -23.27 32.63 -8.22
C PHE E 187 -23.01 32.77 -9.72
N ILE E 188 -23.51 31.83 -10.52
CA ILE E 188 -23.30 31.88 -11.97
C ILE E 188 -23.90 33.15 -12.54
N ILE E 189 -25.14 33.46 -12.15
CA ILE E 189 -25.81 34.66 -12.63
C ILE E 189 -25.03 35.91 -12.23
N ALA E 190 -24.62 35.96 -10.95
CA ALA E 190 -23.89 37.12 -10.44
C ALA E 190 -22.58 37.33 -11.20
N GLU E 191 -21.83 36.25 -11.44
CA GLU E 191 -20.57 36.38 -12.15
C GLU E 191 -20.78 36.85 -13.59
N MET E 192 -21.82 36.33 -14.26
CA MET E 192 -22.11 36.75 -15.61
C MET E 192 -22.53 38.22 -15.67
N VAL E 193 -23.33 38.67 -14.70
CA VAL E 193 -23.68 40.08 -14.63
C VAL E 193 -22.44 40.93 -14.38
N GLY E 194 -21.58 40.48 -13.46
CA GLY E 194 -20.33 41.20 -13.20
C GLY E 194 -19.52 41.40 -14.47
N VAL E 195 -19.52 40.40 -15.36
CA VAL E 195 -18.83 40.53 -16.65
C VAL E 195 -19.52 41.58 -17.50
N LEU E 196 -20.85 41.59 -17.49
CA LEU E 196 -21.60 42.53 -18.32
C LEU E 196 -21.47 43.95 -17.80
N ALA E 197 -21.33 44.13 -16.48
CA ALA E 197 -21.13 45.46 -15.94
C ALA E 197 -19.70 45.95 -16.14
N VAL E 198 -18.74 45.04 -16.20
CA VAL E 198 -17.36 45.43 -16.53
C VAL E 198 -17.26 45.78 -18.01
N HIS E 199 -17.98 45.04 -18.86
CA HIS E 199 -17.97 45.34 -20.29
C HIS E 199 -18.63 46.67 -20.59
N MET E 200 -19.68 47.01 -19.84
CA MET E 200 -20.32 48.31 -20.02
C MET E 200 -19.41 49.44 -19.58
N PHE E 201 -18.66 49.24 -18.49
CA PHE E 201 -17.67 50.23 -18.09
C PHE E 201 -16.59 50.37 -19.15
N ILE E 202 -16.13 49.26 -19.72
CA ILE E 202 -15.14 49.32 -20.80
C ILE E 202 -15.73 50.05 -22.00
N ASP E 203 -16.99 49.72 -22.34
CA ASP E 203 -17.63 50.36 -23.48
C ASP E 203 -17.81 51.84 -23.25
N ARG E 204 -18.23 52.22 -22.04
CA ARG E 204 -18.45 53.63 -21.72
C ARG E 204 -17.16 54.43 -21.92
N HIS E 205 -16.04 53.92 -21.42
CA HIS E 205 -14.78 54.62 -21.56
C HIS E 205 -14.23 54.57 -22.99
N LYS E 206 -14.64 53.58 -23.77
CA LYS E 206 -14.25 53.54 -25.18
C LYS E 206 -15.03 54.55 -26.01
N GLN E 207 -16.14 55.06 -25.49
CA GLN E 207 -16.96 56.03 -26.19
C GLN E 207 -16.52 57.45 -25.88
N LEU E 208 -15.68 57.64 -24.87
CA LEU E 208 -15.16 58.94 -24.49
C LEU E 208 -13.79 59.21 -25.06
N ARG E 209 -13.09 58.16 -25.53
CA ARG E 209 -11.81 58.35 -26.19
C ARG E 209 -12.00 58.72 -27.65
N ALA E 210 -12.82 57.95 -28.38
CA ALA E 210 -13.08 58.21 -29.79
C ALA E 210 -13.47 59.66 -30.02
N THR E 211 -14.39 60.19 -29.19
CA THR E 211 -14.79 61.59 -29.31
C THR E 211 -13.60 62.51 -29.11
N ALA E 212 -12.77 62.22 -28.10
CA ALA E 212 -11.62 63.08 -27.82
C ALA E 212 -10.56 62.96 -28.91
N ARG E 213 -10.47 61.80 -29.56
CA ARG E 213 -9.53 61.65 -30.67
C ARG E 213 -9.94 62.52 -31.85
N ALA E 214 -11.22 62.52 -32.20
CA ALA E 214 -11.73 63.35 -33.29
C ALA E 214 -11.50 64.84 -33.00
N VAL F 399 25.76 -55.77 7.43
CA VAL F 399 25.26 -54.41 7.67
C VAL F 399 24.04 -54.17 6.79
N THR F 400 22.86 -54.31 7.38
CA THR F 400 21.62 -54.05 6.66
C THR F 400 21.54 -52.59 6.26
N THR F 401 21.05 -52.35 5.05
CA THR F 401 21.01 -51.01 4.47
C THR F 401 19.85 -50.95 3.50
N ILE F 402 19.40 -49.74 3.17
CA ILE F 402 18.28 -49.51 2.29
C ILE F 402 18.74 -48.62 1.14
N MET F 403 18.15 -48.86 -0.04
CA MET F 403 18.54 -48.14 -1.26
C MET F 403 17.72 -46.86 -1.35
N GLU F 404 18.29 -45.77 -0.85
CA GLU F 404 17.65 -44.47 -0.92
C GLU F 404 18.71 -43.41 -1.23
N SER F 405 18.36 -42.45 -2.10
CA SER F 405 19.27 -41.39 -2.47
C SER F 405 19.07 -40.18 -1.57
N PRO F 406 20.16 -39.45 -1.24
CA PRO F 406 21.54 -39.72 -1.64
C PRO F 406 22.28 -40.64 -0.68
N TYR F 407 21.56 -41.20 0.29
CA TYR F 407 22.20 -42.04 1.30
C TYR F 407 22.94 -43.21 0.65
N VAL F 408 22.26 -43.94 -0.24
CA VAL F 408 22.85 -45.08 -0.93
C VAL F 408 22.43 -45.02 -2.39
N MET F 409 23.41 -45.14 -3.29
CA MET F 409 23.16 -45.05 -4.73
C MET F 409 24.13 -45.97 -5.45
N TYR F 410 23.61 -46.67 -6.47
CA TYR F 410 24.47 -47.47 -7.33
C TYR F 410 25.50 -46.58 -8.02
N LYS F 411 26.74 -47.06 -8.07
CA LYS F 411 27.78 -46.37 -8.82
C LYS F 411 27.43 -46.25 -10.30
N LYS F 412 28.13 -45.33 -10.98
CA LYS F 412 27.89 -45.09 -12.39
C LYS F 412 27.97 -46.36 -13.22
N ASN F 413 28.93 -47.23 -12.93
CA ASN F 413 29.14 -48.48 -13.65
C ASN F 413 29.31 -49.64 -12.67
N HIS F 414 28.37 -49.75 -11.73
CA HIS F 414 28.43 -50.77 -10.69
C HIS F 414 28.33 -52.20 -11.24
N GLU F 415 28.07 -52.38 -12.54
CA GLU F 415 28.05 -53.72 -13.10
C GLU F 415 29.45 -54.31 -13.21
N MET F 416 30.47 -53.45 -13.32
CA MET F 416 31.87 -53.88 -13.33
C MET F 416 32.51 -53.72 -11.96
N PHE F 417 31.76 -54.05 -10.91
CA PHE F 417 32.23 -53.90 -9.54
C PHE F 417 31.62 -55.00 -8.68
N GLU F 418 32.38 -55.47 -7.70
CA GLU F 418 31.93 -56.51 -6.80
C GLU F 418 32.29 -56.16 -5.37
N GLY F 419 31.46 -56.59 -4.44
CA GLY F 419 31.66 -56.32 -3.02
C GLY F 419 30.99 -55.04 -2.55
N ASN F 420 31.55 -54.42 -1.50
CA ASN F 420 31.01 -53.16 -0.99
C ASN F 420 31.25 -51.99 -1.93
N ASP F 421 32.08 -52.15 -2.95
CA ASP F 421 32.34 -51.07 -3.89
C ASP F 421 31.21 -50.86 -4.90
N LYS F 422 30.22 -51.76 -4.94
CA LYS F 422 29.12 -51.61 -5.88
C LYS F 422 28.24 -50.40 -5.58
N TYR F 423 28.23 -49.93 -4.33
CA TYR F 423 27.34 -48.86 -3.91
C TYR F 423 28.15 -47.62 -3.52
N GLU F 424 27.44 -46.50 -3.41
CA GLU F 424 28.03 -45.25 -2.96
C GLU F 424 26.91 -44.38 -2.40
N GLY F 425 27.31 -43.38 -1.63
CA GLY F 425 26.38 -42.44 -1.04
C GLY F 425 26.84 -42.02 0.33
N TYR F 426 25.97 -41.28 1.03
CA TYR F 426 26.30 -40.78 2.35
C TYR F 426 26.55 -41.93 3.32
N CYS F 427 25.64 -42.90 3.36
CA CYS F 427 25.77 -43.99 4.32
C CYS F 427 26.89 -44.96 3.94
N VAL F 428 27.25 -45.03 2.66
CA VAL F 428 28.40 -45.83 2.27
C VAL F 428 29.69 -45.22 2.80
N ASP F 429 29.85 -43.90 2.63
CA ASP F 429 31.00 -43.21 3.20
C ASP F 429 30.96 -43.27 4.73
N LEU F 430 29.77 -43.12 5.31
CA LEU F 430 29.64 -43.19 6.76
C LEU F 430 30.08 -44.54 7.29
N ALA F 431 29.74 -45.63 6.58
CA ALA F 431 30.16 -46.96 7.01
C ALA F 431 31.68 -47.08 7.02
N SER F 432 32.34 -46.53 6.00
CA SER F 432 33.80 -46.54 5.97
C SER F 432 34.38 -45.75 7.14
N GLU F 433 33.77 -44.61 7.46
CA GLU F 433 34.25 -43.79 8.57
C GLU F 433 34.06 -44.50 9.91
N ILE F 434 32.86 -45.05 10.12
CA ILE F 434 32.56 -45.73 11.39
C ILE F 434 33.46 -46.96 11.56
N ALA F 435 33.62 -47.76 10.51
CA ALA F 435 34.36 -49.02 10.62
C ALA F 435 35.81 -48.79 11.02
N LYS F 436 36.51 -47.87 10.34
CA LYS F 436 37.92 -47.65 10.65
C LYS F 436 38.12 -47.10 12.05
N HIS F 437 37.14 -46.34 12.57
CA HIS F 437 37.28 -45.77 13.90
C HIS F 437 37.16 -46.82 14.99
N ILE F 438 36.42 -47.91 14.73
CA ILE F 438 36.24 -48.98 15.69
C ILE F 438 36.97 -50.26 15.26
N GLY F 439 37.73 -50.20 14.16
CA GLY F 439 38.52 -51.34 13.72
C GLY F 439 37.72 -52.58 13.41
N ILE F 440 36.64 -52.43 12.64
CA ILE F 440 35.77 -53.54 12.30
C ILE F 440 35.71 -53.66 10.78
N LYS F 441 35.40 -54.87 10.31
CA LYS F 441 35.19 -55.16 8.90
C LYS F 441 33.73 -55.50 8.66
N TYR F 442 33.15 -54.90 7.62
CA TYR F 442 31.72 -55.00 7.37
C TYR F 442 31.47 -55.49 5.96
N LYS F 443 30.20 -55.82 5.69
CA LYS F 443 29.76 -56.27 4.37
C LYS F 443 28.38 -55.69 4.12
N ILE F 444 28.30 -54.69 3.24
CA ILE F 444 27.02 -54.05 2.95
C ILE F 444 26.07 -55.06 2.33
N ALA F 445 24.83 -55.07 2.81
CA ALA F 445 23.81 -55.99 2.30
C ALA F 445 22.47 -55.27 2.34
N ILE F 446 21.92 -54.97 1.15
CA ILE F 446 20.64 -54.28 1.06
C ILE F 446 19.54 -55.18 1.62
N VAL F 447 18.57 -54.58 2.30
CA VAL F 447 17.44 -55.34 2.82
C VAL F 447 16.55 -55.79 1.66
N PRO F 448 16.21 -57.08 1.56
CA PRO F 448 15.43 -57.54 0.40
C PRO F 448 14.05 -56.92 0.24
N ASP F 449 13.34 -56.61 1.34
CA ASP F 449 11.97 -56.14 1.19
C ASP F 449 11.93 -54.70 0.68
N GLY F 450 12.86 -53.87 1.12
CA GLY F 450 12.87 -52.47 0.77
C GLY F 450 12.13 -51.55 1.71
N LYS F 451 11.55 -52.08 2.78
CA LYS F 451 10.81 -51.27 3.73
C LYS F 451 11.73 -50.85 4.88
N TYR F 452 11.42 -49.71 5.50
CA TYR F 452 12.27 -49.19 6.56
C TYR F 452 12.13 -50.04 7.82
N GLY F 453 10.93 -50.05 8.41
CA GLY F 453 10.66 -50.90 9.55
C GLY F 453 9.33 -50.60 10.21
N ALA F 454 8.35 -51.49 10.02
CA ALA F 454 7.01 -51.28 10.53
C ALA F 454 6.56 -52.52 11.29
N ARG F 455 5.51 -52.34 12.08
CA ARG F 455 4.91 -53.42 12.85
C ARG F 455 3.60 -53.82 12.20
N ASP F 456 3.52 -55.06 11.71
CA ASP F 456 2.27 -55.56 11.13
C ASP F 456 1.07 -55.35 12.05
N ALA F 457 1.33 -55.26 13.36
CA ALA F 457 0.35 -55.08 14.43
C ALA F 457 -0.59 -56.27 14.59
N ASP F 458 -0.41 -57.34 13.83
CA ASP F 458 -1.24 -58.53 13.99
C ASP F 458 -0.38 -59.70 14.47
N THR F 459 0.36 -60.31 13.55
CA THR F 459 1.29 -61.39 13.88
C THR F 459 2.50 -60.91 14.69
N LYS F 460 2.56 -59.61 15.02
CA LYS F 460 3.65 -58.99 15.79
C LYS F 460 5.01 -59.51 15.36
N ILE F 461 5.27 -59.43 14.05
CA ILE F 461 6.57 -59.77 13.48
C ILE F 461 7.14 -58.51 12.83
N TRP F 462 8.24 -58.00 13.39
CA TRP F 462 8.88 -56.83 12.83
C TRP F 462 9.38 -57.10 11.41
N ASN F 463 9.05 -56.20 10.50
CA ASN F 463 9.43 -56.34 9.09
C ASN F 463 10.28 -55.15 8.68
N GLY F 464 11.41 -55.44 8.01
CA GLY F 464 12.31 -54.41 7.54
C GLY F 464 13.67 -54.50 8.22
N MET F 465 14.34 -53.35 8.29
CA MET F 465 15.66 -53.29 8.92
C MET F 465 15.56 -53.62 10.40
N VAL F 466 14.52 -53.13 11.07
CA VAL F 466 14.33 -53.42 12.49
C VAL F 466 14.19 -54.92 12.70
N GLY F 467 13.39 -55.58 11.85
CA GLY F 467 13.27 -57.02 11.91
C GLY F 467 14.59 -57.72 11.60
N GLU F 468 15.40 -57.13 10.72
CA GLU F 468 16.69 -57.70 10.37
C GLU F 468 17.70 -57.57 11.51
N LEU F 469 17.37 -56.82 12.57
CA LEU F 469 18.24 -56.69 13.73
C LEU F 469 17.75 -57.48 14.93
N VAL F 470 16.44 -57.43 15.21
CA VAL F 470 15.90 -58.14 16.37
C VAL F 470 16.05 -59.65 16.18
N TYR F 471 15.91 -60.12 14.95
CA TYR F 471 16.02 -61.55 14.64
C TYR F 471 17.44 -61.97 14.30
N GLY F 472 18.43 -61.12 14.57
CA GLY F 472 19.82 -61.44 14.36
C GLY F 472 20.21 -61.77 12.94
N LYS F 473 19.80 -60.92 11.99
CA LYS F 473 20.22 -61.06 10.60
C LYS F 473 21.32 -60.08 10.23
N ALA F 474 21.53 -59.04 11.04
CA ALA F 474 22.57 -58.05 10.81
C ALA F 474 22.99 -57.48 12.15
N GLU F 475 24.17 -56.87 12.18
CA GLU F 475 24.74 -56.39 13.44
C GLU F 475 24.88 -54.87 13.51
N ILE F 476 24.70 -54.16 12.40
CA ILE F 476 24.75 -52.69 12.38
C ILE F 476 23.87 -52.21 11.22
N ALA F 477 22.97 -51.29 11.53
CA ALA F 477 22.04 -50.74 10.54
C ALA F 477 22.44 -49.29 10.25
N ILE F 478 23.31 -49.12 9.25
CA ILE F 478 23.78 -47.79 8.86
C ILE F 478 22.83 -47.30 7.77
N ALA F 479 21.77 -46.61 8.18
CA ALA F 479 20.74 -46.15 7.26
C ALA F 479 20.06 -44.94 7.88
N PRO F 480 19.31 -44.17 7.08
CA PRO F 480 18.51 -43.07 7.67
C PRO F 480 17.31 -43.59 8.45
N LEU F 481 17.55 -44.37 9.49
CA LEU F 481 16.50 -44.98 10.28
C LEU F 481 16.13 -44.03 11.41
N THR F 482 14.93 -43.45 11.33
CA THR F 482 14.50 -42.47 12.32
C THR F 482 14.40 -43.11 13.71
N ILE F 483 14.76 -42.34 14.73
CA ILE F 483 14.68 -42.82 16.11
C ILE F 483 13.27 -42.59 16.61
N THR F 484 12.59 -43.68 17.00
CA THR F 484 11.23 -43.61 17.50
C THR F 484 11.09 -44.51 18.71
N LEU F 485 10.09 -44.19 19.54
CA LEU F 485 9.88 -44.96 20.76
C LEU F 485 9.54 -46.42 20.46
N VAL F 486 8.69 -46.65 19.47
CA VAL F 486 8.25 -48.02 19.16
C VAL F 486 9.45 -48.88 18.76
N ARG F 487 10.40 -48.30 18.03
CA ARG F 487 11.61 -49.03 17.67
C ARG F 487 12.60 -49.11 18.82
N GLU F 488 12.61 -48.11 19.70
CA GLU F 488 13.55 -48.11 20.81
C GLU F 488 13.30 -49.25 21.78
N GLU F 489 12.09 -49.80 21.79
CA GLU F 489 11.77 -50.91 22.70
C GLU F 489 12.26 -52.25 22.19
N VAL F 490 12.82 -52.31 20.98
CA VAL F 490 13.37 -53.56 20.45
C VAL F 490 14.81 -53.43 20.00
N ILE F 491 15.32 -52.22 19.74
CA ILE F 491 16.72 -52.00 19.39
C ILE F 491 17.19 -50.75 20.11
N ASP F 492 18.49 -50.54 20.14
CA ASP F 492 19.11 -49.41 20.81
C ASP F 492 19.85 -48.56 19.79
N PHE F 493 19.25 -47.43 19.41
CA PHE F 493 19.87 -46.53 18.45
C PHE F 493 21.09 -45.86 19.06
N SER F 494 21.91 -45.28 18.18
CA SER F 494 23.03 -44.46 18.59
C SER F 494 22.59 -42.99 18.59
N LYS F 495 23.49 -42.09 18.99
CA LYS F 495 23.17 -40.69 18.96
C LYS F 495 22.92 -40.22 17.53
N PRO F 496 21.97 -39.33 17.30
CA PRO F 496 21.65 -38.90 15.93
C PRO F 496 22.87 -38.32 15.22
N PHE F 497 23.11 -38.78 14.00
CA PHE F 497 24.13 -38.22 13.14
C PHE F 497 23.57 -37.21 12.14
N MET F 498 22.26 -36.97 12.16
CA MET F 498 21.65 -35.99 11.26
C MET F 498 20.31 -35.57 11.86
N SER F 499 20.28 -34.37 12.43
CA SER F 499 19.02 -33.83 12.93
C SER F 499 18.20 -33.28 11.78
N LEU F 500 16.89 -33.51 11.84
CA LEU F 500 16.01 -33.12 10.75
C LEU F 500 14.62 -32.85 11.31
N GLY F 501 13.66 -32.65 10.42
CA GLY F 501 12.29 -32.45 10.83
C GLY F 501 11.39 -32.35 9.62
N ILE F 502 10.15 -31.93 9.85
CA ILE F 502 9.17 -31.77 8.79
C ILE F 502 9.19 -30.33 8.32
N SER F 503 9.49 -30.12 7.04
CA SER F 503 9.62 -28.80 6.46
C SER F 503 8.55 -28.61 5.38
N ILE F 504 8.66 -27.50 4.65
CA ILE F 504 7.70 -27.14 3.62
C ILE F 504 8.46 -26.99 2.30
N MET F 505 7.99 -27.68 1.27
CA MET F 505 8.58 -27.58 -0.07
C MET F 505 7.55 -26.97 -1.01
N ILE F 506 7.98 -25.93 -1.72
CA ILE F 506 7.16 -25.28 -2.73
C ILE F 506 7.98 -25.15 -4.01
N LYS F 507 7.28 -24.97 -5.12
CA LYS F 507 7.96 -24.78 -6.39
C LYS F 507 8.75 -23.48 -6.37
N LYS F 508 10.06 -23.60 -6.58
CA LYS F 508 10.93 -22.43 -6.62
C LYS F 508 10.39 -21.41 -7.61
N PRO F 509 10.24 -20.14 -7.22
CA PRO F 509 9.70 -19.13 -8.13
C PRO F 509 10.72 -18.73 -9.18
N GLN F 510 10.32 -17.79 -10.03
CA GLN F 510 11.14 -17.27 -11.12
C GLN F 510 11.52 -15.83 -10.82
N LYS F 511 12.64 -15.39 -11.39
CA LYS F 511 13.08 -14.02 -11.20
C LYS F 511 12.20 -13.02 -11.95
N SER F 512 11.30 -13.51 -12.80
CA SER F 512 10.35 -12.67 -13.54
C SER F 512 11.04 -11.49 -14.21
N LYS F 513 12.07 -11.80 -15.00
CA LYS F 513 12.78 -10.81 -15.79
C LYS F 513 11.78 -9.89 -16.50
N PRO F 514 11.77 -8.59 -16.23
CA PRO F 514 10.80 -7.71 -16.88
C PRO F 514 10.95 -7.74 -18.39
N GLY F 515 9.82 -7.63 -19.07
CA GLY F 515 9.82 -7.57 -20.52
C GLY F 515 10.36 -6.23 -21.00
N VAL F 516 10.67 -6.19 -22.29
CA VAL F 516 11.27 -4.98 -22.85
C VAL F 516 10.26 -3.84 -22.85
N PHE F 517 9.05 -4.12 -23.33
CA PHE F 517 8.00 -3.12 -23.42
C PHE F 517 7.04 -3.21 -22.24
N SER F 518 7.58 -3.24 -21.03
CA SER F 518 6.78 -3.37 -19.83
C SER F 518 6.36 -2.05 -19.23
N PHE F 519 6.88 -0.93 -19.74
CA PHE F 519 6.39 0.38 -19.32
C PHE F 519 4.95 0.62 -19.75
N LEU F 520 4.42 -0.18 -20.68
CA LEU F 520 3.03 -0.08 -21.11
C LEU F 520 2.08 -0.82 -20.18
N ASP F 521 2.62 -1.61 -19.24
CA ASP F 521 1.77 -2.45 -18.39
C ASP F 521 0.74 -1.71 -17.56
N PRO F 522 0.97 -0.49 -17.05
CA PRO F 522 -0.09 0.18 -16.27
C PRO F 522 -1.42 0.32 -17.00
N LEU F 523 -1.43 0.34 -18.33
CA LEU F 523 -2.65 0.44 -19.10
C LEU F 523 -2.79 -0.78 -20.00
N ALA F 524 -4.04 -1.10 -20.35
CA ALA F 524 -4.30 -2.26 -21.17
C ALA F 524 -4.04 -1.95 -22.64
N TYR F 525 -3.79 -3.01 -23.41
CA TYR F 525 -3.55 -2.87 -24.84
C TYR F 525 -4.70 -2.12 -25.53
N GLU F 526 -5.93 -2.36 -25.08
CA GLU F 526 -7.08 -1.67 -25.66
C GLU F 526 -7.01 -0.16 -25.45
N ILE F 527 -6.63 0.27 -24.24
CA ILE F 527 -6.48 1.69 -23.97
C ILE F 527 -5.42 2.31 -24.87
N TRP F 528 -4.24 1.67 -24.94
CA TRP F 528 -3.17 2.18 -25.79
C TRP F 528 -3.62 2.29 -27.24
N MET F 529 -4.32 1.28 -27.74
CA MET F 529 -4.82 1.31 -29.11
C MET F 529 -5.87 2.41 -29.28
N CYS F 530 -6.74 2.59 -28.28
CA CYS F 530 -7.79 3.60 -28.38
C CYS F 530 -7.22 5.02 -28.27
N ILE F 531 -6.12 5.19 -27.52
CA ILE F 531 -5.48 6.50 -27.46
C ILE F 531 -4.98 6.92 -28.84
N VAL F 532 -4.39 5.97 -29.58
CA VAL F 532 -3.94 6.27 -30.94
C VAL F 532 -5.11 6.66 -31.82
N PHE F 533 -6.21 5.91 -31.74
CA PHE F 533 -7.41 6.26 -32.49
C PHE F 533 -7.94 7.63 -32.08
N ALA F 534 -8.03 7.87 -30.77
CA ALA F 534 -8.45 9.18 -30.29
C ALA F 534 -7.52 10.28 -30.76
N TYR F 535 -6.21 10.03 -30.72
CA TYR F 535 -5.23 10.99 -31.21
C TYR F 535 -5.50 11.35 -32.67
N ILE F 536 -5.68 10.34 -33.53
CA ILE F 536 -5.94 10.59 -34.94
C ILE F 536 -7.23 11.37 -35.12
N GLY F 537 -8.29 10.96 -34.41
CA GLY F 537 -9.57 11.63 -34.55
C GLY F 537 -9.53 13.08 -34.13
N VAL F 538 -8.93 13.36 -32.96
CA VAL F 538 -8.81 14.73 -32.48
C VAL F 538 -8.07 15.60 -33.49
N SER F 539 -6.94 15.09 -34.01
CA SER F 539 -6.15 15.86 -34.96
C SER F 539 -6.93 16.17 -36.21
N VAL F 540 -7.66 15.19 -36.75
CA VAL F 540 -8.47 15.42 -37.95
C VAL F 540 -9.57 16.42 -37.66
N VAL F 541 -10.25 16.28 -36.51
CA VAL F 541 -11.31 17.22 -36.17
C VAL F 541 -10.73 18.60 -35.91
N LEU F 542 -9.54 18.67 -35.31
CA LEU F 542 -8.89 19.96 -35.11
C LEU F 542 -8.57 20.63 -36.45
N PHE F 543 -8.25 19.83 -37.47
CA PHE F 543 -8.03 20.36 -38.80
C PHE F 543 -9.34 20.69 -39.50
N LEU F 544 -10.39 19.93 -39.22
CA LEU F 544 -11.68 20.19 -39.88
C LEU F 544 -12.28 21.51 -39.43
N VAL F 545 -12.29 21.77 -38.12
CA VAL F 545 -12.94 22.98 -37.61
C VAL F 545 -12.10 24.24 -37.79
N SER F 546 -10.80 24.09 -38.09
CA SER F 546 -9.92 25.25 -38.16
C SER F 546 -9.70 25.78 -39.56
N ARG F 547 -9.75 24.93 -40.58
CA ARG F 547 -9.35 25.34 -41.93
C ARG F 547 -10.43 25.10 -42.98
N PHE F 548 -11.64 24.71 -42.59
CA PHE F 548 -12.64 24.39 -43.62
C PHE F 548 -13.40 25.62 -44.09
N SER F 549 -13.72 26.53 -43.18
CA SER F 549 -14.59 27.66 -43.52
C SER F 549 -13.90 28.59 -44.50
N PRO F 550 -14.44 28.81 -45.69
CA PRO F 550 -13.83 29.75 -46.65
C PRO F 550 -14.08 31.21 -46.34
N TYR F 551 -14.65 31.53 -45.18
CA TYR F 551 -14.94 32.91 -44.80
C TYR F 551 -13.90 33.45 -43.84
N GLU F 552 -12.81 32.73 -43.63
CA GLU F 552 -11.73 33.12 -42.73
C GLU F 552 -10.38 33.22 -43.42
N TRP F 553 -10.22 32.61 -44.59
CA TRP F 553 -8.98 32.64 -45.34
C TRP F 553 -8.74 34.03 -45.95
N GLN F 568 -4.08 33.77 -47.56
CA GLN F 568 -3.49 33.60 -46.24
C GLN F 568 -4.37 32.73 -45.35
N PRO F 569 -3.76 31.73 -44.72
CA PRO F 569 -4.51 30.84 -43.83
C PRO F 569 -5.00 31.58 -42.60
N PRO F 570 -6.21 31.26 -42.12
CA PRO F 570 -6.74 31.97 -40.94
C PRO F 570 -5.94 31.72 -39.68
N ASN F 571 -5.18 30.63 -39.65
CA ASN F 571 -4.36 30.25 -38.51
C ASN F 571 -3.26 29.34 -39.03
N GLU F 572 -2.56 28.65 -38.12
CA GLU F 572 -1.48 27.75 -38.48
C GLU F 572 -1.82 26.30 -38.18
N PHE F 573 -3.10 25.97 -38.10
CA PHE F 573 -3.53 24.63 -37.68
C PHE F 573 -3.87 23.77 -38.90
N GLY F 574 -2.83 23.43 -39.66
CA GLY F 574 -2.96 22.47 -40.71
C GLY F 574 -2.91 21.06 -40.17
N ILE F 575 -3.04 20.08 -41.08
CA ILE F 575 -3.12 18.69 -40.64
C ILE F 575 -1.83 18.27 -39.95
N PHE F 576 -0.68 18.62 -40.54
CA PHE F 576 0.62 18.35 -39.93
CA PHE F 576 0.58 18.30 -39.90
C PHE F 576 0.76 19.07 -38.60
N ASN F 577 0.25 20.31 -38.52
CA ASN F 577 0.33 21.06 -37.27
C ASN F 577 -0.72 20.61 -36.27
N SER F 578 -1.90 20.18 -36.73
CA SER F 578 -2.89 19.62 -35.82
C SER F 578 -2.36 18.38 -35.13
N LEU F 579 -1.68 17.51 -35.88
CA LEU F 579 -1.06 16.33 -35.27
C LEU F 579 0.00 16.73 -34.26
N TRP F 580 0.78 17.77 -34.55
CA TRP F 580 1.81 18.23 -33.62
C TRP F 580 1.20 18.77 -32.34
N PHE F 581 0.13 19.56 -32.45
CA PHE F 581 -0.53 20.10 -31.26
C PHE F 581 -1.07 18.97 -30.39
N SER F 582 -1.73 17.99 -31.01
CA SER F 582 -2.31 16.89 -30.25
C SER F 582 -1.23 16.04 -29.60
N LEU F 583 -0.11 15.81 -30.31
CA LEU F 583 0.98 15.02 -29.74
C LEU F 583 1.58 15.71 -28.52
N GLY F 584 1.81 17.03 -28.60
CA GLY F 584 2.36 17.74 -27.47
C GLY F 584 1.37 17.97 -26.35
N ALA F 585 0.07 17.94 -26.66
CA ALA F 585 -0.94 18.03 -25.61
C ALA F 585 -1.00 16.75 -24.79
N PHE F 586 -0.92 15.59 -25.45
CA PHE F 586 -0.94 14.33 -24.73
C PHE F 586 0.26 14.21 -23.79
N MET F 587 1.43 14.65 -24.23
CA MET F 587 2.64 14.55 -23.43
C MET F 587 2.78 15.70 -22.44
N GLN F 588 1.85 16.66 -22.47
CA GLN F 588 1.88 17.83 -21.60
C GLN F 588 3.19 18.59 -21.77
N GLN F 589 3.62 18.70 -23.03
CA GLN F 589 4.80 19.44 -23.41
C GLN F 589 4.34 20.42 -24.49
N GLY F 590 5.29 20.96 -25.25
CA GLY F 590 4.91 21.75 -26.39
C GLY F 590 4.59 23.21 -26.11
N CYS F 591 4.83 24.05 -27.11
CA CYS F 591 4.53 25.47 -27.05
C CYS F 591 3.78 25.86 -28.32
N ASP F 592 4.20 26.94 -28.97
CA ASP F 592 3.68 27.32 -30.29
C ASP F 592 2.19 27.66 -30.17
N ILE F 593 1.44 27.32 -31.20
CA ILE F 593 0.07 27.80 -31.37
C ILE F 593 -0.92 26.98 -30.57
N SER F 594 -1.96 27.65 -30.11
CA SER F 594 -3.14 27.09 -29.46
C SER F 594 -4.36 27.59 -30.21
N PRO F 595 -5.44 26.81 -30.23
CA PRO F 595 -6.62 27.21 -31.02
C PRO F 595 -7.24 28.50 -30.49
N ARG F 596 -7.47 29.45 -31.40
CA ARG F 596 -8.08 30.73 -31.06
C ARG F 596 -9.60 30.77 -31.30
N SER F 597 -10.14 29.81 -32.04
CA SER F 597 -11.57 29.83 -32.36
C SER F 597 -12.36 29.03 -31.34
N LEU F 598 -13.67 29.23 -31.36
CA LEU F 598 -14.55 28.52 -30.42
C LEU F 598 -14.48 27.02 -30.64
N SER F 599 -14.82 26.56 -31.84
CA SER F 599 -14.81 25.13 -32.15
C SER F 599 -13.44 24.51 -31.89
N GLY F 600 -12.37 25.20 -32.29
CA GLY F 600 -11.04 24.67 -32.04
C GLY F 600 -10.70 24.58 -30.58
N ARG F 601 -11.13 25.56 -29.78
CA ARG F 601 -10.91 25.50 -28.34
C ARG F 601 -11.71 24.40 -27.68
N ILE F 602 -12.87 24.04 -28.26
CA ILE F 602 -13.63 22.92 -27.74
C ILE F 602 -12.86 21.62 -27.96
N VAL F 603 -12.23 21.47 -29.12
CA VAL F 603 -11.40 20.29 -29.38
C VAL F 603 -10.22 20.25 -28.41
N GLY F 604 -9.52 21.37 -28.26
CA GLY F 604 -8.42 21.44 -27.31
C GLY F 604 -8.86 21.10 -25.90
N GLY F 605 -9.99 21.66 -25.46
CA GLY F 605 -10.41 21.48 -24.08
C GLY F 605 -10.68 20.04 -23.72
N VAL F 606 -11.43 19.33 -24.57
CA VAL F 606 -11.73 17.93 -24.28
C VAL F 606 -10.48 17.07 -24.40
N TRP F 607 -9.61 17.37 -25.36
CA TRP F 607 -8.35 16.65 -25.48
C TRP F 607 -7.47 16.87 -24.26
N TRP F 608 -7.45 18.11 -23.74
CA TRP F 608 -6.69 18.39 -22.52
C TRP F 608 -7.27 17.64 -21.34
N PHE F 609 -8.59 17.60 -21.21
CA PHE F 609 -9.23 16.84 -20.15
C PHE F 609 -8.96 15.34 -20.30
N PHE F 610 -9.04 14.85 -21.53
CA PHE F 610 -8.74 13.43 -21.77
C PHE F 610 -7.30 13.11 -21.40
N THR F 611 -6.36 13.97 -21.81
CA THR F 611 -4.96 13.77 -21.44
C THR F 611 -4.77 13.75 -19.93
N LEU F 612 -5.44 14.66 -19.22
CA LEU F 612 -5.22 14.78 -17.78
C LEU F 612 -5.63 13.50 -17.04
N ILE F 613 -6.73 12.89 -17.46
CA ILE F 613 -7.18 11.66 -16.82
C ILE F 613 -6.24 10.51 -17.16
N ILE F 614 -5.88 10.35 -18.44
CA ILE F 614 -5.07 9.22 -18.86
C ILE F 614 -3.68 9.27 -18.23
N ILE F 615 -3.05 10.46 -18.22
CA ILE F 615 -1.70 10.55 -17.69
C ILE F 615 -1.70 10.33 -16.19
N SER F 616 -2.70 10.86 -15.48
CA SER F 616 -2.82 10.61 -14.05
C SER F 616 -3.10 9.14 -13.77
N SER F 617 -3.94 8.50 -14.60
CA SER F 617 -4.26 7.09 -14.41
C SER F 617 -3.03 6.21 -14.60
N TYR F 618 -2.22 6.51 -15.63
CA TYR F 618 -0.98 5.76 -15.84
C TYR F 618 -0.07 5.86 -14.62
N THR F 619 0.17 7.08 -14.13
CA THR F 619 1.02 7.26 -12.97
C THR F 619 0.42 6.60 -11.73
N ALA F 620 -0.91 6.70 -11.56
CA ALA F 620 -1.55 6.13 -10.38
C ALA F 620 -1.58 4.61 -10.42
N ASN F 621 -1.69 4.02 -11.62
CA ASN F 621 -1.71 2.57 -11.74
C ASN F 621 -0.31 1.98 -11.77
N LEU F 622 0.70 2.76 -12.16
CA LEU F 622 2.07 2.30 -12.03
C LEU F 622 2.50 2.28 -10.57
N ALA F 623 2.13 3.31 -9.81
CA ALA F 623 2.38 3.32 -8.37
C ALA F 623 1.71 2.14 -7.69
N ALA F 624 0.46 1.86 -8.05
CA ALA F 624 -0.24 0.69 -7.49
C ALA F 624 0.51 -0.59 -7.79
N PHE F 625 1.05 -0.73 -9.01
CA PHE F 625 1.81 -1.93 -9.35
C PHE F 625 3.07 -2.04 -8.50
N LEU F 626 3.86 -0.95 -8.47
CA LEU F 626 5.12 -0.98 -7.74
C LEU F 626 4.91 -1.15 -6.24
N THR F 627 3.78 -0.68 -5.71
CA THR F 627 3.54 -0.78 -4.27
C THR F 627 3.08 -2.16 -3.86
N VAL F 628 2.24 -2.80 -4.68
CA VAL F 628 1.73 -4.12 -4.32
C VAL F 628 2.78 -5.19 -4.58
N GLU F 629 3.64 -5.01 -5.59
CA GLU F 629 4.77 -5.91 -5.76
C GLU F 629 5.80 -5.71 -4.66
N ARG F 630 5.72 -4.60 -3.92
CA ARG F 630 6.62 -4.32 -2.82
C ARG F 630 6.06 -4.80 -1.48
N MET F 631 4.76 -5.10 -1.43
CA MET F 631 4.13 -5.61 -0.21
C MET F 631 4.14 -7.12 -0.13
N VAL F 632 4.39 -7.82 -1.25
CA VAL F 632 4.38 -9.27 -1.26
C VAL F 632 5.34 -9.81 -0.21
N SER F 633 4.88 -10.81 0.55
CA SER F 633 5.70 -11.46 1.58
C SER F 633 5.78 -12.94 1.27
N PRO F 634 6.99 -13.50 1.07
CA PRO F 634 7.11 -14.94 0.87
C PRO F 634 6.64 -15.73 2.08
N ILE F 635 6.00 -16.86 1.82
CA ILE F 635 5.56 -17.74 2.91
C ILE F 635 6.77 -18.37 3.58
N GLU F 636 6.87 -18.22 4.90
CA GLU F 636 7.99 -18.76 5.65
C GLU F 636 7.54 -19.46 6.93
N SER F 637 6.33 -20.00 6.94
CA SER F 637 5.84 -20.73 8.12
C SER F 637 4.73 -21.67 7.71
N ALA F 638 4.47 -22.64 8.59
CA ALA F 638 3.26 -23.46 8.45
C ALA F 638 2.00 -22.65 8.66
N GLU F 639 2.03 -21.72 9.63
CA GLU F 639 0.86 -20.91 9.94
C GLU F 639 0.37 -20.14 8.72
N ASP F 640 1.30 -19.62 7.91
CA ASP F 640 0.92 -18.89 6.71
C ASP F 640 0.12 -19.77 5.76
N LEU F 641 0.56 -21.03 5.57
CA LEU F 641 -0.16 -21.94 4.70
C LEU F 641 -1.56 -22.24 5.24
N ALA F 642 -1.68 -22.40 6.57
CA ALA F 642 -2.97 -22.71 7.17
C ALA F 642 -3.98 -21.59 6.92
N LYS F 643 -3.55 -20.34 7.09
CA LYS F 643 -4.43 -19.21 6.81
C LYS F 643 -4.81 -19.15 5.33
N GLN F 644 -3.85 -19.37 4.44
CA GLN F 644 -4.11 -19.31 3.02
C GLN F 644 -4.97 -20.48 2.57
N THR F 645 -5.81 -20.23 1.55
CA THR F 645 -6.62 -21.27 0.94
C THR F 645 -6.34 -21.44 -0.54
N GLU F 646 -5.38 -20.72 -1.11
CA GLU F 646 -5.08 -20.86 -2.53
C GLU F 646 -4.20 -22.08 -2.78
N ILE F 647 -3.03 -22.12 -2.15
CA ILE F 647 -2.12 -23.25 -2.31
C ILE F 647 -2.60 -24.39 -1.43
N ALA F 648 -2.43 -25.62 -1.90
CA ALA F 648 -2.90 -26.81 -1.18
C ALA F 648 -1.69 -27.58 -0.66
N TYR F 649 -1.46 -27.49 0.65
CA TYR F 649 -0.42 -28.28 1.28
C TYR F 649 -0.76 -29.77 1.20
N GLY F 650 0.28 -30.60 1.13
CA GLY F 650 0.06 -32.02 1.15
C GLY F 650 1.20 -32.88 1.66
N THR F 651 0.83 -33.92 2.41
CA THR F 651 1.77 -34.88 2.98
C THR F 651 1.74 -36.18 2.19
N LEU F 652 2.00 -37.30 2.87
CA LEU F 652 1.91 -38.63 2.31
C LEU F 652 0.89 -39.43 3.13
N ASP F 653 0.62 -40.66 2.68
CA ASP F 653 -0.33 -41.51 3.40
C ASP F 653 0.37 -42.36 4.45
N SER F 654 1.36 -43.16 4.04
CA SER F 654 2.01 -44.12 4.91
C SER F 654 3.29 -43.49 5.46
N GLY F 655 3.28 -43.14 6.73
CA GLY F 655 4.49 -42.71 7.39
C GLY F 655 4.19 -41.72 8.51
N SER F 656 5.29 -41.17 9.05
CA SER F 656 5.20 -40.26 10.19
C SER F 656 4.44 -38.99 9.84
N THR F 657 4.83 -38.32 8.75
CA THR F 657 4.28 -37.02 8.38
C THR F 657 2.75 -36.96 8.40
N LYS F 658 2.07 -38.10 8.30
CA LYS F 658 0.62 -38.09 8.44
C LYS F 658 0.20 -38.30 9.89
N GLU F 659 0.89 -39.18 10.61
CA GLU F 659 0.61 -39.37 12.03
C GLU F 659 0.87 -38.09 12.83
N PHE F 660 1.88 -37.32 12.43
CA PHE F 660 2.24 -36.11 13.17
C PHE F 660 1.07 -35.13 13.22
N PHE F 661 0.42 -34.89 12.08
CA PHE F 661 -0.72 -33.97 12.06
C PHE F 661 -1.94 -34.58 12.73
N ARG F 662 -2.15 -35.89 12.57
CA ARG F 662 -3.31 -36.53 13.17
C ARG F 662 -3.27 -36.43 14.69
N ARG F 663 -2.12 -36.66 15.29
CA ARG F 663 -1.95 -36.63 16.74
C ARG F 663 -1.58 -35.24 17.27
N SER F 664 -1.34 -34.28 16.39
CA SER F 664 -0.91 -32.95 16.82
C SER F 664 -2.00 -32.28 17.66
N LYS F 665 -1.59 -31.73 18.81
CA LYS F 665 -2.47 -30.95 19.66
C LYS F 665 -2.31 -29.45 19.46
N ILE F 666 -1.45 -29.03 18.53
CA ILE F 666 -1.22 -27.61 18.29
C ILE F 666 -2.30 -27.08 17.36
N ALA F 667 -2.88 -25.93 17.72
CA ALA F 667 -3.96 -25.35 16.92
C ALA F 667 -3.48 -25.02 15.51
N VAL F 668 -2.27 -24.48 15.38
CA VAL F 668 -1.74 -24.13 14.07
C VAL F 668 -1.62 -25.36 13.18
N TYR F 669 -1.42 -26.53 13.79
CA TYR F 669 -1.30 -27.78 13.04
C TYR F 669 -2.60 -28.57 13.00
N GLU F 670 -3.46 -28.44 14.01
CA GLU F 670 -4.68 -29.22 14.05
C GLU F 670 -5.60 -28.84 12.88
N LYS F 671 -5.69 -27.55 12.57
CA LYS F 671 -6.56 -27.11 11.50
C LYS F 671 -6.14 -27.70 10.16
N MET F 672 -4.83 -27.75 9.90
CA MET F 672 -4.33 -28.33 8.66
C MET F 672 -4.72 -29.80 8.55
N TRP F 673 -4.61 -30.55 9.66
CA TRP F 673 -4.95 -31.97 9.62
C TRP F 673 -6.43 -32.16 9.30
N THR F 674 -7.29 -31.38 9.96
CA THR F 674 -8.72 -31.41 9.65
C THR F 674 -8.97 -31.26 8.16
N TYR F 675 -8.45 -30.18 7.57
CA TYR F 675 -8.63 -29.90 6.15
C TYR F 675 -8.25 -31.10 5.29
N MET F 676 -7.00 -31.56 5.42
CA MET F 676 -6.48 -32.63 4.58
C MET F 676 -7.30 -33.92 4.70
N ARG F 677 -7.99 -34.12 5.82
CA ARG F 677 -8.71 -35.39 6.02
C ARG F 677 -9.94 -35.46 5.13
N SER F 678 -10.63 -34.34 4.93
CA SER F 678 -11.87 -34.30 4.18
C SER F 678 -11.77 -33.52 2.87
N ALA F 679 -10.61 -32.92 2.58
CA ALA F 679 -10.45 -32.16 1.36
C ALA F 679 -10.51 -33.08 0.14
N GLU F 680 -11.07 -32.56 -0.95
CA GLU F 680 -11.09 -33.29 -2.20
C GLU F 680 -10.64 -32.38 -3.33
N PRO F 681 -9.84 -32.89 -4.28
CA PRO F 681 -9.38 -34.29 -4.37
C PRO F 681 -8.32 -34.61 -3.32
N SER F 682 -8.15 -35.90 -3.01
CA SER F 682 -7.28 -36.34 -1.93
C SER F 682 -5.85 -35.85 -2.13
N VAL F 683 -5.40 -34.95 -1.25
CA VAL F 683 -4.03 -34.47 -1.30
C VAL F 683 -3.06 -35.58 -0.93
N PHE F 684 -3.48 -36.54 -0.12
CA PHE F 684 -2.64 -37.66 0.28
C PHE F 684 -2.12 -38.43 -0.93
N THR F 685 -0.83 -38.29 -1.23
CA THR F 685 -0.18 -39.01 -2.30
C THR F 685 0.32 -40.36 -1.77
N ARG F 686 1.06 -41.09 -2.59
CA ARG F 686 1.49 -42.44 -2.24
C ARG F 686 3.00 -42.60 -2.30
N THR F 687 3.64 -42.19 -3.39
CA THR F 687 5.08 -42.28 -3.56
C THR F 687 5.68 -40.89 -3.46
N THR F 688 6.84 -40.79 -2.82
CA THR F 688 7.55 -39.52 -2.73
C THR F 688 7.84 -38.95 -4.11
N ALA F 689 8.15 -39.82 -5.07
CA ALA F 689 8.42 -39.35 -6.44
C ALA F 689 7.19 -38.69 -7.04
N GLU F 690 5.99 -39.25 -6.80
CA GLU F 690 4.76 -38.63 -7.28
C GLU F 690 4.59 -37.24 -6.68
N GLY F 691 4.75 -37.13 -5.36
CA GLY F 691 4.55 -35.87 -4.66
C GLY F 691 5.44 -34.77 -5.20
N VAL F 692 6.76 -35.02 -5.22
CA VAL F 692 7.72 -34.03 -5.67
C VAL F 692 7.42 -33.58 -7.10
N ALA F 693 6.72 -34.41 -7.88
CA ALA F 693 6.37 -34.03 -9.25
C ALA F 693 5.16 -33.11 -9.26
N ARG F 694 4.15 -33.43 -8.45
CA ARG F 694 2.93 -32.62 -8.38
C ARG F 694 3.27 -31.15 -8.17
N VAL F 695 4.15 -30.86 -7.20
CA VAL F 695 4.49 -29.48 -6.88
C VAL F 695 5.07 -28.78 -8.10
N ARG F 696 5.97 -29.46 -8.82
CA ARG F 696 6.53 -28.88 -10.04
C ARG F 696 5.47 -28.78 -11.14
N LYS F 697 4.65 -29.82 -11.30
CA LYS F 697 3.57 -29.80 -12.29
C LYS F 697 2.30 -29.17 -11.73
N SER F 698 2.44 -27.96 -11.18
CA SER F 698 1.29 -27.20 -10.72
C SER F 698 1.53 -25.69 -10.75
N LYS F 699 2.68 -25.23 -11.23
CA LYS F 699 3.01 -23.80 -11.32
C LYS F 699 2.83 -23.09 -9.99
N GLY F 700 3.59 -23.56 -9.00
CA GLY F 700 3.63 -22.92 -7.69
C GLY F 700 2.31 -22.89 -6.95
N LYS F 701 1.52 -23.96 -7.05
CA LYS F 701 0.23 -24.02 -6.38
C LYS F 701 0.09 -25.20 -5.43
N PHE F 702 1.10 -26.04 -5.30
CA PHE F 702 1.11 -27.12 -4.33
C PHE F 702 2.29 -26.96 -3.37
N ALA F 703 2.10 -27.43 -2.14
CA ALA F 703 3.15 -27.42 -1.13
C ALA F 703 3.27 -28.82 -0.53
N PHE F 704 4.47 -29.38 -0.59
CA PHE F 704 4.72 -30.73 -0.11
C PHE F 704 5.35 -30.69 1.27
N LEU F 705 4.89 -31.55 2.17
CA LEU F 705 5.39 -31.64 3.53
C LEU F 705 6.20 -32.92 3.69
N LEU F 706 7.52 -32.80 3.62
CA LEU F 706 8.42 -33.95 3.71
C LEU F 706 9.57 -33.62 4.66
N GLU F 707 10.51 -34.56 4.76
CA GLU F 707 11.63 -34.40 5.66
C GLU F 707 12.58 -33.30 5.17
N SER F 708 13.22 -32.63 6.11
CA SER F 708 14.14 -31.55 5.76
C SER F 708 15.38 -32.08 5.04
N THR F 709 15.74 -33.34 5.25
CA THR F 709 16.90 -33.91 4.56
C THR F 709 16.58 -34.18 3.10
N MET F 710 15.45 -34.85 2.84
CA MET F 710 15.05 -35.11 1.46
C MET F 710 14.79 -33.81 0.71
N ASN F 711 14.17 -32.84 1.38
CA ASN F 711 13.88 -31.55 0.73
C ASN F 711 15.16 -30.87 0.27
N GLU F 712 16.20 -30.91 1.10
CA GLU F 712 17.45 -30.24 0.76
C GLU F 712 18.22 -30.97 -0.32
N TYR F 713 17.85 -32.22 -0.61
CA TYR F 713 18.44 -32.96 -1.73
C TYR F 713 17.77 -32.57 -3.04
N ILE F 714 16.46 -32.84 -3.14
CA ILE F 714 15.63 -32.45 -4.29
C ILE F 714 15.98 -31.04 -4.75
N GLU F 715 16.01 -30.09 -3.81
CA GLU F 715 16.28 -28.70 -4.15
C GLU F 715 17.60 -28.54 -4.90
N GLN F 716 18.56 -29.43 -4.65
CA GLN F 716 19.88 -29.33 -5.26
C GLN F 716 20.01 -30.23 -6.48
N ARG F 717 18.88 -30.69 -7.02
CA ARG F 717 18.85 -31.52 -8.21
C ARG F 717 18.00 -30.85 -9.28
N LYS F 718 18.32 -31.13 -10.55
CA LYS F 718 17.61 -30.52 -11.65
C LYS F 718 16.17 -31.04 -11.72
N PRO F 719 15.25 -30.29 -12.34
CA PRO F 719 15.41 -29.01 -13.06
C PRO F 719 15.55 -27.78 -12.17
N CYS F 720 15.74 -27.98 -10.87
CA CYS F 720 16.03 -26.89 -9.93
C CYS F 720 14.82 -25.98 -9.74
N ASP F 721 13.62 -26.55 -9.77
CA ASP F 721 12.39 -25.79 -9.61
C ASP F 721 11.76 -25.97 -8.23
N THR F 722 12.52 -26.47 -7.26
CA THR F 722 12.05 -26.59 -5.89
C THR F 722 13.02 -25.88 -4.95
N MET F 723 12.52 -25.52 -3.78
CA MET F 723 13.32 -24.85 -2.77
C MET F 723 12.75 -25.13 -1.39
N LYS F 724 13.56 -24.86 -0.37
CA LYS F 724 13.16 -25.04 1.03
C LYS F 724 12.73 -23.70 1.61
N VAL F 725 11.58 -23.68 2.26
CA VAL F 725 11.03 -22.47 2.87
C VAL F 725 10.65 -22.77 4.31
N GLY F 726 10.59 -21.71 5.11
CA GLY F 726 10.17 -21.84 6.50
C GLY F 726 11.17 -22.63 7.33
N GLY F 727 10.65 -23.29 8.37
CA GLY F 727 11.49 -24.07 9.26
C GLY F 727 10.83 -25.40 9.60
N ASN F 728 11.64 -26.28 10.18
CA ASN F 728 11.17 -27.61 10.55
C ASN F 728 10.02 -27.52 11.53
N LEU F 729 8.94 -28.27 11.27
CA LEU F 729 7.80 -28.31 12.17
C LEU F 729 8.04 -29.19 13.39
N ASP F 730 9.01 -30.10 13.32
CA ASP F 730 9.33 -30.98 14.44
C ASP F 730 10.84 -31.23 14.45
N SER F 731 11.29 -32.03 15.40
CA SER F 731 12.72 -32.33 15.58
C SER F 731 12.88 -33.83 15.74
N LYS F 732 13.40 -34.49 14.71
CA LYS F 732 13.71 -35.91 14.74
C LYS F 732 15.21 -36.10 14.43
N GLY F 733 15.62 -37.36 14.31
CA GLY F 733 17.01 -37.65 14.02
C GLY F 733 17.19 -39.05 13.48
N TYR F 734 18.28 -39.22 12.74
CA TYR F 734 18.67 -40.52 12.22
C TYR F 734 19.81 -41.08 13.07
N GLY F 735 19.62 -42.28 13.58
CA GLY F 735 20.62 -42.91 14.43
C GLY F 735 20.95 -44.32 13.98
N VAL F 736 22.24 -44.63 13.99
CA VAL F 736 22.69 -45.99 13.70
C VAL F 736 22.09 -46.93 14.75
N ALA F 737 21.67 -48.12 14.31
CA ALA F 737 21.02 -49.07 15.20
C ALA F 737 21.78 -50.38 15.21
N THR F 738 21.62 -51.11 16.32
CA THR F 738 22.28 -52.37 16.59
C THR F 738 21.31 -53.25 17.36
N PRO F 739 21.43 -54.58 17.26
CA PRO F 739 20.57 -55.47 18.05
C PRO F 739 20.70 -55.20 19.55
N LYS F 740 19.80 -55.81 20.31
CA LYS F 740 19.87 -55.73 21.77
C LYS F 740 20.80 -56.81 22.32
N GLY F 741 21.54 -56.44 23.37
CA GLY F 741 22.51 -57.34 23.97
C GLY F 741 23.82 -57.42 23.22
N SER F 742 24.03 -56.61 22.20
CA SER F 742 25.24 -56.63 21.42
C SER F 742 26.41 -56.05 22.21
N SER F 743 27.58 -56.02 21.58
CA SER F 743 28.78 -55.44 22.16
C SER F 743 29.27 -54.20 21.41
N LEU F 744 28.73 -53.94 20.22
CA LEU F 744 29.13 -52.79 19.41
C LEU F 744 28.43 -51.51 19.84
N ARG F 745 27.39 -51.60 20.67
CA ARG F 745 26.62 -50.42 21.06
C ARG F 745 27.52 -49.28 21.52
N THR F 746 28.46 -49.56 22.43
CA THR F 746 29.30 -48.48 22.95
C THR F 746 30.34 -48.02 21.93
N PRO F 747 31.11 -48.91 21.26
CA PRO F 747 32.03 -48.41 20.23
C PRO F 747 31.34 -47.65 19.12
N VAL F 748 30.15 -48.08 18.69
CA VAL F 748 29.44 -47.38 17.63
C VAL F 748 28.93 -46.04 18.12
N ASN F 749 28.39 -45.99 19.35
CA ASN F 749 27.87 -44.73 19.88
C ASN F 749 28.98 -43.69 19.99
N LEU F 750 30.15 -44.10 20.47
CA LEU F 750 31.29 -43.17 20.52
C LEU F 750 31.78 -42.82 19.13
N ALA F 751 31.71 -43.77 18.19
CA ALA F 751 32.15 -43.51 16.83
C ALA F 751 31.33 -42.41 16.16
N VAL F 752 30.05 -42.32 16.48
CA VAL F 752 29.22 -41.27 15.89
C VAL F 752 29.46 -39.91 16.56
N LEU F 753 29.94 -39.91 17.81
CA LEU F 753 30.28 -38.64 18.46
C LEU F 753 31.68 -38.16 18.11
N LYS F 754 32.55 -39.07 17.65
CA LYS F 754 33.87 -38.64 17.20
C LYS F 754 33.79 -38.04 15.80
N LEU F 755 32.93 -38.59 14.95
CA LEU F 755 32.82 -38.12 13.58
C LEU F 755 32.07 -36.81 13.49
N SER F 756 31.51 -36.32 14.60
CA SER F 756 30.78 -35.06 14.65
C SER F 756 31.65 -33.92 15.15
N GLU F 757 32.34 -34.11 16.28
CA GLU F 757 33.25 -33.09 16.78
C GLU F 757 34.28 -32.71 15.71
N ALA F 758 34.92 -33.72 15.09
CA ALA F 758 35.89 -33.48 14.04
C ALA F 758 35.27 -32.84 12.80
N GLY F 759 33.95 -32.74 12.73
CA GLY F 759 33.29 -32.17 11.57
C GLY F 759 33.21 -33.10 10.37
N VAL F 760 33.34 -34.41 10.58
CA VAL F 760 33.27 -35.35 9.47
C VAL F 760 31.83 -35.65 9.07
N LEU F 761 30.87 -35.38 9.95
CA LEU F 761 29.46 -35.59 9.60
C LEU F 761 28.90 -34.39 8.84
N ASP F 762 29.49 -33.20 9.03
CA ASP F 762 29.07 -32.05 8.24
C ASP F 762 29.79 -32.00 6.91
N LYS F 763 31.02 -32.53 6.85
CA LYS F 763 31.72 -32.62 5.58
C LYS F 763 31.01 -33.58 4.64
N LEU F 764 30.51 -34.71 5.17
CA LEU F 764 29.80 -35.67 4.36
C LEU F 764 28.42 -35.16 3.97
N LYS F 765 27.81 -34.34 4.82
CA LYS F 765 26.51 -33.76 4.49
C LYS F 765 26.64 -32.74 3.37
N ASN F 766 27.65 -31.87 3.44
CA ASN F 766 27.93 -30.94 2.35
C ASN F 766 28.37 -31.68 1.09
N LYS F 767 29.10 -32.79 1.26
CA LYS F 767 29.64 -33.52 0.10
C LYS F 767 28.52 -34.03 -0.79
N TRP F 768 27.47 -34.60 -0.21
CA TRP F 768 26.42 -35.23 -0.99
C TRP F 768 25.22 -34.33 -1.25
N TRP F 769 24.85 -33.47 -0.30
CA TRP F 769 23.68 -32.64 -0.50
C TRP F 769 23.99 -31.33 -1.21
N TYR F 770 25.26 -31.02 -1.43
CA TYR F 770 25.65 -29.76 -2.06
C TYR F 770 26.77 -29.98 -3.06
N ASP F 771 27.97 -30.28 -2.56
CA ASP F 771 29.17 -30.45 -3.37
C ASP F 771 28.93 -31.28 -4.61
N LYS F 772 28.15 -32.37 -4.48
CA LYS F 772 27.77 -33.21 -5.60
C LYS F 772 26.37 -32.87 -6.11
N GLY F 773 25.98 -31.61 -6.00
CA GLY F 773 24.70 -31.15 -6.51
C GLY F 773 24.77 -30.75 -7.97
N GLU F 774 23.62 -30.30 -8.47
CA GLU F 774 23.49 -29.89 -9.87
C GLU F 774 22.98 -28.46 -10.02
N CYS F 775 22.31 -27.92 -9.01
CA CYS F 775 21.73 -26.57 -9.07
C CYS F 775 22.74 -25.51 -8.65
N GLY F 776 23.91 -25.52 -9.29
CA GLY F 776 24.94 -24.55 -8.99
C GLY F 776 26.28 -25.19 -8.65
N SER F 787 14.73 -2.76 -4.74
CA SER F 787 13.76 -1.72 -4.42
C SER F 787 13.64 -0.71 -5.54
N ALA F 788 14.78 -0.23 -6.03
CA ALA F 788 14.79 0.77 -7.08
C ALA F 788 14.45 0.12 -8.43
N LEU F 789 14.09 0.98 -9.40
CA LEU F 789 13.77 0.50 -10.73
C LEU F 789 15.06 0.24 -11.50
N SER F 790 15.15 -0.92 -12.14
CA SER F 790 16.33 -1.28 -12.91
C SER F 790 16.18 -0.81 -14.35
N LEU F 791 17.29 -0.85 -15.08
CA LEU F 791 17.25 -0.47 -16.49
C LEU F 791 16.47 -1.46 -17.33
N SER F 792 16.32 -2.70 -16.87
CA SER F 792 15.49 -3.67 -17.56
C SER F 792 14.02 -3.29 -17.52
N ASN F 793 13.61 -2.51 -16.51
CA ASN F 793 12.22 -2.09 -16.39
C ASN F 793 11.86 -0.96 -17.33
N VAL F 794 12.85 -0.23 -17.86
CA VAL F 794 12.60 0.90 -18.74
C VAL F 794 13.46 0.73 -20.00
N ALA F 795 13.92 -0.48 -20.26
CA ALA F 795 14.78 -0.73 -21.42
C ALA F 795 14.06 -0.39 -22.71
N GLY F 796 12.76 -0.71 -22.81
CA GLY F 796 12.05 -0.54 -24.06
C GLY F 796 11.92 0.92 -24.49
N VAL F 797 11.63 1.81 -23.54
CA VAL F 797 11.51 3.23 -23.89
C VAL F 797 12.87 3.78 -24.35
N PHE F 798 13.97 3.18 -23.89
CA PHE F 798 15.28 3.57 -24.39
C PHE F 798 15.50 3.10 -25.83
N TYR F 799 14.92 1.95 -26.19
CA TYR F 799 15.06 1.47 -27.57
C TYR F 799 14.20 2.28 -28.52
N ILE F 800 13.03 2.73 -28.07
CA ILE F 800 12.17 3.57 -28.91
C ILE F 800 12.82 4.93 -29.14
N LEU F 801 13.37 5.53 -28.08
CA LEU F 801 14.03 6.82 -28.21
C LEU F 801 15.16 6.78 -29.23
N VAL F 802 16.07 5.81 -29.09
CA VAL F 802 17.19 5.70 -30.02
C VAL F 802 16.68 5.34 -31.41
N GLY F 803 15.66 4.48 -31.48
CA GLY F 803 15.04 4.18 -32.77
C GLY F 803 14.44 5.42 -33.41
N GLY F 804 13.76 6.26 -32.61
CA GLY F 804 13.24 7.50 -33.14
C GLY F 804 14.33 8.46 -33.58
N LEU F 805 15.44 8.50 -32.84
CA LEU F 805 16.57 9.32 -33.25
C LEU F 805 17.14 8.84 -34.59
N GLY F 806 17.31 7.52 -34.74
CA GLY F 806 17.76 6.98 -36.00
C GLY F 806 16.79 7.26 -37.14
N LEU F 807 15.49 7.12 -36.86
CA LEU F 807 14.49 7.39 -37.88
C LEU F 807 14.51 8.86 -38.29
N ALA F 808 14.64 9.76 -37.32
CA ALA F 808 14.72 11.19 -37.63
C ALA F 808 15.93 11.49 -38.50
N MET F 809 17.07 10.88 -38.18
CA MET F 809 18.25 11.05 -39.02
C MET F 809 18.00 10.52 -40.44
N LEU F 810 17.37 9.35 -40.54
CA LEU F 810 17.05 8.81 -41.86
C LEU F 810 16.15 9.78 -42.63
N VAL F 811 15.14 10.34 -41.96
CA VAL F 811 14.21 11.25 -42.63
C VAL F 811 14.93 12.48 -43.14
N ALA F 812 15.77 13.10 -42.29
CA ALA F 812 16.44 14.33 -42.68
C ALA F 812 17.40 14.12 -43.84
N LEU F 813 18.06 12.97 -43.91
CA LEU F 813 18.99 12.72 -45.01
C LEU F 813 18.25 12.50 -46.32
N ILE F 814 17.18 11.70 -46.30
CA ILE F 814 16.42 11.43 -47.52
C ILE F 814 15.98 12.73 -48.17
N GLU F 815 15.44 13.65 -47.38
CA GLU F 815 15.07 14.97 -47.89
C GLU F 815 16.28 15.68 -48.50
N PHE F 816 17.38 15.74 -47.75
CA PHE F 816 18.63 16.31 -48.24
C PHE F 816 19.06 15.71 -49.57
N CYS F 817 19.07 14.39 -49.64
CA CYS F 817 19.45 13.66 -50.88
C CYS F 817 18.52 14.05 -52.03
N TYR F 818 17.21 13.98 -51.82
CA TYR F 818 16.23 14.32 -52.84
C TYR F 818 16.46 15.73 -53.39
N LYS F 819 16.55 16.71 -52.49
CA LYS F 819 16.77 18.08 -52.93
C LYS F 819 18.12 18.24 -53.64
N SER F 820 19.15 17.56 -53.12
CA SER F 820 20.48 17.69 -53.72
C SER F 820 20.49 17.16 -55.15
N ARG F 821 19.87 16.00 -55.37
CA ARG F 821 19.77 15.44 -56.71
C ARG F 821 19.09 16.40 -57.68
N ALA F 822 17.97 16.99 -57.26
CA ALA F 822 17.22 17.90 -58.12
C ALA F 822 18.10 19.01 -58.68
N GLU F 823 18.94 19.61 -57.83
CA GLU F 823 19.91 20.60 -58.30
C GLU F 823 21.12 19.92 -58.93
N THR G 396 13.33 -41.01 47.08
CA THR G 396 13.41 -39.71 46.42
C THR G 396 14.59 -39.65 45.46
N VAL G 397 14.41 -38.95 44.35
CA VAL G 397 15.43 -38.82 43.32
C VAL G 397 16.08 -37.44 43.45
N VAL G 398 17.37 -37.39 43.18
CA VAL G 398 18.16 -36.16 43.25
C VAL G 398 18.35 -35.67 41.82
N VAL G 399 17.56 -34.67 41.41
CA VAL G 399 17.59 -34.14 40.05
C VAL G 399 18.48 -32.91 40.09
N THR G 400 19.78 -33.11 39.85
CA THR G 400 20.70 -31.98 39.75
C THR G 400 20.44 -31.20 38.47
N THR G 401 20.57 -29.88 38.56
CA THR G 401 20.30 -28.99 37.44
C THR G 401 21.13 -27.72 37.62
N ILE G 402 21.07 -26.84 36.63
CA ILE G 402 21.82 -25.59 36.67
C ILE G 402 20.85 -24.42 36.58
N MET G 403 21.23 -23.31 37.19
CA MET G 403 20.40 -22.10 37.24
C MET G 403 20.72 -21.20 36.05
N GLU G 404 20.26 -21.62 34.88
CA GLU G 404 20.47 -20.90 33.63
C GLU G 404 19.13 -20.65 32.97
N SER G 405 18.71 -19.39 32.93
CA SER G 405 17.45 -19.03 32.29
C SER G 405 17.48 -19.40 30.81
N PRO G 406 16.32 -19.64 30.20
CA PRO G 406 15.00 -19.80 30.82
C PRO G 406 14.74 -21.23 31.29
N TYR G 407 15.80 -22.02 31.47
CA TYR G 407 15.64 -23.43 31.79
C TYR G 407 15.26 -23.64 33.25
N VAL G 408 15.89 -22.91 34.17
CA VAL G 408 15.53 -22.93 35.59
C VAL G 408 15.64 -21.50 36.11
N MET G 409 14.50 -20.90 36.43
CA MET G 409 14.46 -19.53 36.95
C MET G 409 13.52 -19.46 38.15
N TYR G 410 13.88 -18.60 39.10
CA TYR G 410 13.10 -18.46 40.32
C TYR G 410 11.74 -17.85 39.99
N LYS G 411 10.73 -18.22 40.79
CA LYS G 411 9.39 -17.68 40.59
C LYS G 411 9.35 -16.22 41.05
N LYS G 412 8.15 -15.63 40.98
CA LYS G 412 7.98 -14.23 41.36
C LYS G 412 8.41 -13.98 42.80
N ASN G 413 8.19 -14.93 43.70
CA ASN G 413 8.49 -14.76 45.11
C ASN G 413 9.58 -15.70 45.60
N HIS G 414 9.57 -16.94 45.14
CA HIS G 414 10.54 -17.99 45.47
C HIS G 414 10.95 -17.99 46.95
N GLU G 415 10.03 -17.63 47.84
CA GLU G 415 10.33 -17.64 49.27
C GLU G 415 9.14 -18.13 50.08
N MET G 416 7.92 -17.77 49.65
CA MET G 416 6.73 -18.29 50.31
C MET G 416 6.61 -19.80 50.10
N PHE G 417 7.12 -20.31 48.98
CA PHE G 417 7.13 -21.74 48.71
C PHE G 417 8.30 -22.40 49.43
N GLU G 418 8.31 -23.73 49.43
CA GLU G 418 9.27 -24.45 50.25
C GLU G 418 9.99 -25.57 49.51
N GLY G 419 9.31 -26.25 48.59
CA GLY G 419 9.89 -27.41 47.92
C GLY G 419 10.45 -27.06 46.55
N ASN G 420 10.27 -27.97 45.60
CA ASN G 420 10.67 -27.73 44.22
C ASN G 420 9.86 -26.65 43.53
N ASP G 421 8.91 -26.03 44.22
CA ASP G 421 8.11 -24.94 43.67
C ASP G 421 8.85 -23.61 43.67
N LYS G 422 10.14 -23.59 44.03
CA LYS G 422 10.92 -22.37 44.01
C LYS G 422 11.63 -22.14 42.68
N TYR G 423 11.36 -22.97 41.68
CA TYR G 423 11.98 -22.84 40.37
C TYR G 423 10.92 -23.00 39.29
N GLU G 424 11.06 -22.22 38.22
CA GLU G 424 10.21 -22.36 37.04
C GLU G 424 11.08 -22.25 35.79
N GLY G 425 10.77 -23.06 34.79
CA GLY G 425 11.51 -23.01 33.55
C GLY G 425 11.23 -24.23 32.71
N TYR G 426 11.88 -24.25 31.55
CA TYR G 426 11.75 -25.41 30.66
C TYR G 426 12.27 -26.67 31.31
N CYS G 427 13.41 -26.58 32.00
CA CYS G 427 13.99 -27.74 32.65
C CYS G 427 13.36 -28.04 34.01
N VAL G 428 12.42 -27.22 34.46
CA VAL G 428 11.68 -27.50 35.68
C VAL G 428 10.36 -28.19 35.37
N ASP G 429 9.67 -27.74 34.31
CA ASP G 429 8.47 -28.41 33.85
C ASP G 429 8.79 -29.78 33.25
N LEU G 430 9.99 -29.92 32.66
CA LEU G 430 10.35 -31.18 32.04
C LEU G 430 10.63 -32.26 33.08
N ALA G 431 11.24 -31.88 34.21
CA ALA G 431 11.53 -32.85 35.26
C ALA G 431 10.23 -33.47 35.78
N SER G 432 9.18 -32.66 35.96
CA SER G 432 7.90 -33.20 36.38
C SER G 432 7.35 -34.17 35.33
N GLU G 433 7.59 -33.88 34.05
CA GLU G 433 7.11 -34.76 32.99
C GLU G 433 7.84 -36.10 33.01
N ILE G 434 9.17 -36.05 33.04
CA ILE G 434 9.98 -37.28 33.02
C ILE G 434 9.71 -38.10 34.27
N ALA G 435 9.35 -37.45 35.38
CA ALA G 435 9.18 -38.16 36.64
C ALA G 435 7.83 -38.89 36.69
N LYS G 436 6.75 -38.19 36.34
CA LYS G 436 5.44 -38.84 36.24
C LYS G 436 5.43 -40.02 35.28
N HIS G 437 6.45 -40.15 34.42
CA HIS G 437 6.54 -41.25 33.47
C HIS G 437 7.24 -42.47 34.05
N ILE G 438 7.86 -42.33 35.23
CA ILE G 438 8.52 -43.44 35.92
C ILE G 438 8.02 -43.59 37.34
N GLY G 439 7.12 -42.72 37.80
CA GLY G 439 6.60 -42.76 39.15
C GLY G 439 7.67 -42.65 40.22
N ILE G 440 8.52 -41.63 40.11
CA ILE G 440 9.64 -41.44 41.03
C ILE G 440 9.54 -40.04 41.62
N LYS G 441 9.64 -39.95 42.94
CA LYS G 441 9.66 -38.66 43.63
C LYS G 441 11.02 -38.00 43.45
N TYR G 442 11.03 -36.73 43.06
CA TYR G 442 12.26 -36.01 42.82
C TYR G 442 12.31 -34.75 43.68
N LYS G 443 13.53 -34.30 43.95
CA LYS G 443 13.77 -33.08 44.73
C LYS G 443 14.96 -32.34 44.14
N ILE G 444 14.70 -31.23 43.45
CA ILE G 444 15.75 -30.47 42.78
C ILE G 444 16.85 -30.14 43.78
N ALA G 445 18.10 -30.45 43.40
CA ALA G 445 19.28 -30.20 44.21
C ALA G 445 20.28 -29.39 43.39
N ILE G 446 20.06 -28.07 43.33
CA ILE G 446 20.89 -27.15 42.56
C ILE G 446 22.37 -27.41 42.85
N VAL G 447 23.12 -27.76 41.80
CA VAL G 447 24.55 -28.02 41.91
C VAL G 447 25.25 -26.83 42.55
N PRO G 448 26.16 -27.03 43.51
CA PRO G 448 26.82 -25.88 44.13
C PRO G 448 27.99 -25.33 43.33
N ASP G 449 28.59 -26.12 42.44
CA ASP G 449 29.72 -25.63 41.65
C ASP G 449 29.28 -24.53 40.68
N GLY G 450 28.12 -24.71 40.05
CA GLY G 450 27.66 -23.79 39.03
C GLY G 450 28.25 -24.00 37.67
N LYS G 451 28.87 -25.15 37.42
CA LYS G 451 29.47 -25.48 36.14
C LYS G 451 28.72 -26.64 35.50
N TYR G 452 28.69 -26.65 34.17
CA TYR G 452 28.06 -27.75 33.46
C TYR G 452 28.88 -29.02 33.60
N GLY G 453 30.02 -29.08 32.91
CA GLY G 453 30.91 -30.23 33.01
C GLY G 453 32.22 -30.03 32.30
N ALA G 454 33.33 -30.39 32.94
CA ALA G 454 34.64 -30.28 32.32
C ALA G 454 35.61 -31.19 33.07
N ARG G 455 36.70 -31.54 32.39
CA ARG G 455 37.74 -32.37 32.96
C ARG G 455 38.94 -31.50 33.30
N ASP G 456 39.32 -31.48 34.58
CA ASP G 456 40.55 -30.80 35.02
C ASP G 456 41.70 -31.79 34.90
N ALA G 457 42.59 -31.56 33.93
CA ALA G 457 43.68 -32.51 33.69
C ALA G 457 44.83 -32.27 34.65
N ASP G 458 44.55 -32.16 35.94
CA ASP G 458 45.56 -32.17 36.98
C ASP G 458 45.38 -33.33 37.95
N THR G 459 44.21 -33.45 38.56
CA THR G 459 43.85 -34.61 39.38
C THR G 459 42.81 -35.49 38.73
N LYS G 460 42.35 -35.16 37.51
CA LYS G 460 41.37 -35.95 36.77
C LYS G 460 40.06 -36.08 37.54
N ILE G 461 39.46 -34.93 37.83
CA ILE G 461 38.16 -34.87 38.49
C ILE G 461 37.20 -34.17 37.53
N TRP G 462 35.92 -34.14 37.89
CA TRP G 462 34.87 -33.58 37.04
C TRP G 462 34.12 -32.51 37.83
N ASN G 463 34.15 -31.28 37.34
CA ASN G 463 33.52 -30.16 38.03
C ASN G 463 32.10 -29.97 37.54
N GLY G 464 31.15 -29.93 38.46
CA GLY G 464 29.78 -29.62 38.13
C GLY G 464 28.89 -30.83 38.07
N MET G 465 27.71 -30.63 37.47
CA MET G 465 26.69 -31.67 37.39
C MET G 465 27.23 -33.01 36.91
N VAL G 466 28.24 -32.99 36.04
CA VAL G 466 28.84 -34.25 35.61
C VAL G 466 29.62 -34.89 36.75
N GLY G 467 30.19 -34.08 37.64
CA GLY G 467 30.87 -34.64 38.80
C GLY G 467 29.91 -35.30 39.78
N GLU G 468 28.73 -34.71 39.97
CA GLU G 468 27.77 -35.23 40.93
C GLU G 468 27.41 -36.68 40.62
N LEU G 469 27.07 -36.96 39.36
CA LEU G 469 26.72 -38.32 38.97
C LEU G 469 27.90 -39.27 39.13
N VAL G 470 29.04 -38.92 38.54
CA VAL G 470 30.24 -39.76 38.57
C VAL G 470 30.64 -40.12 40.00
N TYR G 471 30.33 -39.27 40.96
CA TYR G 471 30.81 -39.43 42.33
C TYR G 471 29.67 -39.62 43.31
N GLY G 472 28.64 -40.36 42.88
CA GLY G 472 27.54 -40.75 43.73
C GLY G 472 26.93 -39.66 44.58
N LYS G 473 26.47 -38.58 43.93
CA LYS G 473 25.76 -37.51 44.62
C LYS G 473 24.37 -37.23 44.05
N ALA G 474 24.10 -37.62 42.81
CA ALA G 474 22.82 -37.38 42.17
C ALA G 474 22.44 -38.61 41.35
N GLU G 475 21.19 -38.64 40.90
CA GLU G 475 20.66 -39.77 40.16
C GLU G 475 20.27 -39.45 38.73
N ILE G 476 20.14 -38.18 38.37
CA ILE G 476 19.80 -37.77 37.02
C ILE G 476 20.15 -36.29 36.90
N ALA G 477 20.47 -35.85 35.69
CA ALA G 477 20.97 -34.50 35.45
C ALA G 477 20.15 -33.80 34.37
N ILE G 478 18.84 -33.70 34.58
CA ILE G 478 17.99 -32.94 33.66
C ILE G 478 18.47 -31.49 33.65
N ALA G 479 18.98 -31.05 32.51
CA ALA G 479 19.58 -29.73 32.38
C ALA G 479 19.94 -29.53 30.91
N PRO G 480 20.20 -28.28 30.49
CA PRO G 480 20.72 -28.06 29.13
C PRO G 480 22.19 -28.47 29.02
N LEU G 481 22.47 -29.74 29.33
CA LEU G 481 23.82 -30.26 29.34
C LEU G 481 24.15 -30.81 27.95
N THR G 482 25.23 -30.30 27.35
CA THR G 482 25.55 -30.67 25.97
C THR G 482 26.15 -32.07 25.92
N ILE G 483 25.75 -32.82 24.89
CA ILE G 483 26.27 -34.16 24.65
C ILE G 483 27.57 -34.08 23.87
N THR G 484 28.64 -34.65 24.41
CA THR G 484 29.94 -34.66 23.76
C THR G 484 30.58 -36.04 23.96
N LEU G 485 31.58 -36.32 23.14
CA LEU G 485 32.26 -37.62 23.21
C LEU G 485 32.95 -37.82 24.56
N VAL G 486 33.62 -36.78 25.06
CA VAL G 486 34.35 -36.91 26.31
C VAL G 486 33.38 -37.17 27.46
N ARG G 487 32.21 -36.53 27.43
CA ARG G 487 31.25 -36.60 28.53
C ARG G 487 30.63 -37.99 28.67
N GLU G 488 30.53 -38.74 27.58
CA GLU G 488 29.89 -40.06 27.63
C GLU G 488 30.85 -41.19 27.95
N GLU G 489 31.99 -40.89 28.57
CA GLU G 489 32.91 -41.92 29.01
C GLU G 489 32.84 -42.13 30.51
N VAL G 490 32.07 -41.31 31.22
CA VAL G 490 31.92 -41.43 32.66
C VAL G 490 30.44 -41.59 32.99
N ILE G 491 29.57 -40.97 32.19
CA ILE G 491 28.12 -41.06 32.38
C ILE G 491 27.47 -41.58 31.11
N ASP G 492 26.13 -41.67 31.14
CA ASP G 492 25.35 -42.18 30.01
C ASP G 492 24.24 -41.18 29.70
N PHE G 493 24.39 -40.44 28.61
CA PHE G 493 23.37 -39.50 28.19
C PHE G 493 22.21 -40.22 27.50
N SER G 494 21.01 -39.68 27.68
CA SER G 494 19.83 -40.16 26.99
C SER G 494 19.70 -39.45 25.64
N LYS G 495 18.64 -39.77 24.90
CA LYS G 495 18.47 -39.19 23.57
C LYS G 495 18.25 -37.68 23.69
N PRO G 496 18.65 -36.91 22.67
CA PRO G 496 18.50 -35.45 22.73
C PRO G 496 17.06 -35.02 22.88
N PHE G 497 16.82 -34.07 23.78
CA PHE G 497 15.50 -33.47 23.95
C PHE G 497 15.38 -32.10 23.28
N MET G 498 16.50 -31.57 22.78
CA MET G 498 16.54 -30.29 22.10
C MET G 498 17.77 -30.29 21.21
N SER G 499 17.60 -29.82 19.98
CA SER G 499 18.71 -29.71 19.03
C SER G 499 19.03 -28.24 18.77
N LEU G 500 20.30 -27.88 18.94
CA LEU G 500 20.75 -26.51 18.80
C LEU G 500 22.01 -26.48 17.94
N GLY G 501 22.45 -25.27 17.60
CA GLY G 501 23.68 -25.10 16.85
C GLY G 501 24.20 -23.68 17.03
N ILE G 502 25.36 -23.43 16.42
CA ILE G 502 25.93 -22.10 16.45
C ILE G 502 25.12 -21.18 15.54
N SER G 503 24.86 -19.96 16.00
CA SER G 503 23.98 -19.04 15.28
C SER G 503 24.51 -17.62 15.42
N ILE G 504 24.34 -16.85 14.34
CA ILE G 504 24.79 -15.47 14.30
C ILE G 504 23.75 -14.58 14.96
N MET G 505 24.19 -13.77 15.93
CA MET G 505 23.34 -12.78 16.58
C MET G 505 23.81 -11.39 16.16
N ILE G 506 22.85 -10.54 15.79
CA ILE G 506 23.13 -9.18 15.35
C ILE G 506 22.11 -8.25 16.00
N LYS G 507 22.23 -6.97 15.70
CA LYS G 507 21.25 -5.97 16.16
C LYS G 507 20.18 -5.80 15.10
N LYS G 508 18.92 -5.76 15.55
CA LYS G 508 17.80 -5.67 14.62
C LYS G 508 17.87 -4.37 13.84
N PRO G 509 17.84 -4.41 12.51
CA PRO G 509 17.95 -3.18 11.72
C PRO G 509 16.89 -2.17 12.11
N GLN G 510 17.31 -0.92 12.20
CA GLN G 510 16.43 0.20 12.50
C GLN G 510 16.29 1.08 11.27
N LYS G 511 15.38 2.05 11.36
CA LYS G 511 15.14 2.94 10.23
C LYS G 511 16.44 3.61 9.81
N SER G 512 16.73 3.54 8.51
CA SER G 512 17.94 4.14 7.97
C SER G 512 17.78 5.66 7.90
N LYS G 513 18.72 6.38 8.49
CA LYS G 513 18.70 7.83 8.40
C LYS G 513 18.79 8.24 6.93
N PRO G 514 17.89 9.09 6.45
CA PRO G 514 17.91 9.47 5.03
C PRO G 514 19.24 10.08 4.64
N GLY G 515 19.73 9.70 3.46
CA GLY G 515 20.97 10.22 2.96
C GLY G 515 20.80 11.56 2.28
N VAL G 516 21.94 12.22 2.04
CA VAL G 516 21.92 13.54 1.40
C VAL G 516 21.18 13.46 0.07
N PHE G 517 21.67 12.62 -0.84
CA PHE G 517 21.10 12.49 -2.18
C PHE G 517 20.13 11.32 -2.27
N SER G 518 19.37 11.08 -1.20
CA SER G 518 18.38 10.02 -1.18
C SER G 518 17.32 10.18 -2.26
N PHE G 519 17.12 11.41 -2.76
CA PHE G 519 16.09 11.68 -3.76
C PHE G 519 16.38 10.96 -5.07
N LEU G 520 17.49 10.25 -5.15
CA LEU G 520 17.88 9.50 -6.34
C LEU G 520 17.59 8.02 -6.20
N ASP G 521 17.10 7.59 -5.04
CA ASP G 521 16.84 6.17 -4.80
C ASP G 521 15.79 5.56 -5.73
N PRO G 522 14.64 6.22 -6.02
CA PRO G 522 13.61 5.56 -6.85
C PRO G 522 14.11 4.99 -8.18
N LEU G 523 15.22 5.49 -8.70
CA LEU G 523 15.80 4.99 -9.93
C LEU G 523 17.22 4.51 -9.69
N ALA G 524 17.63 3.49 -10.43
CA ALA G 524 18.96 2.93 -10.26
C ALA G 524 20.02 3.86 -10.85
N TYR G 525 21.24 3.72 -10.33
CA TYR G 525 22.36 4.51 -10.82
C TYR G 525 22.51 4.37 -12.33
N GLU G 526 22.26 3.17 -12.85
CA GLU G 526 22.34 2.96 -14.30
C GLU G 526 21.33 3.83 -15.05
N ILE G 527 20.11 3.92 -14.53
CA ILE G 527 19.07 4.72 -15.19
C ILE G 527 19.48 6.18 -15.26
N TRP G 528 19.95 6.73 -14.13
CA TRP G 528 20.38 8.13 -14.13
C TRP G 528 21.53 8.35 -15.10
N MET G 529 22.50 7.43 -15.14
CA MET G 529 23.59 7.55 -16.08
C MET G 529 23.09 7.48 -17.52
N CYS G 530 22.17 6.57 -17.82
CA CYS G 530 21.65 6.45 -19.18
C CYS G 530 20.78 7.64 -19.55
N ILE G 531 20.10 8.26 -18.59
CA ILE G 531 19.34 9.47 -18.87
C ILE G 531 20.27 10.59 -19.35
N VAL G 532 21.41 10.75 -18.68
CA VAL G 532 22.39 11.74 -19.11
C VAL G 532 22.87 11.44 -20.52
N PHE G 533 23.16 10.17 -20.82
CA PHE G 533 23.57 9.81 -22.16
C PHE G 533 22.47 10.08 -23.17
N ALA G 534 21.23 9.75 -22.81
CA ALA G 534 20.10 10.03 -23.70
C ALA G 534 19.90 11.52 -23.90
N TYR G 535 20.07 12.31 -22.84
CA TYR G 535 19.98 13.76 -22.96
C TYR G 535 21.00 14.29 -23.97
N ILE G 536 22.26 13.87 -23.84
CA ILE G 536 23.30 14.30 -24.77
C ILE G 536 22.96 13.86 -26.19
N GLY G 537 22.59 12.60 -26.36
CA GLY G 537 22.30 12.09 -27.69
C GLY G 537 21.15 12.81 -28.37
N VAL G 538 20.05 13.00 -27.64
CA VAL G 538 18.88 13.66 -28.20
C VAL G 538 19.22 15.08 -28.63
N SER G 539 19.94 15.82 -27.78
CA SER G 539 20.32 17.20 -28.08
C SER G 539 21.18 17.26 -29.33
N VAL G 540 22.18 16.39 -29.44
CA VAL G 540 23.05 16.38 -30.61
C VAL G 540 22.26 16.05 -31.87
N VAL G 541 21.39 15.04 -31.79
CA VAL G 541 20.59 14.65 -32.96
C VAL G 541 19.66 15.79 -33.36
N LEU G 542 19.02 16.43 -32.37
CA LEU G 542 18.13 17.55 -32.66
C LEU G 542 18.89 18.69 -33.35
N PHE G 543 20.07 19.03 -32.81
CA PHE G 543 20.93 20.01 -33.46
C PHE G 543 21.23 19.61 -34.91
N LEU G 544 21.61 18.35 -35.12
CA LEU G 544 22.00 17.90 -36.44
C LEU G 544 20.86 18.04 -37.44
N VAL G 545 19.71 17.43 -37.13
CA VAL G 545 18.59 17.40 -38.06
C VAL G 545 18.04 18.79 -38.35
N SER G 546 18.36 19.77 -37.51
CA SER G 546 17.79 21.11 -37.65
C SER G 546 18.68 22.08 -38.42
N ARG G 547 20.00 21.94 -38.32
CA ARG G 547 20.92 22.93 -38.88
C ARG G 547 21.89 22.38 -39.91
N PHE G 548 21.83 21.08 -40.24
CA PHE G 548 22.83 20.54 -41.15
C PHE G 548 22.54 20.91 -42.60
N SER G 549 21.28 20.87 -43.01
CA SER G 549 20.94 21.09 -44.41
C SER G 549 21.27 22.53 -44.82
N PRO G 550 22.02 22.73 -45.90
CA PRO G 550 22.24 24.09 -46.40
C PRO G 550 21.09 24.63 -47.22
N TYR G 551 20.12 23.79 -47.57
CA TYR G 551 18.97 24.19 -48.39
C TYR G 551 17.87 24.83 -47.56
N GLU G 552 18.15 25.11 -46.29
CA GLU G 552 17.22 25.79 -45.39
C GLU G 552 17.72 27.14 -44.92
N TRP G 553 19.03 27.34 -44.87
CA TRP G 553 19.60 28.64 -44.49
C TRP G 553 19.38 29.66 -45.59
N GLN G 568 19.12 34.50 -40.89
CA GLN G 568 19.80 33.58 -41.80
C GLN G 568 19.56 32.10 -41.44
N PRO G 569 19.83 31.68 -40.20
CA PRO G 569 19.56 30.29 -39.81
C PRO G 569 18.07 29.99 -39.90
N PRO G 570 17.71 28.78 -40.36
CA PRO G 570 16.28 28.48 -40.54
C PRO G 570 15.49 28.51 -39.24
N ASN G 571 16.13 28.13 -38.13
CA ASN G 571 15.48 28.08 -36.83
C ASN G 571 16.51 28.50 -35.79
N GLU G 572 16.14 28.42 -34.51
CA GLU G 572 17.05 28.73 -33.41
C GLU G 572 17.65 27.49 -32.76
N PHE G 573 17.38 26.30 -33.30
CA PHE G 573 17.86 25.06 -32.69
C PHE G 573 19.34 24.83 -33.01
N GLY G 574 20.18 25.59 -32.31
CA GLY G 574 21.59 25.32 -32.29
C GLY G 574 21.92 24.33 -31.19
N ILE G 575 23.22 24.05 -31.03
CA ILE G 575 23.64 23.05 -30.05
C ILE G 575 23.29 23.53 -28.64
N PHE G 576 23.59 24.80 -28.34
CA PHE G 576 23.26 25.35 -27.03
CA PHE G 576 23.26 25.37 -27.04
C PHE G 576 21.76 25.35 -26.79
N ASN G 577 20.98 25.77 -27.79
CA ASN G 577 19.52 25.80 -27.64
C ASN G 577 18.93 24.40 -27.59
N SER G 578 19.51 23.46 -28.35
CA SER G 578 19.01 22.09 -28.33
C SER G 578 19.17 21.48 -26.94
N LEU G 579 20.30 21.72 -26.29
CA LEU G 579 20.48 21.27 -24.91
C LEU G 579 19.43 21.89 -23.99
N TRP G 580 19.14 23.19 -24.18
CA TRP G 580 18.11 23.84 -23.38
C TRP G 580 16.74 23.23 -23.63
N PHE G 581 16.41 22.96 -24.89
CA PHE G 581 15.12 22.36 -25.23
C PHE G 581 14.96 20.99 -24.56
N SER G 582 15.98 20.14 -24.70
CA SER G 582 15.92 18.80 -24.10
C SER G 582 15.80 18.88 -22.58
N LEU G 583 16.53 19.80 -21.96
CA LEU G 583 16.44 19.96 -20.51
C LEU G 583 15.04 20.38 -20.09
N GLY G 584 14.53 21.46 -20.69
CA GLY G 584 13.18 21.90 -20.38
C GLY G 584 12.13 20.83 -20.62
N ALA G 585 12.26 20.09 -21.72
CA ALA G 585 11.35 18.99 -21.99
C ALA G 585 11.38 17.96 -20.87
N PHE G 586 12.59 17.54 -20.47
CA PHE G 586 12.71 16.52 -19.42
C PHE G 586 12.13 17.01 -18.10
N MET G 587 12.39 18.27 -17.74
CA MET G 587 11.99 18.80 -16.45
C MET G 587 10.52 19.14 -16.35
N GLN G 588 9.73 18.93 -17.41
CA GLN G 588 8.28 19.16 -17.37
C GLN G 588 7.97 20.63 -17.10
N GLN G 589 8.63 21.52 -17.85
CA GLN G 589 8.55 22.95 -17.53
C GLN G 589 7.91 23.76 -18.66
N GLY G 590 8.54 23.86 -19.82
CA GLY G 590 8.02 24.72 -20.84
C GLY G 590 8.59 24.42 -22.21
N CYS G 591 8.56 25.44 -23.08
CA CYS G 591 8.99 25.29 -24.46
C CYS G 591 9.29 26.70 -24.99
N ASP G 592 10.56 27.08 -24.94
CA ASP G 592 10.92 28.38 -25.53
C ASP G 592 10.88 28.32 -27.04
N ILE G 593 11.26 27.18 -27.63
CA ILE G 593 11.23 26.96 -29.07
C ILE G 593 10.82 25.52 -29.31
N SER G 594 10.12 25.30 -30.42
CA SER G 594 9.70 23.96 -30.78
C SER G 594 10.11 23.64 -32.22
N PRO G 595 10.57 22.41 -32.48
CA PRO G 595 10.94 22.05 -33.86
C PRO G 595 9.74 22.09 -34.79
N ARG G 596 9.96 22.63 -35.98
CA ARG G 596 8.91 22.81 -36.98
C ARG G 596 9.05 21.88 -38.17
N SER G 597 10.08 21.02 -38.19
CA SER G 597 10.34 20.13 -39.30
C SER G 597 10.03 18.70 -38.89
N LEU G 598 9.71 17.86 -39.88
CA LEU G 598 9.36 16.48 -39.61
C LEU G 598 10.45 15.76 -38.83
N SER G 599 11.71 15.87 -39.28
CA SER G 599 12.81 15.21 -38.59
C SER G 599 12.95 15.74 -37.17
N GLY G 600 12.95 17.06 -37.01
CA GLY G 600 13.03 17.64 -35.68
C GLY G 600 11.88 17.23 -34.78
N ARG G 601 10.66 17.26 -35.33
CA ARG G 601 9.49 16.88 -34.54
C ARG G 601 9.51 15.42 -34.12
N ILE G 602 10.14 14.55 -34.92
CA ILE G 602 10.33 13.17 -34.51
C ILE G 602 11.19 13.10 -33.25
N VAL G 603 12.29 13.86 -33.24
CA VAL G 603 13.17 13.91 -32.07
C VAL G 603 12.39 14.39 -30.84
N GLY G 604 11.63 15.47 -31.01
CA GLY G 604 10.84 15.98 -29.90
C GLY G 604 9.83 14.97 -29.39
N GLY G 605 9.16 14.27 -30.31
CA GLY G 605 8.10 13.35 -29.89
C GLY G 605 8.61 12.19 -29.07
N VAL G 606 9.69 11.54 -29.52
CA VAL G 606 10.25 10.42 -28.77
C VAL G 606 10.80 10.91 -27.44
N TRP G 607 11.48 12.07 -27.43
CA TRP G 607 11.98 12.62 -26.17
C TRP G 607 10.85 12.95 -25.22
N TRP G 608 9.74 13.49 -25.75
CA TRP G 608 8.58 13.77 -24.91
C TRP G 608 7.97 12.50 -24.35
N PHE G 609 7.97 11.42 -25.14
CA PHE G 609 7.45 10.15 -24.66
C PHE G 609 8.41 9.52 -23.65
N PHE G 610 9.70 9.53 -23.94
CA PHE G 610 10.69 9.01 -23.00
C PHE G 610 10.60 9.73 -21.67
N THR G 611 10.63 11.06 -21.71
CA THR G 611 10.50 11.86 -20.48
C THR G 611 9.27 11.44 -19.68
N LEU G 612 8.10 11.44 -20.31
CA LEU G 612 6.85 11.10 -19.64
C LEU G 612 6.96 9.82 -18.83
N ILE G 613 7.44 8.74 -19.47
CA ILE G 613 7.58 7.46 -18.79
C ILE G 613 8.51 7.58 -17.59
N ILE G 614 9.69 8.19 -17.79
CA ILE G 614 10.68 8.27 -16.73
C ILE G 614 10.16 9.08 -15.55
N ILE G 615 9.53 10.23 -15.81
CA ILE G 615 9.03 11.08 -14.73
C ILE G 615 7.92 10.37 -13.98
N SER G 616 7.02 9.70 -14.69
CA SER G 616 5.97 8.92 -14.04
C SER G 616 6.57 7.78 -13.22
N SER G 617 7.57 7.09 -13.78
CA SER G 617 8.21 5.99 -13.05
C SER G 617 8.85 6.47 -11.76
N TYR G 618 9.55 7.60 -11.80
CA TYR G 618 10.15 8.14 -10.59
C TYR G 618 9.10 8.42 -9.52
N THR G 619 8.04 9.14 -9.89
CA THR G 619 6.97 9.45 -8.94
C THR G 619 6.31 8.18 -8.42
N ALA G 620 6.03 7.23 -9.32
CA ALA G 620 5.37 5.99 -8.90
C ALA G 620 6.26 5.19 -7.95
N ASN G 621 7.55 5.06 -8.29
CA ASN G 621 8.44 4.27 -7.46
C ASN G 621 8.77 4.97 -6.15
N LEU G 622 8.78 6.31 -6.14
CA LEU G 622 8.96 7.04 -4.89
C LEU G 622 7.79 6.82 -3.95
N ALA G 623 6.57 6.81 -4.49
CA ALA G 623 5.39 6.56 -3.66
C ALA G 623 5.43 5.17 -3.05
N ALA G 624 5.89 4.18 -3.81
CA ALA G 624 6.05 2.83 -3.27
C ALA G 624 7.01 2.82 -2.09
N PHE G 625 8.15 3.51 -2.23
CA PHE G 625 9.11 3.59 -1.14
C PHE G 625 8.48 4.19 0.12
N LEU G 626 7.81 5.33 -0.04
CA LEU G 626 7.23 6.03 1.11
C LEU G 626 6.07 5.26 1.73
N THR G 627 5.43 4.37 0.98
CA THR G 627 4.28 3.63 1.51
C THR G 627 4.75 2.41 2.32
N VAL G 628 5.57 1.56 1.71
CA VAL G 628 6.03 0.32 2.34
C VAL G 628 7.49 0.52 2.75
N GLU G 629 7.78 0.24 4.01
CA GLU G 629 9.12 0.43 4.58
C GLU G 629 9.69 -0.94 4.92
N ARG G 630 10.45 -1.51 3.98
CA ARG G 630 11.08 -2.81 4.17
C ARG G 630 12.50 -2.62 4.68
N MET G 631 12.86 -3.37 5.72
CA MET G 631 14.16 -3.25 6.36
C MET G 631 15.10 -4.31 5.78
N VAL G 632 16.33 -3.89 5.49
CA VAL G 632 17.34 -4.77 4.90
C VAL G 632 18.20 -5.36 6.00
N SER G 633 18.33 -6.68 6.00
CA SER G 633 19.21 -7.37 6.95
C SER G 633 20.59 -7.51 6.31
N PRO G 634 21.62 -6.85 6.84
CA PRO G 634 22.95 -6.96 6.22
C PRO G 634 23.48 -8.38 6.18
N ILE G 635 23.10 -9.23 7.13
CA ILE G 635 23.61 -10.58 7.26
C ILE G 635 22.44 -11.54 7.21
N GLU G 636 22.53 -12.54 6.32
CA GLU G 636 21.49 -13.57 6.23
C GLU G 636 22.06 -14.98 6.24
N SER G 637 23.36 -15.14 6.46
CA SER G 637 24.01 -16.45 6.47
C SER G 637 25.45 -16.28 6.94
N ALA G 638 26.10 -17.41 7.21
CA ALA G 638 27.50 -17.39 7.63
C ALA G 638 28.41 -16.91 6.50
N GLU G 639 28.06 -17.24 5.25
CA GLU G 639 28.87 -16.81 4.11
C GLU G 639 28.91 -15.29 4.01
N ASP G 640 27.76 -14.64 4.20
CA ASP G 640 27.71 -13.18 4.16
C ASP G 640 28.57 -12.58 5.27
N LEU G 641 28.75 -13.30 6.37
CA LEU G 641 29.53 -12.81 7.50
C LEU G 641 31.03 -13.02 7.31
N ALA G 642 31.43 -13.83 6.33
CA ALA G 642 32.83 -14.12 6.07
C ALA G 642 33.45 -13.24 5.00
N LYS G 643 32.73 -13.01 3.90
CA LYS G 643 33.27 -12.20 2.81
C LYS G 643 33.49 -10.76 3.27
N GLN G 644 32.57 -10.22 4.06
CA GLN G 644 32.68 -8.86 4.54
C GLN G 644 33.83 -8.72 5.53
N THR G 645 34.28 -7.49 5.72
CA THR G 645 35.39 -7.22 6.63
C THR G 645 35.03 -6.15 7.65
N GLU G 646 34.11 -5.25 7.30
CA GLU G 646 33.76 -4.14 8.17
C GLU G 646 33.07 -4.64 9.44
N ILE G 647 31.95 -5.33 9.29
CA ILE G 647 31.23 -5.88 10.43
C ILE G 647 32.06 -6.99 11.06
N ALA G 648 32.37 -6.85 12.34
CA ALA G 648 33.23 -7.79 13.04
C ALA G 648 32.40 -8.86 13.73
N TYR G 649 33.08 -9.90 14.22
CA TYR G 649 32.39 -11.02 14.84
C TYR G 649 33.36 -11.81 15.68
N GLY G 650 32.85 -12.40 16.76
CA GLY G 650 33.67 -13.20 17.65
C GLY G 650 32.81 -14.05 18.56
N THR G 651 33.48 -14.81 19.42
CA THR G 651 32.81 -15.73 20.34
C THR G 651 33.28 -15.51 21.77
N LEU G 652 32.88 -16.39 22.68
CA LEU G 652 33.34 -16.34 24.05
C LEU G 652 34.81 -16.77 24.12
N ASP G 653 35.46 -16.41 25.23
CA ASP G 653 36.91 -16.66 25.36
C ASP G 653 37.21 -18.16 25.24
N SER G 654 36.57 -18.99 26.07
CA SER G 654 36.82 -20.42 26.01
C SER G 654 35.63 -21.06 25.33
N GLY G 655 34.60 -21.49 26.06
CA GLY G 655 33.39 -22.02 25.49
C GLY G 655 33.65 -23.23 24.60
N SER G 656 32.78 -23.39 23.62
CA SER G 656 32.84 -24.49 22.66
C SER G 656 32.66 -24.03 21.22
N THR G 657 32.03 -22.87 20.99
CA THR G 657 31.96 -22.30 19.65
C THR G 657 33.35 -22.00 19.10
N LYS G 658 34.23 -21.45 19.94
CA LYS G 658 35.58 -21.12 19.47
C LYS G 658 36.33 -22.36 19.03
N GLU G 659 36.21 -23.46 19.78
CA GLU G 659 36.88 -24.69 19.40
C GLU G 659 36.37 -25.25 18.08
N PHE G 660 35.13 -24.91 17.71
CA PHE G 660 34.58 -25.37 16.43
C PHE G 660 35.39 -24.82 15.26
N PHE G 661 35.67 -23.52 15.28
CA PHE G 661 36.41 -22.92 14.16
C PHE G 661 37.87 -23.34 14.15
N ARG G 662 38.44 -23.65 15.33
CA ARG G 662 39.82 -24.11 15.38
C ARG G 662 40.00 -25.41 14.59
N ARG G 663 39.09 -26.35 14.76
CA ARG G 663 39.21 -27.67 14.14
C ARG G 663 38.41 -27.80 12.85
N SER G 664 37.68 -26.77 12.45
CA SER G 664 36.80 -26.86 11.28
C SER G 664 37.63 -26.95 10.00
N LYS G 665 37.39 -28.00 9.21
CA LYS G 665 38.08 -28.19 7.94
C LYS G 665 37.23 -27.76 6.75
N ILE G 666 36.38 -26.76 6.94
CA ILE G 666 35.53 -26.23 5.89
C ILE G 666 36.15 -24.95 5.36
N ALA G 667 35.84 -24.60 4.11
CA ALA G 667 36.35 -23.37 3.53
C ALA G 667 35.77 -22.14 4.22
N VAL G 668 34.44 -22.02 4.21
CA VAL G 668 33.76 -20.86 4.81
C VAL G 668 34.21 -20.66 6.26
N TYR G 669 34.06 -21.70 7.08
CA TYR G 669 34.32 -21.57 8.50
C TYR G 669 35.78 -21.22 8.78
N GLU G 670 36.71 -22.01 8.24
CA GLU G 670 38.13 -21.80 8.55
C GLU G 670 38.58 -20.39 8.16
N LYS G 671 37.98 -19.80 7.13
CA LYS G 671 38.26 -18.42 6.79
C LYS G 671 37.85 -17.48 7.93
N MET G 672 36.72 -17.76 8.58
CA MET G 672 36.28 -16.93 9.69
C MET G 672 37.29 -16.97 10.83
N TRP G 673 37.81 -18.16 11.15
CA TRP G 673 38.77 -18.29 12.24
C TRP G 673 40.00 -17.42 11.99
N THR G 674 40.60 -17.57 10.82
CA THR G 674 41.80 -16.83 10.42
C THR G 674 41.69 -15.35 10.78
N TYR G 675 40.50 -14.78 10.59
CA TYR G 675 40.29 -13.36 10.86
C TYR G 675 40.15 -13.11 12.35
N MET G 676 39.22 -13.81 13.01
CA MET G 676 38.96 -13.61 14.43
C MET G 676 40.22 -13.74 15.27
N ARG G 677 41.12 -14.65 14.88
CA ARG G 677 42.33 -14.88 15.66
C ARG G 677 43.23 -13.66 15.68
N SER G 678 43.66 -13.21 14.50
CA SER G 678 44.55 -12.06 14.38
C SER G 678 43.74 -10.78 14.13
N ALA G 679 42.87 -10.48 15.09
CA ALA G 679 41.97 -9.34 15.00
C ALA G 679 42.16 -8.43 16.20
N GLU G 680 42.40 -7.14 15.94
CA GLU G 680 42.64 -6.20 17.01
C GLU G 680 41.62 -5.07 16.95
N PRO G 681 41.12 -4.59 18.10
CA PRO G 681 41.21 -5.21 19.44
C PRO G 681 40.59 -6.61 19.50
N SER G 682 40.83 -7.31 20.60
CA SER G 682 40.33 -8.67 20.75
C SER G 682 38.81 -8.70 20.63
N VAL G 683 38.31 -9.66 19.84
CA VAL G 683 36.87 -9.82 19.64
C VAL G 683 36.27 -10.85 20.58
N PHE G 684 37.08 -11.70 21.19
CA PHE G 684 36.57 -12.76 22.05
C PHE G 684 36.20 -12.19 23.42
N THR G 685 34.95 -12.38 23.83
CA THR G 685 34.48 -11.90 25.12
C THR G 685 34.67 -12.98 26.18
N ARG G 686 34.42 -12.61 27.43
CA ARG G 686 34.58 -13.51 28.57
C ARG G 686 33.28 -14.20 28.98
N THR G 687 32.18 -13.47 29.03
CA THR G 687 30.89 -14.00 29.44
C THR G 687 29.85 -13.75 28.35
N THR G 688 28.79 -14.56 28.37
CA THR G 688 27.73 -14.41 27.38
C THR G 688 27.06 -13.04 27.49
N ALA G 689 26.81 -12.58 28.71
CA ALA G 689 26.17 -11.28 28.89
C ALA G 689 27.02 -10.16 28.30
N GLU G 690 28.35 -10.29 28.40
CA GLU G 690 29.24 -9.32 27.78
C GLU G 690 29.06 -9.31 26.26
N GLY G 691 29.03 -10.50 25.65
CA GLY G 691 28.90 -10.57 24.20
C GLY G 691 27.60 -9.99 23.71
N VAL G 692 26.49 -10.33 24.37
CA VAL G 692 25.20 -9.72 24.05
C VAL G 692 25.30 -8.21 24.14
N ALA G 693 25.91 -7.71 25.21
CA ALA G 693 26.00 -6.27 25.41
C ALA G 693 26.85 -5.62 24.34
N ARG G 694 27.96 -6.26 23.97
CA ARG G 694 28.79 -5.78 22.87
C ARG G 694 28.05 -5.69 21.55
N VAL G 695 26.88 -6.32 21.44
CA VAL G 695 26.15 -6.33 20.17
C VAL G 695 25.20 -5.15 20.07
N ARG G 696 24.62 -4.72 21.19
CA ARG G 696 23.77 -3.54 21.20
C ARG G 696 24.59 -2.26 21.21
N LYS G 697 25.72 -2.27 21.93
CA LYS G 697 26.57 -1.10 21.99
C LYS G 697 27.20 -0.78 20.64
N SER G 698 27.57 -1.82 19.88
CA SER G 698 28.22 -1.63 18.59
C SER G 698 27.29 -1.09 17.51
N LYS G 699 26.01 -0.95 17.80
CA LYS G 699 25.00 -0.39 16.90
C LYS G 699 24.85 -1.21 15.61
N GLY G 700 25.49 -2.38 15.52
CA GLY G 700 25.33 -3.23 14.37
C GLY G 700 26.62 -3.54 13.63
N LYS G 701 27.76 -3.20 14.23
CA LYS G 701 29.07 -3.51 13.68
C LYS G 701 29.74 -4.66 14.43
N PHE G 702 28.95 -5.56 15.00
CA PHE G 702 29.49 -6.74 15.66
C PHE G 702 28.42 -7.82 15.69
N ALA G 703 28.79 -9.03 15.29
CA ALA G 703 27.90 -10.20 15.36
C ALA G 703 28.46 -11.21 16.35
N PHE G 704 27.64 -11.63 17.30
CA PHE G 704 28.03 -12.64 18.28
C PHE G 704 27.61 -14.02 17.80
N LEU G 705 28.57 -14.94 17.77
CA LEU G 705 28.34 -16.33 17.37
C LEU G 705 28.14 -17.17 18.63
N LEU G 706 26.88 -17.51 18.92
CA LEU G 706 26.53 -18.26 20.12
C LEU G 706 25.55 -19.36 19.75
N GLU G 707 25.17 -20.15 20.76
CA GLU G 707 24.23 -21.25 20.56
C GLU G 707 22.86 -20.71 20.13
N SER G 708 22.18 -21.49 19.29
CA SER G 708 20.90 -21.06 18.74
C SER G 708 19.83 -20.92 19.80
N THR G 709 19.79 -21.85 20.78
CA THR G 709 18.73 -21.82 21.78
C THR G 709 18.77 -20.53 22.59
N MET G 710 19.98 -20.10 23.00
CA MET G 710 20.09 -18.85 23.74
C MET G 710 19.84 -17.66 22.83
N ASN G 711 20.24 -17.75 21.57
CA ASN G 711 19.99 -16.67 20.61
C ASN G 711 18.51 -16.46 20.36
N GLU G 712 17.66 -17.45 20.67
CA GLU G 712 16.22 -17.33 20.48
C GLU G 712 15.51 -17.01 21.79
N TYR G 713 16.27 -16.77 22.87
CA TYR G 713 15.73 -16.27 24.13
C TYR G 713 15.93 -14.78 24.27
N ILE G 714 17.11 -14.28 23.91
CA ILE G 714 17.39 -12.85 23.99
C ILE G 714 16.64 -12.10 22.89
N GLU G 715 16.27 -12.79 21.81
CA GLU G 715 15.48 -12.19 20.74
C GLU G 715 14.05 -11.92 21.16
N GLN G 716 13.59 -12.50 22.27
CA GLN G 716 12.23 -12.32 22.76
C GLN G 716 12.19 -11.55 24.07
N ARG G 717 13.25 -10.82 24.40
CA ARG G 717 13.34 -10.03 25.62
C ARG G 717 13.67 -8.59 25.29
N LYS G 718 13.04 -7.67 26.03
CA LYS G 718 13.26 -6.25 25.80
C LYS G 718 14.73 -5.89 26.07
N PRO G 719 15.27 -4.88 25.37
CA PRO G 719 14.64 -3.86 24.52
C PRO G 719 14.19 -4.35 23.14
N CYS G 720 14.40 -5.64 22.85
CA CYS G 720 13.99 -6.25 21.59
C CYS G 720 14.71 -5.60 20.41
N ASP G 721 16.05 -5.61 20.49
CA ASP G 721 16.89 -5.07 19.43
C ASP G 721 17.86 -6.10 18.85
N THR G 722 17.79 -7.35 19.29
CA THR G 722 18.66 -8.41 18.79
C THR G 722 17.82 -9.54 18.22
N MET G 723 18.28 -10.13 17.13
CA MET G 723 17.60 -11.25 16.50
C MET G 723 18.63 -12.22 15.95
N LYS G 724 18.15 -13.29 15.33
CA LYS G 724 18.98 -14.35 14.76
C LYS G 724 18.86 -14.34 13.25
N VAL G 725 19.99 -14.54 12.58
CA VAL G 725 20.07 -14.54 11.12
C VAL G 725 20.81 -15.79 10.67
N GLY G 726 20.43 -16.30 9.51
CA GLY G 726 21.09 -17.46 8.97
C GLY G 726 20.67 -18.74 9.69
N GLY G 727 21.38 -19.82 9.37
CA GLY G 727 21.09 -21.12 9.92
C GLY G 727 22.21 -21.59 10.82
N ASN G 728 21.98 -22.74 11.46
CA ASN G 728 22.95 -23.29 12.40
C ASN G 728 24.21 -23.72 11.67
N LEU G 729 25.36 -23.31 12.20
CA LEU G 729 26.65 -23.72 11.64
C LEU G 729 27.11 -25.07 12.16
N ASP G 730 26.39 -25.67 13.11
CA ASP G 730 26.82 -26.92 13.72
C ASP G 730 25.59 -27.65 14.25
N SER G 731 25.77 -28.91 14.59
CA SER G 731 24.70 -29.77 15.11
C SER G 731 25.15 -30.34 16.45
N LYS G 732 24.63 -29.78 17.53
CA LYS G 732 24.88 -30.27 18.88
C LYS G 732 23.55 -30.41 19.61
N GLY G 733 23.50 -31.34 20.56
CA GLY G 733 22.26 -31.64 21.23
C GLY G 733 22.32 -31.65 22.75
N TYR G 734 21.35 -30.99 23.39
CA TYR G 734 21.19 -31.12 24.84
C TYR G 734 20.55 -32.45 25.17
N GLY G 735 20.97 -33.04 26.30
CA GLY G 735 20.46 -34.33 26.69
C GLY G 735 20.44 -34.49 28.19
N VAL G 736 19.78 -35.56 28.64
CA VAL G 736 19.64 -35.89 30.05
C VAL G 736 20.69 -36.95 30.39
N ALA G 737 21.42 -36.72 31.48
CA ALA G 737 22.51 -37.59 31.87
C ALA G 737 22.16 -38.34 33.16
N THR G 738 22.64 -39.58 33.25
CA THR G 738 22.47 -40.44 34.40
C THR G 738 23.80 -41.09 34.75
N PRO G 739 24.00 -41.46 36.01
CA PRO G 739 25.24 -42.17 36.37
C PRO G 739 25.37 -43.49 35.61
N LYS G 740 26.61 -43.81 35.23
CA LYS G 740 26.86 -45.02 34.47
C LYS G 740 26.53 -46.26 35.29
N GLY G 741 25.76 -47.17 34.70
CA GLY G 741 25.33 -48.36 35.39
C GLY G 741 24.04 -48.23 36.16
N SER G 742 23.45 -47.04 36.22
CA SER G 742 22.21 -46.85 36.97
C SER G 742 21.05 -47.54 36.27
N SER G 743 20.06 -47.93 37.07
CA SER G 743 18.87 -48.60 36.55
C SER G 743 17.85 -47.63 35.98
N LEU G 744 18.05 -46.33 36.13
CA LEU G 744 17.14 -45.32 35.61
C LEU G 744 17.55 -44.83 34.23
N ARG G 745 18.56 -45.44 33.62
CA ARG G 745 18.99 -45.02 32.28
C ARG G 745 17.90 -45.28 31.25
N THR G 746 17.50 -46.55 31.10
CA THR G 746 16.49 -46.90 30.09
C THR G 746 15.15 -46.21 30.34
N PRO G 747 14.58 -46.19 31.55
CA PRO G 747 13.29 -45.48 31.73
C PRO G 747 13.35 -44.02 31.35
N VAL G 748 14.46 -43.33 31.63
CA VAL G 748 14.60 -41.94 31.24
C VAL G 748 14.70 -41.82 29.72
N ASN G 749 15.39 -42.76 29.08
CA ASN G 749 15.54 -42.73 27.64
C ASN G 749 14.18 -42.81 26.94
N LEU G 750 13.26 -43.59 27.50
CA LEU G 750 11.95 -43.75 26.87
C LEU G 750 11.00 -42.63 27.26
N ALA G 751 11.22 -42.01 28.44
CA ALA G 751 10.40 -40.87 28.81
C ALA G 751 10.67 -39.67 27.92
N VAL G 752 11.95 -39.39 27.64
CA VAL G 752 12.29 -38.28 26.76
C VAL G 752 11.76 -38.51 25.36
N LEU G 753 11.93 -39.74 24.85
CA LEU G 753 11.52 -40.04 23.48
C LEU G 753 10.01 -39.96 23.32
N LYS G 754 9.26 -40.44 24.33
CA LYS G 754 7.80 -40.38 24.26
C LYS G 754 7.29 -38.95 24.21
N LEU G 755 7.86 -38.07 25.04
CA LEU G 755 7.43 -36.68 25.06
C LEU G 755 7.70 -35.96 23.76
N SER G 756 8.68 -36.41 22.98
CA SER G 756 8.95 -35.78 21.69
C SER G 756 7.90 -36.16 20.65
N GLU G 757 7.54 -37.44 20.58
CA GLU G 757 6.50 -37.87 19.65
C GLU G 757 5.15 -37.26 20.02
N ALA G 758 4.84 -37.20 21.32
CA ALA G 758 3.57 -36.62 21.75
C ALA G 758 3.48 -35.15 21.38
N GLY G 759 4.58 -34.41 21.54
CA GLY G 759 4.59 -32.99 21.25
C GLY G 759 4.79 -32.11 22.47
N VAL G 760 5.06 -32.68 23.64
CA VAL G 760 5.24 -31.87 24.84
C VAL G 760 6.53 -31.06 24.75
N LEU G 761 7.62 -31.69 24.28
CA LEU G 761 8.89 -30.99 24.20
C LEU G 761 8.84 -29.79 23.26
N ASP G 762 7.94 -29.81 22.29
CA ASP G 762 7.78 -28.65 21.41
C ASP G 762 6.84 -27.62 22.02
N LYS G 763 5.80 -28.06 22.73
CA LYS G 763 4.92 -27.14 23.43
C LYS G 763 5.66 -26.43 24.56
N LEU G 764 6.52 -27.15 25.28
CA LEU G 764 7.26 -26.54 26.38
C LEU G 764 8.18 -25.43 25.87
N LYS G 765 8.87 -25.67 24.75
CA LYS G 765 9.77 -24.66 24.22
C LYS G 765 9.02 -23.39 23.83
N ASN G 766 7.94 -23.54 23.07
CA ASN G 766 7.15 -22.38 22.66
C ASN G 766 6.54 -21.66 23.84
N LYS G 767 6.34 -22.35 24.96
CA LYS G 767 5.74 -21.70 26.13
C LYS G 767 6.74 -20.78 26.82
N TRP G 768 7.97 -21.24 27.00
CA TRP G 768 8.99 -20.50 27.74
C TRP G 768 9.88 -19.66 26.84
N TRP G 769 9.64 -19.64 25.53
CA TRP G 769 10.42 -18.83 24.62
C TRP G 769 9.61 -17.74 23.92
N TYR G 770 8.36 -18.03 23.58
CA TYR G 770 7.52 -17.10 22.83
C TYR G 770 6.29 -16.64 23.61
N ASP G 771 5.60 -17.56 24.29
CA ASP G 771 4.45 -17.16 25.10
C ASP G 771 4.86 -16.21 26.22
N LYS G 772 5.98 -16.50 26.88
CA LYS G 772 6.55 -15.61 27.89
C LYS G 772 7.45 -14.54 27.29
N GLY G 773 7.32 -14.26 26.00
CA GLY G 773 8.16 -13.29 25.35
C GLY G 773 7.72 -11.87 25.62
N GLU G 774 8.49 -10.92 25.08
CA GLU G 774 8.20 -9.51 25.28
C GLU G 774 8.31 -8.68 24.01
N CYS G 775 8.60 -9.29 22.86
CA CYS G 775 8.73 -8.57 21.60
C CYS G 775 7.46 -8.63 20.75
N GLY G 776 6.98 -9.85 20.47
CA GLY G 776 5.77 -10.02 19.68
C GLY G 776 6.02 -10.61 18.30
N THR G 786 3.23 6.48 8.25
CA THR G 786 3.73 7.44 7.29
C THR G 786 3.78 8.85 7.87
N SER G 787 4.99 9.42 7.88
CA SER G 787 5.24 10.75 8.41
C SER G 787 5.56 11.70 7.27
N ALA G 788 5.34 12.98 7.52
CA ALA G 788 5.65 14.00 6.52
C ALA G 788 7.14 14.01 6.21
N LEU G 789 7.47 14.21 4.94
CA LEU G 789 8.87 14.23 4.54
C LEU G 789 9.61 15.34 5.26
N SER G 790 10.80 15.04 5.74
CA SER G 790 11.62 16.01 6.47
C SER G 790 12.63 16.65 5.54
N LEU G 791 13.26 17.73 6.03
CA LEU G 791 14.31 18.38 5.27
C LEU G 791 15.46 17.43 4.98
N SER G 792 15.68 16.45 5.87
CA SER G 792 16.75 15.48 5.66
C SER G 792 16.47 14.57 4.48
N ASN G 793 15.22 14.48 4.01
CA ASN G 793 14.91 13.66 2.85
C ASN G 793 15.25 14.37 1.55
N VAL G 794 15.10 15.70 1.51
CA VAL G 794 15.33 16.49 0.32
C VAL G 794 16.49 17.47 0.52
N ALA G 795 17.38 17.19 1.48
CA ALA G 795 18.48 18.11 1.76
C ALA G 795 19.45 18.22 0.59
N GLY G 796 19.63 17.13 -0.16
CA GLY G 796 20.63 17.14 -1.22
C GLY G 796 20.26 18.05 -2.38
N VAL G 797 18.97 18.07 -2.76
CA VAL G 797 18.55 18.91 -3.86
C VAL G 797 18.70 20.39 -3.48
N PHE G 798 18.49 20.73 -2.20
CA PHE G 798 18.73 22.10 -1.75
C PHE G 798 20.20 22.48 -1.91
N TYR G 799 21.11 21.58 -1.54
CA TYR G 799 22.53 21.83 -1.73
C TYR G 799 22.87 22.00 -3.21
N ILE G 800 22.28 21.16 -4.08
CA ILE G 800 22.52 21.28 -5.51
C ILE G 800 22.00 22.62 -6.03
N LEU G 801 20.81 23.03 -5.57
CA LEU G 801 20.26 24.31 -5.98
C LEU G 801 21.16 25.47 -5.59
N VAL G 802 21.59 25.50 -4.32
CA VAL G 802 22.42 26.60 -3.86
C VAL G 802 23.79 26.55 -4.53
N GLY G 803 24.30 25.33 -4.77
CA GLY G 803 25.53 25.20 -5.54
C GLY G 803 25.37 25.72 -6.97
N GLY G 804 24.23 25.41 -7.59
CA GLY G 804 23.96 25.96 -8.91
C GLY G 804 23.84 27.47 -8.91
N LEU G 805 23.24 28.03 -7.86
CA LEU G 805 23.13 29.48 -7.76
C LEU G 805 24.49 30.14 -7.55
N GLY G 806 25.40 29.45 -6.87
CA GLY G 806 26.75 29.96 -6.69
C GLY G 806 27.59 29.81 -7.93
N LEU G 807 27.42 28.70 -8.64
CA LEU G 807 28.12 28.49 -9.90
C LEU G 807 27.72 29.53 -10.93
N ALA G 808 26.42 29.82 -11.04
CA ALA G 808 25.95 30.81 -11.99
C ALA G 808 26.52 32.19 -11.68
N MET G 809 26.55 32.57 -10.40
CA MET G 809 27.17 33.84 -10.02
C MET G 809 28.65 33.87 -10.40
N LEU G 810 29.36 32.77 -10.14
CA LEU G 810 30.77 32.69 -10.54
C LEU G 810 30.91 32.81 -12.06
N VAL G 811 30.11 32.07 -12.81
CA VAL G 811 30.18 32.11 -14.27
C VAL G 811 29.90 33.51 -14.79
N ALA G 812 28.84 34.14 -14.27
CA ALA G 812 28.48 35.49 -14.72
C ALA G 812 29.61 36.48 -14.46
N LEU G 813 30.19 36.44 -13.26
CA LEU G 813 31.23 37.40 -12.91
C LEU G 813 32.52 37.15 -13.68
N ILE G 814 32.77 35.90 -14.10
CA ILE G 814 33.96 35.63 -14.91
C ILE G 814 33.84 36.29 -16.28
N GLU G 815 32.66 36.20 -16.90
CA GLU G 815 32.44 36.90 -18.16
C GLU G 815 32.60 38.41 -18.00
N PHE G 816 32.00 38.96 -16.94
CA PHE G 816 32.14 40.38 -16.62
C PHE G 816 33.60 40.77 -16.42
N CYS G 817 34.35 39.92 -15.73
CA CYS G 817 35.79 40.14 -15.49
C CYS G 817 36.56 40.10 -16.82
N TYR G 818 36.20 39.21 -17.73
CA TYR G 818 36.88 39.10 -19.01
C TYR G 818 36.61 40.33 -19.88
N LYS G 819 35.33 40.67 -20.00
CA LYS G 819 34.95 41.82 -20.83
C LYS G 819 35.56 43.11 -20.30
N SER G 820 35.58 43.28 -18.99
CA SER G 820 36.15 44.50 -18.41
C SER G 820 37.62 44.68 -18.79
N ARG G 821 38.40 43.59 -18.70
CA ARG G 821 39.80 43.65 -19.08
C ARG G 821 39.95 44.06 -20.54
N ALA G 822 39.30 43.33 -21.44
CA ALA G 822 39.32 43.60 -22.88
C ALA G 822 39.34 45.09 -23.21
N GLU G 823 38.30 45.81 -22.80
CA GLU G 823 38.18 47.22 -23.13
C GLU G 823 38.65 48.11 -21.98
N GLY H 7 20.37 59.07 -3.04
CA GLY H 7 19.91 59.73 -1.84
C GLY H 7 19.09 58.81 -0.94
N VAL H 8 17.86 58.52 -1.36
CA VAL H 8 17.03 57.58 -0.61
C VAL H 8 17.53 56.17 -0.78
N GLN H 9 17.66 55.71 -2.04
CA GLN H 9 18.12 54.35 -2.33
C GLN H 9 19.38 54.01 -1.56
N MET H 10 20.28 54.98 -1.39
CA MET H 10 21.49 54.73 -0.61
C MET H 10 21.17 54.56 0.87
N LEU H 11 20.18 55.32 1.37
CA LEU H 11 19.82 55.21 2.79
C LEU H 11 19.17 53.87 3.08
N LEU H 12 18.20 53.47 2.25
CA LEU H 12 17.50 52.21 2.45
C LEU H 12 18.41 51.00 2.30
N THR H 13 19.62 51.19 1.79
CA THR H 13 20.61 50.12 1.71
C THR H 13 21.51 50.10 2.93
N ILE H 14 21.91 51.27 3.42
CA ILE H 14 22.73 51.33 4.63
C ILE H 14 21.92 50.83 5.84
N VAL H 15 20.67 51.29 5.95
CA VAL H 15 19.82 50.83 7.05
C VAL H 15 19.55 49.33 6.93
N GLY H 16 19.21 48.89 5.72
CA GLY H 16 18.95 47.47 5.52
C GLY H 16 20.17 46.60 5.77
N ALA H 17 21.37 47.12 5.48
CA ALA H 17 22.58 46.33 5.71
C ALA H 17 22.88 46.20 7.19
N PHE H 18 22.73 47.30 7.94
CA PHE H 18 22.91 47.24 9.39
C PHE H 18 21.89 46.31 10.03
N ALA H 19 20.62 46.42 9.61
CA ALA H 19 19.57 45.53 10.13
C ALA H 19 19.94 44.06 9.92
N ALA H 20 20.35 43.70 8.70
CA ALA H 20 20.69 42.32 8.41
C ALA H 20 21.91 41.87 9.21
N PHE H 21 22.95 42.70 9.26
CA PHE H 21 24.12 42.37 10.07
C PHE H 21 23.76 42.20 11.54
N SER H 22 22.96 43.12 12.08
CA SER H 22 22.57 43.02 13.48
C SER H 22 21.71 41.79 13.73
N LEU H 23 20.76 41.51 12.83
CA LEU H 23 19.89 40.36 13.01
C LEU H 23 20.66 39.04 12.98
N MET H 24 21.71 38.97 12.17
CA MET H 24 22.47 37.72 12.05
C MET H 24 23.47 37.56 13.19
N THR H 25 24.07 38.66 13.65
CA THR H 25 24.97 38.59 14.79
C THR H 25 24.22 38.16 16.05
N ILE H 26 23.07 38.81 16.31
CA ILE H 26 22.28 38.46 17.48
C ILE H 26 21.90 36.98 17.46
N ALA H 27 21.40 36.51 16.31
CA ALA H 27 21.03 35.10 16.17
C ALA H 27 22.20 34.17 16.51
N VAL H 28 23.33 34.35 15.80
CA VAL H 28 24.51 33.53 16.04
C VAL H 28 24.94 33.56 17.50
N GLY H 29 24.72 34.67 18.18
CA GLY H 29 25.18 34.78 19.56
C GLY H 29 24.14 34.40 20.61
N THR H 30 22.87 34.45 20.26
CA THR H 30 21.81 34.10 21.19
C THR H 30 21.54 32.60 21.17
N ASP H 31 20.84 32.13 22.19
CA ASP H 31 20.61 30.70 22.42
C ASP H 31 19.12 30.37 22.43
N TYR H 32 18.35 31.06 21.60
CA TYR H 32 16.94 30.74 21.44
C TYR H 32 16.64 30.31 20.01
N TRP H 33 17.37 29.31 19.54
CA TRP H 33 17.18 28.75 18.20
C TRP H 33 16.16 27.61 18.20
N LEU H 34 16.03 26.87 19.30
CA LEU H 34 15.16 25.71 19.34
C LEU H 34 14.68 25.49 20.77
N TYR H 35 13.41 25.13 20.89
CA TYR H 35 12.81 24.73 22.17
C TYR H 35 12.52 23.25 22.10
N SER H 36 13.23 22.46 22.91
CA SER H 36 13.11 21.01 22.87
C SER H 36 13.23 20.47 24.30
N ARG H 37 13.14 19.15 24.42
CA ARG H 37 13.23 18.46 25.70
C ARG H 37 14.54 17.70 25.74
N GLY H 38 15.48 18.16 26.56
CA GLY H 38 16.75 17.49 26.69
C GLY H 38 17.40 17.79 28.02
N VAL H 39 18.66 17.36 28.13
CA VAL H 39 19.45 17.50 29.35
C VAL H 39 20.36 18.72 29.20
N CYS H 40 20.54 19.46 30.28
CA CYS H 40 21.41 20.63 30.29
C CYS H 40 22.52 20.54 31.33
N LYS H 41 22.65 19.42 32.02
CA LYS H 41 23.69 19.24 33.04
C LYS H 41 24.16 17.79 32.99
N THR H 42 25.39 17.57 32.56
CA THR H 42 25.94 16.23 32.45
C THR H 42 27.40 16.19 32.90
N GLU H 56 14.72 14.07 30.84
CA GLU H 56 14.59 15.10 29.81
C GLU H 56 13.61 16.19 30.26
N VAL H 57 14.09 17.42 30.33
CA VAL H 57 13.28 18.56 30.75
C VAL H 57 13.29 19.60 29.63
N MET H 58 12.25 20.42 29.61
CA MET H 58 12.14 21.51 28.64
C MET H 58 13.39 22.38 28.66
N THR H 59 13.95 22.61 27.48
CA THR H 59 15.18 23.39 27.33
C THR H 59 15.06 24.31 26.14
N HIS H 60 16.03 25.23 26.03
CA HIS H 60 16.19 26.05 24.85
C HIS H 60 17.66 26.00 24.44
N SER H 61 17.91 25.87 23.14
CA SER H 61 19.26 25.69 22.64
C SER H 61 19.50 26.61 21.45
N GLY H 62 20.77 26.97 21.25
CA GLY H 62 21.17 27.77 20.13
C GLY H 62 22.18 27.04 19.26
N LEU H 63 23.19 27.75 18.78
CA LEU H 63 24.25 27.13 18.00
C LEU H 63 25.42 26.66 18.84
N TRP H 64 25.50 27.09 20.09
CA TRP H 64 26.63 26.77 20.96
C TRP H 64 26.22 26.13 22.27
N ARG H 65 25.12 26.58 22.89
CA ARG H 65 24.76 26.18 24.23
C ARG H 65 23.31 25.72 24.29
N THR H 66 23.02 24.88 25.28
CA THR H 66 21.67 24.44 25.60
C THR H 66 21.39 24.73 27.07
N CYS H 67 20.25 25.38 27.34
CA CYS H 67 19.96 25.90 28.67
C CYS H 67 18.56 25.46 29.08
N CYS H 68 18.39 25.21 30.39
CA CYS H 68 17.14 24.68 30.92
C CYS H 68 16.17 25.80 31.31
N LEU H 69 14.90 25.60 31.01
CA LEU H 69 13.84 26.57 31.28
C LEU H 69 12.84 26.07 32.32
N GLU H 70 13.28 25.26 33.28
CA GLU H 70 12.38 24.62 34.22
C GLU H 70 12.42 25.21 35.62
N GLY H 71 13.61 25.31 36.22
CA GLY H 71 13.72 25.80 37.58
C GLY H 71 14.70 25.00 38.42
N ASN H 72 14.65 23.68 38.30
CA ASN H 72 15.63 22.84 38.99
C ASN H 72 17.05 23.24 38.61
N PHE H 73 17.27 23.58 37.33
CA PHE H 73 18.53 24.02 36.77
C PHE H 73 18.33 25.23 35.86
N LYS H 74 17.37 26.09 36.19
CA LYS H 74 17.04 27.23 35.33
C LYS H 74 18.23 28.16 35.20
N GLY H 75 18.55 28.52 33.96
CA GLY H 75 19.66 29.39 33.66
C GLY H 75 20.98 28.67 33.45
N LEU H 76 21.16 27.50 34.07
CA LEU H 76 22.38 26.74 33.91
C LEU H 76 22.53 26.28 32.46
N CYS H 77 23.53 26.81 31.78
CA CYS H 77 23.77 26.50 30.38
C CYS H 77 24.89 25.49 30.23
N LYS H 78 24.88 24.76 29.12
CA LYS H 78 25.88 23.74 28.84
C LYS H 78 26.22 23.75 27.36
N GLN H 79 27.50 23.58 27.05
CA GLN H 79 27.93 23.48 25.67
C GLN H 79 27.30 22.27 25.00
N ILE H 80 26.70 22.49 23.83
CA ILE H 80 26.10 21.39 23.07
C ILE H 80 27.20 20.41 22.67
N ASP H 81 26.92 19.12 22.87
CA ASP H 81 27.82 18.05 22.43
C ASP H 81 27.49 17.73 20.98
N HIS H 82 28.40 18.06 20.07
CA HIS H 82 28.15 17.92 18.65
C HIS H 82 28.58 16.56 18.10
N PHE H 83 29.31 15.77 18.88
CA PHE H 83 29.81 14.46 18.44
C PHE H 83 29.48 13.41 19.50
N PRO H 84 28.20 13.06 19.65
CA PRO H 84 27.80 12.06 20.65
C PRO H 84 28.33 10.67 20.33
N GLU H 90 26.53 4.30 14.61
CA GLU H 90 27.99 4.40 14.57
C GLU H 90 28.44 5.52 13.63
N ALA H 91 27.47 6.08 12.90
CA ALA H 91 27.70 7.17 11.96
C ALA H 91 28.64 6.73 10.82
N ASP H 92 29.10 7.70 10.03
CA ASP H 92 29.98 7.43 8.90
C ASP H 92 30.51 8.76 8.38
N THR H 93 31.53 8.68 7.53
CA THR H 93 32.11 9.88 6.92
C THR H 93 31.03 10.77 6.31
N ALA H 94 30.01 10.17 5.71
CA ALA H 94 28.90 10.96 5.16
C ALA H 94 28.23 11.80 6.24
N GLU H 95 28.01 11.22 7.42
CA GLU H 95 27.34 11.92 8.50
C GLU H 95 28.34 12.59 9.45
N TYR H 96 29.63 12.58 9.10
CA TYR H 96 30.64 13.26 9.88
C TYR H 96 30.86 14.69 9.38
N PHE H 97 30.86 14.88 8.06
CA PHE H 97 31.09 16.20 7.50
C PHE H 97 29.97 17.16 7.93
N LEU H 98 28.73 16.67 7.93
CA LEU H 98 27.60 17.50 8.36
C LEU H 98 27.79 17.98 9.79
N ARG H 99 28.07 17.03 10.70
CA ARG H 99 28.33 17.39 12.09
C ARG H 99 29.48 18.38 12.20
N ALA H 100 30.58 18.12 11.49
CA ALA H 100 31.71 19.04 11.49
C ALA H 100 31.28 20.44 11.08
N VAL H 101 30.46 20.54 10.03
CA VAL H 101 30.02 21.85 9.55
C VAL H 101 29.04 22.46 10.55
N ARG H 102 28.15 21.64 11.12
CA ARG H 102 27.20 22.12 12.12
C ARG H 102 27.91 22.56 13.40
N ALA H 103 28.93 21.79 13.82
CA ALA H 103 29.65 22.15 15.03
C ALA H 103 30.40 23.47 14.87
N SER H 104 31.03 23.67 13.72
CA SER H 104 31.77 24.92 13.50
C SER H 104 30.85 26.08 13.19
N SER H 105 29.69 25.80 12.57
CA SER H 105 28.74 26.83 12.15
C SER H 105 29.39 27.86 11.23
N ILE H 106 30.23 27.39 10.31
CA ILE H 106 30.91 28.31 9.39
C ILE H 106 29.91 29.09 8.55
N PHE H 107 28.87 28.41 8.05
CA PHE H 107 27.90 29.08 7.19
C PHE H 107 27.14 30.19 7.91
N PRO H 108 26.57 29.98 9.10
CA PRO H 108 26.05 31.13 9.85
C PRO H 108 27.09 32.21 10.09
N ILE H 109 28.33 31.83 10.38
CA ILE H 109 29.38 32.82 10.65
C ILE H 109 29.90 33.42 9.34
N LEU H 110 29.87 32.65 8.24
CA LEU H 110 30.28 33.21 6.95
C LEU H 110 29.30 34.29 6.49
N SER H 111 28.01 34.07 6.69
CA SER H 111 27.01 35.10 6.43
C SER H 111 27.33 36.37 7.21
N VAL H 112 27.69 36.23 8.49
CA VAL H 112 28.04 37.39 9.30
C VAL H 112 29.26 38.11 8.72
N ILE H 113 30.23 37.34 8.22
CA ILE H 113 31.41 37.94 7.62
C ILE H 113 31.08 38.52 6.25
N LEU H 114 30.21 37.84 5.50
CA LEU H 114 29.82 38.34 4.19
C LEU H 114 28.92 39.57 4.29
N LEU H 115 28.12 39.66 5.36
CA LEU H 115 27.30 40.85 5.57
C LEU H 115 28.14 42.02 6.04
N PHE H 116 29.18 41.76 6.83
CA PHE H 116 30.08 42.83 7.24
C PHE H 116 30.87 43.37 6.05
N MET H 117 31.34 42.48 5.17
CA MET H 117 32.09 42.92 4.00
C MET H 117 31.20 43.73 3.05
N GLY H 118 29.93 43.32 2.91
CA GLY H 118 29.02 44.10 2.10
C GLY H 118 28.78 45.50 2.63
N GLY H 119 28.66 45.62 3.96
CA GLY H 119 28.47 46.93 4.55
C GLY H 119 29.71 47.82 4.44
N LEU H 120 30.89 47.22 4.49
CA LEU H 120 32.12 47.99 4.28
C LEU H 120 32.17 48.57 2.88
N CYS H 121 31.68 47.83 1.88
CA CYS H 121 31.70 48.32 0.51
C CYS H 121 30.78 49.53 0.33
N ILE H 122 29.67 49.59 1.06
CA ILE H 122 28.77 50.73 0.92
C ILE H 122 29.41 51.98 1.50
N ALA H 123 30.12 51.85 2.63
CA ALA H 123 30.88 52.96 3.16
C ALA H 123 31.97 53.42 2.18
N ALA H 124 32.76 52.46 1.68
CA ALA H 124 33.82 52.79 0.73
C ALA H 124 33.27 53.51 -0.50
N SER H 125 32.08 53.09 -0.96
CA SER H 125 31.44 53.74 -2.10
C SER H 125 31.31 55.25 -1.87
N GLU H 126 30.87 55.64 -0.68
CA GLU H 126 30.70 57.07 -0.37
C GLU H 126 31.97 57.86 -0.62
N PHE H 127 33.13 57.30 -0.23
CA PHE H 127 34.39 57.98 -0.48
C PHE H 127 34.76 57.94 -1.96
N TYR H 128 34.91 56.74 -2.51
CA TYR H 128 35.34 56.58 -3.90
C TYR H 128 34.12 56.54 -4.82
N LYS H 129 33.53 57.73 -5.02
CA LYS H 129 32.32 57.86 -5.82
C LYS H 129 32.56 57.64 -7.30
N THR H 130 33.80 57.37 -7.74
CA THR H 130 34.09 57.14 -9.14
C THR H 130 34.34 55.67 -9.48
N ARG H 131 34.40 54.80 -8.49
CA ARG H 131 34.66 53.37 -8.70
C ARG H 131 33.34 52.63 -8.52
N HIS H 132 32.71 52.24 -9.62
CA HIS H 132 31.38 51.67 -9.60
C HIS H 132 31.38 50.17 -9.33
N ASN H 133 32.53 49.51 -9.37
CA ASN H 133 32.59 48.08 -9.06
C ASN H 133 32.63 47.82 -7.57
N ILE H 134 32.64 48.88 -6.74
CA ILE H 134 32.52 48.70 -5.30
C ILE H 134 31.07 48.43 -4.91
N ILE H 135 30.14 49.13 -5.54
CA ILE H 135 28.73 48.89 -5.27
C ILE H 135 28.32 47.51 -5.78
N LEU H 136 28.92 47.05 -6.87
CA LEU H 136 28.64 45.71 -7.36
C LEU H 136 29.14 44.65 -6.39
N SER H 137 30.31 44.86 -5.80
CA SER H 137 30.83 43.92 -4.82
C SER H 137 29.91 43.81 -3.62
N ALA H 138 29.40 44.94 -3.14
CA ALA H 138 28.43 44.93 -2.04
C ALA H 138 27.22 44.09 -2.39
N GLY H 139 26.68 44.27 -3.59
CA GLY H 139 25.52 43.50 -3.99
C GLY H 139 25.80 42.01 -4.05
N ILE H 140 27.00 41.63 -4.49
CA ILE H 140 27.35 40.21 -4.52
C ILE H 140 27.63 39.70 -3.10
N PHE H 141 28.15 40.56 -2.23
CA PHE H 141 28.36 40.15 -0.84
C PHE H 141 27.04 39.94 -0.12
N PHE H 142 26.01 40.71 -0.48
CA PHE H 142 24.70 40.56 0.17
C PHE H 142 23.91 39.39 -0.40
N VAL H 143 24.16 39.03 -1.65
CA VAL H 143 23.45 37.89 -2.24
C VAL H 143 24.11 36.59 -1.83
N SER H 144 25.43 36.59 -1.66
CA SER H 144 26.14 35.39 -1.24
C SER H 144 25.98 35.14 0.26
N ALA H 145 25.77 36.21 1.03
CA ALA H 145 25.49 36.04 2.45
C ALA H 145 24.14 35.36 2.66
N GLY H 146 23.14 35.75 1.87
CA GLY H 146 21.85 35.08 1.96
C GLY H 146 21.91 33.62 1.56
N LEU H 147 22.75 33.31 0.57
CA LEU H 147 22.91 31.91 0.17
C LEU H 147 23.65 31.12 1.26
N SER H 148 24.61 31.75 1.93
CA SER H 148 25.26 31.12 3.07
C SER H 148 24.26 30.87 4.19
N ASN H 149 23.38 31.83 4.44
CA ASN H 149 22.35 31.66 5.46
C ASN H 149 21.43 30.49 5.13
N ILE H 150 21.09 30.33 3.85
CA ILE H 150 20.25 29.20 3.43
C ILE H 150 20.90 27.88 3.81
N ILE H 151 22.19 27.74 3.52
CA ILE H 151 22.90 26.49 3.83
C ILE H 151 22.92 26.25 5.33
N GLY H 152 23.16 27.32 6.11
CA GLY H 152 23.16 27.18 7.56
C GLY H 152 21.82 26.71 8.10
N ILE H 153 20.72 27.23 7.54
CA ILE H 153 19.39 26.79 7.96
C ILE H 153 19.18 25.32 7.63
N ILE H 154 19.61 24.90 6.42
CA ILE H 154 19.43 23.50 6.04
C ILE H 154 20.35 22.59 6.84
N VAL H 155 21.56 23.05 7.16
CA VAL H 155 22.48 22.24 7.95
C VAL H 155 21.99 22.12 9.39
N TYR H 156 21.47 23.21 9.95
CA TYR H 156 20.96 23.17 11.31
C TYR H 156 19.74 22.25 11.43
N ILE H 157 18.80 22.37 10.49
CA ILE H 157 17.58 21.56 10.55
C ILE H 157 17.90 20.10 10.27
N SER H 158 18.91 19.81 9.47
CA SER H 158 19.24 18.44 9.11
C SER H 158 20.16 17.79 10.13
N ALA H 159 20.68 18.55 11.09
CA ALA H 159 21.52 18.01 12.15
C ALA H 159 20.76 17.80 13.46
N ASN H 160 19.59 18.44 13.60
CA ASN H 160 18.74 18.25 14.76
C ASN H 160 17.69 17.17 14.55
N ALA H 161 17.78 16.42 13.45
CA ALA H 161 16.78 15.43 13.10
C ALA H 161 17.14 14.03 13.59
N GLY H 162 18.23 13.88 14.34
CA GLY H 162 18.70 12.58 14.75
C GLY H 162 18.01 12.03 15.98
N ASP H 163 17.89 12.88 17.01
CA ASP H 163 17.22 12.58 18.29
C ASP H 163 16.26 11.39 18.28
N SER H 173 8.22 16.72 20.65
CA SER H 173 7.75 18.01 20.16
C SER H 173 8.81 19.08 20.30
N TYR H 174 9.03 19.85 19.24
CA TYR H 174 10.01 20.91 19.22
C TYR H 174 9.43 22.14 18.53
N SER H 175 10.03 23.29 18.82
CA SER H 175 9.63 24.54 18.18
C SER H 175 10.86 25.43 18.03
N TYR H 176 10.80 26.32 17.05
CA TYR H 176 11.89 27.23 16.75
C TYR H 176 11.67 28.57 17.45
N GLY H 177 12.75 29.15 17.96
CA GLY H 177 12.69 30.39 18.70
C GLY H 177 12.95 31.61 17.82
N TRP H 178 13.03 32.77 18.48
CA TRP H 178 13.19 34.01 17.74
C TRP H 178 14.57 34.10 17.10
N SER H 179 15.61 33.65 17.81
CA SER H 179 16.95 33.65 17.23
C SER H 179 17.00 32.88 15.92
N PHE H 180 16.22 31.79 15.80
CA PHE H 180 16.11 31.10 14.53
C PHE H 180 15.45 31.99 13.48
N TYR H 181 14.38 32.69 13.86
CA TYR H 181 13.70 33.60 12.95
C TYR H 181 14.42 34.93 12.80
N PHE H 182 15.42 35.21 13.64
CA PHE H 182 16.25 36.38 13.42
C PHE H 182 17.23 36.15 12.27
N GLY H 183 17.69 34.91 12.10
CA GLY H 183 18.51 34.59 10.94
C GLY H 183 17.70 34.35 9.69
N ALA H 184 16.43 33.95 9.84
CA ALA H 184 15.55 33.81 8.70
C ALA H 184 15.09 35.17 8.18
N LEU H 185 14.86 36.12 9.09
CA LEU H 185 14.54 37.48 8.68
C LEU H 185 15.76 38.18 8.08
N SER H 186 16.94 37.92 8.63
CA SER H 186 18.18 38.49 8.09
C SER H 186 18.40 38.05 6.66
N PHE H 187 18.03 36.81 6.33
CA PHE H 187 18.13 36.34 4.95
C PHE H 187 17.29 37.20 4.02
N ILE H 188 16.04 37.47 4.40
CA ILE H 188 15.16 38.28 3.56
C ILE H 188 15.72 39.70 3.41
N ILE H 189 16.13 40.29 4.53
CA ILE H 189 16.69 41.65 4.49
C ILE H 189 17.94 41.70 3.62
N ALA H 190 18.77 40.66 3.69
CA ALA H 190 20.01 40.64 2.92
C ALA H 190 19.72 40.51 1.43
N GLU H 191 18.82 39.62 1.06
CA GLU H 191 18.47 39.46 -0.36
C GLU H 191 17.82 40.71 -0.91
N MET H 192 17.03 41.41 -0.09
CA MET H 192 16.41 42.65 -0.53
C MET H 192 17.42 43.78 -0.65
N VAL H 193 18.43 43.80 0.22
CA VAL H 193 19.49 44.80 0.10
C VAL H 193 20.37 44.49 -1.11
N GLY H 194 20.63 43.21 -1.36
CA GLY H 194 21.42 42.83 -2.52
C GLY H 194 20.76 43.24 -3.82
N VAL H 195 19.42 43.12 -3.88
CA VAL H 195 18.69 43.56 -5.06
C VAL H 195 18.77 45.08 -5.19
N LEU H 196 18.64 45.80 -4.08
CA LEU H 196 18.68 47.26 -4.11
C LEU H 196 20.08 47.77 -4.46
N ALA H 197 21.12 47.03 -4.08
CA ALA H 197 22.48 47.41 -4.45
C ALA H 197 22.73 47.16 -5.93
N VAL H 198 22.20 46.06 -6.46
CA VAL H 198 22.37 45.77 -7.89
C VAL H 198 21.68 46.83 -8.74
N HIS H 199 20.54 47.34 -8.26
CA HIS H 199 19.88 48.43 -8.99
C HIS H 199 20.71 49.69 -8.98
N MET H 200 21.33 50.00 -7.84
CA MET H 200 22.20 51.18 -7.76
C MET H 200 23.37 51.05 -8.73
N PHE H 201 23.92 49.84 -8.87
CA PHE H 201 25.01 49.62 -9.81
C PHE H 201 24.54 49.82 -11.25
N ILE H 202 23.36 49.27 -11.60
CA ILE H 202 22.80 49.51 -12.93
C ILE H 202 22.46 50.97 -13.12
N ASP H 203 22.09 51.67 -12.04
CA ASP H 203 21.80 53.09 -12.14
C ASP H 203 23.07 53.90 -12.39
N ARG H 204 24.17 53.53 -11.72
CA ARG H 204 25.44 54.23 -11.93
C ARG H 204 25.88 54.16 -13.38
N HIS H 205 25.80 52.96 -13.97
CA HIS H 205 26.29 52.77 -15.33
C HIS H 205 25.33 53.35 -16.37
N LYS H 206 24.02 53.35 -16.09
CA LYS H 206 23.08 53.96 -17.03
C LYS H 206 23.34 55.44 -17.19
N GLN H 207 23.67 56.12 -16.09
CA GLN H 207 23.99 57.54 -16.17
C GLN H 207 25.24 57.77 -17.03
N LEU H 208 26.29 56.98 -16.79
CA LEU H 208 27.50 57.09 -17.59
C LEU H 208 27.21 56.93 -19.08
N ARG H 209 26.46 55.90 -19.45
CA ARG H 209 26.11 55.69 -20.86
C ARG H 209 25.33 56.87 -21.41
N ALA H 210 24.31 57.33 -20.68
CA ALA H 210 23.48 58.42 -21.16
C ALA H 210 24.29 59.71 -21.31
N THR H 211 25.18 59.99 -20.35
CA THR H 211 26.04 61.17 -20.47
C THR H 211 27.00 61.04 -21.64
N ALA H 212 27.56 59.85 -21.84
CA ALA H 212 28.52 59.60 -22.92
C ALA H 212 27.83 59.31 -24.26
N ARG H 213 26.55 59.60 -24.39
CA ARG H 213 25.83 59.42 -25.64
C ARG H 213 25.46 60.72 -26.33
N ALA H 214 25.07 61.74 -25.57
CA ALA H 214 24.73 63.03 -26.14
C ALA H 214 25.96 63.92 -26.25
C1 PLM I . -25.64 26.12 -46.32
O1 PLM I . -25.42 26.31 -45.11
O2 PLM I . -26.34 26.88 -47.02
C2 PLM I . -25.02 24.90 -46.99
C3 PLM I . -24.19 24.05 -46.08
C4 PLM I . -23.83 22.71 -46.71
C5 PLM I . -22.99 21.82 -45.83
C6 PLM I . -23.47 21.72 -44.40
C7 PLM I . -22.86 20.57 -43.62
C8 PLM I . -23.49 19.23 -43.92
C9 PLM I . -23.08 18.14 -42.95
CA PLM I . -23.68 16.79 -43.25
CB PLM I . -23.08 15.65 -42.46
CC PLM I . -23.93 15.19 -41.31
CD PLM I . -23.28 14.13 -40.45
CE PLM I . -24.18 13.55 -39.38
CF PLM I . -23.51 12.53 -38.50
CG PLM I . -24.47 11.84 -37.55
C1 PLM J . -23.29 3.58 -21.81
O1 PLM J . -24.16 4.37 -21.41
O2 PLM J . -22.61 2.86 -21.04
C2 PLM J . -23.02 3.50 -23.30
C3 PLM J . -22.64 4.78 -23.95
C4 PLM J . -22.33 4.62 -25.43
C5 PLM J . -21.86 5.87 -26.12
C6 PLM J . -22.93 6.89 -26.38
C7 PLM J . -22.49 8.03 -27.26
C8 PLM J . -21.48 8.97 -26.61
C9 PLM J . -20.80 9.91 -27.57
CA PLM J . -21.71 10.95 -28.20
CB PLM J . -21.29 11.35 -29.59
CC PLM J . -22.31 12.19 -30.33
CD PLM J . -22.25 13.66 -30.00
CE PLM J . -23.07 14.53 -30.91
CF PLM J . -22.98 16.01 -30.64
CG PLM J . -23.54 16.43 -29.29
C1 PLM K . -25.67 24.03 -40.72
O2 PLM K . -26.14 24.19 -39.63
C2 PLM K . -25.65 22.72 -41.45
C3 PLM K . -25.04 21.57 -40.70
C4 PLM K . -25.82 21.13 -39.47
C5 PLM K . -25.60 19.67 -39.11
C6 PLM K . -24.16 19.30 -38.91
C7 PLM K . -23.93 17.84 -38.58
C8 PLM K . -22.48 17.48 -38.37
C9 PLM K . -21.92 17.89 -37.03
CA PLM K . -22.08 16.83 -35.97
CB PLM K . -21.06 15.71 -36.04
CC PLM K . -21.38 14.51 -35.20
CD PLM K . -20.22 13.56 -35.02
CE PLM K . -20.56 12.28 -34.31
CF PLM K . -21.48 11.37 -35.08
CG PLM K . -21.90 10.14 -34.32
C18 OLC L . -13.37 28.90 -23.27
C10 OLC L . -13.59 20.71 -20.71
C9 OLC L . -13.91 19.68 -19.97
C17 OLC L . -13.71 27.59 -23.92
C11 OLC L . -14.35 21.14 -21.94
C8 OLC L . -15.18 18.90 -20.09
C24 OLC L . -23.15 11.37 -12.39
C16 OLC L . -13.17 26.39 -23.18
C12 OLC L . -13.90 22.46 -22.47
C7 OLC L . -15.32 17.84 -19.04
C15 OLC L . -13.35 25.07 -23.89
C13 OLC L . -14.77 22.99 -23.60
C6 OLC L . -16.76 17.35 -18.84
C14 OLC L . -14.73 24.49 -23.76
C5 OLC L . -16.94 16.38 -17.70
C4 OLC L . -18.36 15.92 -17.49
C3 OLC L . -18.50 14.73 -16.56
C2 OLC L . -19.79 14.00 -16.76
C21 OLC L . -22.03 12.92 -14.04
C1 OLC L . -20.72 14.11 -15.59
C22 OLC L . -22.21 11.50 -13.56
O19 OLC L . -21.11 15.15 -15.12
O25 OLC L . -23.25 10.03 -11.94
O23 OLC L . -22.66 10.69 -14.65
O20 OLC L . -21.09 12.92 -15.14
C01 E2Q M . -36.11 -24.14 11.11
C02 E2Q M . -36.34 -24.57 12.39
C03 E2Q M . -35.30 -25.01 13.22
C04 E2Q M . -35.60 -25.44 14.57
C05 E2Q M . -34.56 -25.88 15.40
C06 E2Q M . -33.26 -25.90 14.92
C07 E2Q M . -32.94 -25.50 13.65
C08 E2Q M . -33.95 -25.03 12.73
C09 E2Q M . -33.74 -24.58 11.35
C10 E2Q M . -34.80 -24.15 10.60
C19 E2Q M . -36.09 -26.30 17.22
C21 E2Q M . -37.22 -25.83 16.31
N14 E2Q M . -32.46 -24.45 8.95
N15 E2Q M . -31.53 -25.58 13.30
N18 E2Q M . -34.85 -26.30 16.70
N23 E2Q M . -36.89 -25.42 15.05
O12 E2Q M . -31.54 -23.27 10.87
O13 E2Q M . -31.48 -25.74 10.72
O16 E2Q M . -31.01 -26.68 13.25
O17 E2Q M . -30.90 -24.53 13.18
O20 E2Q M . -36.35 -26.67 18.36
O22 E2Q M . -38.38 -25.79 16.71
S11 E2Q M . -32.17 -24.51 10.52
C1 PLM N . -19.81 13.35 -9.92
O1 PLM N . -19.10 12.64 -9.18
O2 PLM N . -20.89 12.96 -10.42
C2 PLM N . -19.35 14.77 -10.22
C3 PLM N . -20.26 15.54 -11.14
C4 PLM N . -19.99 17.04 -11.10
C5 PLM N . -19.34 17.57 -12.35
C6 PLM N . -17.97 17.00 -12.64
C7 PLM N . -17.18 17.77 -13.68
C8 PLM N . -15.87 17.13 -14.04
C9 PLM N . -15.08 17.87 -15.10
CA PLM N . -14.43 19.14 -14.62
CB PLM N . -13.50 19.77 -15.62
CC PLM N . -12.35 20.53 -15.02
CD PLM N . -12.77 21.60 -14.05
CE PLM N . -13.30 22.86 -14.70
CF PLM N . -12.29 23.59 -15.53
CG PLM N . -11.03 23.94 -14.78
C1 PLM O . -24.60 6.68 -18.50
O1 PLM O . -24.11 5.55 -18.66
O2 PLM O . -25.28 6.99 -17.51
C2 PLM O . -24.33 7.73 -19.55
C3 PLM O . -23.29 7.36 -20.57
C4 PLM O . -23.27 8.30 -21.76
C5 PLM O . -23.24 9.77 -21.39
C6 PLM O . -23.35 10.70 -22.58
C7 PLM O . -22.12 10.75 -23.45
C8 PLM O . -20.90 11.31 -22.77
C9 PLM O . -20.94 12.80 -22.56
CA PLM O . -21.03 13.60 -23.83
CB PLM O . -20.53 15.02 -23.71
CC PLM O . -20.80 15.87 -24.93
CD PLM O . -20.40 17.31 -24.79
CE PLM O . -19.08 17.52 -24.10
CF PLM O . -18.59 18.95 -24.13
CG PLM O . -17.41 19.23 -23.25
C1 PLM P . -9.91 52.48 -4.61
O2 PLM P . -9.16 52.31 -3.69
C2 PLM P . -11.28 51.92 -4.71
C3 PLM P . -11.72 51.08 -3.54
C4 PLM P . -10.95 49.76 -3.44
C5 PLM P . -11.76 48.59 -2.93
C6 PLM P . -10.95 47.34 -2.70
C7 PLM P . -11.76 46.13 -2.34
C8 PLM P . -12.47 45.47 -3.50
C9 PLM P . -12.96 44.08 -3.22
CA PLM P . -11.86 43.10 -2.89
CB PLM P . -12.26 41.99 -1.95
CC PLM P . -13.42 41.15 -2.43
CD PLM P . -13.83 40.08 -1.45
CE PLM P . -15.04 39.28 -1.87
CF PLM P . -15.52 38.29 -0.84
CG PLM P . -15.93 38.92 0.46
C18 OLC Q . 5.64 37.30 -8.37
C10 OLC Q . 0.96 32.16 -4.33
C9 OLC Q . 1.34 30.93 -4.14
C17 OLC Q . 4.49 38.21 -8.74
C11 OLC Q . 1.51 33.09 -5.35
C8 OLC Q . 1.08 30.11 -2.92
C24 OLC Q . -0.69 26.35 8.88
C16 OLC Q . 3.17 37.83 -8.13
C12 OLC Q . 0.91 34.45 -5.32
C7 OLC Q . 0.43 30.87 -1.82
C15 OLC Q . 3.22 36.67 -7.17
C13 OLC Q . 1.19 35.28 -6.56
C6 OLC Q . -0.21 30.00 -0.74
C14 OLC Q . 1.99 36.53 -6.30
C5 OLC Q . 0.05 30.47 0.67
C4 OLC Q . -0.04 29.37 1.71
C3 OLC Q . -0.20 29.87 3.13
C2 OLC Q . -0.35 28.76 4.11
C21 OLC Q . -1.23 28.49 7.67
C1 OLC Q . -0.66 29.24 5.51
C22 OLC Q . -0.41 27.83 8.75
O19 OLC Q . -0.91 30.38 5.81
O25 OLC Q . -0.89 25.97 10.24
O23 OLC Q . 0.98 28.05 8.49
O20 OLC Q . -0.62 28.24 6.39
C01 E2Q R . -17.09 -8.79 38.37
C02 E2Q R . -17.99 -9.78 38.66
C03 E2Q R . -19.32 -9.69 38.25
C04 E2Q R . -20.23 -10.77 38.57
C05 E2Q R . -21.58 -10.71 38.17
C06 E2Q R . -22.02 -9.61 37.45
C07 E2Q R . -21.19 -8.56 37.11
C08 E2Q R . -19.78 -8.55 37.50
C09 E2Q R . -18.78 -7.51 37.21
C10 E2Q R . -17.49 -7.66 37.65
C19 E2Q R . -22.06 -12.84 39.18
C21 E2Q R . -20.61 -12.91 39.62
N14 E2Q R . -20.46 -5.37 36.72
N15 E2Q R . -21.82 -7.50 36.34
N18 E2Q R . -22.44 -11.75 38.49
N23 E2Q R . -19.79 -11.86 39.29
O12 E2Q R . -18.05 -5.07 36.78
O13 E2Q R . -19.10 -6.30 34.92
O16 E2Q R . -22.81 -6.96 36.82
O17 E2Q R . -21.44 -7.30 35.20
O20 E2Q R . -22.82 -13.76 39.47
O22 E2Q R . -20.19 -13.87 40.25
S11 E2Q R . -19.04 -5.99 36.32
C1 PLM S . 2.85 24.30 8.18
O1 PLM S . 2.90 23.62 7.13
O2 PLM S . 2.51 23.84 9.28
C2 PLM S . 3.24 25.77 8.10
C3 PLM S . 3.12 26.37 6.74
C4 PLM S . 4.45 26.49 6.03
C5 PLM S . 4.64 27.78 5.28
C6 PLM S . 3.62 28.01 4.19
C7 PLM S . 3.82 27.16 2.96
C8 PLM S . 3.36 27.81 1.68
C9 PLM S . 4.36 27.70 0.54
CA PLM S . 3.72 27.55 -0.82
CB PLM S . 4.71 27.42 -1.95
CC PLM S . 4.49 28.39 -3.08
CD PLM S . 5.60 29.41 -3.25
CE PLM S . 6.98 28.87 -3.02
CF PLM S . 7.83 28.72 -4.26
CG PLM S . 7.19 29.18 -5.54
C1 PLM T . -14.17 53.84 -7.11
O1 PLM T . -14.70 54.85 -6.63
O2 PLM T . -12.94 53.63 -7.11
C2 PLM T . -15.06 52.77 -7.73
C3 PLM T . -14.96 51.42 -7.09
C4 PLM T . -15.06 51.48 -5.58
C5 PLM T . -15.18 50.14 -4.91
C6 PLM T . -16.55 49.51 -5.02
C7 PLM T . -16.71 48.23 -4.24
C8 PLM T . -16.24 48.32 -2.81
C9 PLM T . -16.72 47.20 -1.92
CA PLM T . -16.40 45.82 -2.45
CB PLM T . -15.98 44.85 -1.38
CC PLM T . -17.10 44.30 -0.53
CD PLM T . -16.70 43.16 0.36
CE PLM T . -16.31 43.57 1.75
CF PLM T . -17.42 44.23 2.54
CG PLM T . -17.05 44.56 3.97
C1 PLM U . 20.67 10.13 -48.60
O2 PLM U . 19.75 9.34 -48.72
C2 PLM U . 21.91 9.87 -47.80
C3 PLM U . 21.96 8.53 -47.12
C4 PLM U . 20.95 8.39 -46.00
C5 PLM U . 21.42 7.57 -44.82
C6 PLM U . 20.35 7.34 -43.78
C7 PLM U . 20.83 6.65 -42.52
C8 PLM U . 21.59 7.55 -41.57
C9 PLM U . 21.74 6.98 -40.19
CA PLM U . 20.43 6.74 -39.48
CB PLM U . 20.44 5.58 -38.50
CC PLM U . 21.48 5.70 -37.41
CD PLM U . 21.51 4.51 -36.48
CE PLM U . 22.59 4.57 -35.42
CF PLM U . 22.69 3.34 -34.56
CG PLM U . 22.99 2.09 -35.34
C1 PLM V . 25.23 12.46 -49.53
O1 PLM V . 24.21 13.03 -49.96
O2 PLM V . 26.03 11.83 -50.27
C2 PLM V . 25.54 12.54 -48.05
C3 PLM V . 25.57 11.22 -47.35
C4 PLM V . 25.52 11.35 -45.84
C5 PLM V . 25.23 10.06 -45.13
C6 PLM V . 26.23 8.96 -45.40
C7 PLM V . 25.81 7.61 -44.88
C8 PLM V . 25.80 7.48 -43.38
C9 PLM V . 25.11 6.24 -42.88
CA PLM V . 25.33 5.93 -41.42
CB PLM V . 24.61 4.69 -40.94
CC PLM V . 25.09 4.16 -39.62
CD PLM V . 24.21 3.09 -39.04
CE PLM V . 23.99 1.90 -39.94
CF PLM V . 25.23 1.12 -40.27
CG PLM V . 24.99 -0.09 -41.14
C18 OLC W . 3.41 15.16 -36.64
C10 OLC W . 5.79 8.88 -30.70
C9 OLC W . 6.03 8.44 -29.50
C17 OLC W . 3.65 14.89 -35.18
C11 OLC W . 6.06 10.27 -31.21
C8 OLC W . 5.49 7.16 -28.94
C24 OLC W . 4.97 -5.75 -26.94
C16 OLC W . 4.06 13.46 -34.90
C12 OLC W . 6.52 10.31 -32.63
C7 OLC W . 5.91 5.94 -29.69
C15 OLC W . 5.53 13.17 -35.05
C13 OLC W . 6.52 11.71 -33.23
C6 OLC W . 5.98 4.68 -28.84
C14 OLC W . 5.91 11.78 -34.60
C5 OLC W . 5.75 3.41 -29.61
C4 OLC W . 5.51 2.20 -28.73
C3 OLC W . 5.46 0.88 -29.45
C2 OLC W . 5.19 -0.27 -28.53
C21 OLC W . 4.86 -3.32 -27.63
C1 OLC W . 5.34 -1.62 -29.17
C22 OLC W . 4.78 -4.77 -28.06
O19 OLC W . 6.17 -1.91 -29.99
O25 OLC W . 4.05 -6.85 -27.04
O23 OLC W . 3.54 -4.99 -28.72
O20 OLC W . 4.43 -2.48 -28.71
C01 E2Q X . 8.48 -41.98 4.21
C02 E2Q X . 9.10 -42.58 5.27
C03 E2Q X . 10.45 -42.38 5.53
C04 E2Q X . 11.06 -43.03 6.67
C05 E2Q X . 12.42 -42.85 6.94
C06 E2Q X . 13.18 -42.04 6.12
C07 E2Q X . 12.65 -41.40 5.01
C08 E2Q X . 11.25 -41.53 4.66
C09 E2Q X . 10.53 -40.91 3.52
C10 E2Q X . 9.20 -41.14 3.34
C19 E2Q X . 12.30 -44.28 8.88
C21 E2Q X . 10.83 -44.47 8.58
N14 E2Q X . 12.70 -40.33 1.89
N15 E2Q X . 13.60 -40.57 4.28
N18 E2Q X . 12.99 -43.49 8.04
N23 E2Q X . 10.31 -43.85 7.49
O12 E2Q X . 10.42 -39.97 1.13
O13 E2Q X . 11.37 -38.53 2.88
O16 E2Q X . 14.63 -41.10 3.88
O17 E2Q X . 13.39 -39.37 4.22
O20 E2Q X . 12.81 -44.83 9.86
O22 E2Q X . 10.12 -45.19 9.30
S11 E2Q X . 11.23 -39.83 2.29
C1 PLM Y . 0.73 -3.97 -25.37
O1 PLM Y . 0.38 -5.17 -25.30
O2 PLM Y . 0.56 -3.15 -24.45
C2 PLM Y . 1.38 -3.49 -26.65
C3 PLM Y . 0.45 -2.89 -27.65
C4 PLM Y . -0.01 -1.50 -27.25
C5 PLM Y . 0.32 -0.43 -28.26
C6 PLM Y . 1.25 0.64 -27.77
C7 PLM Y . 1.63 1.68 -28.79
C8 PLM Y . 1.08 3.06 -28.50
C9 PLM Y . 1.62 3.68 -27.24
CA PLM Y . 2.33 5.00 -27.45
CB PLM Y . 1.49 6.20 -27.14
CC PLM Y . 1.90 7.46 -27.89
CD PLM Y . 0.93 8.60 -27.74
CE PLM Y . -0.24 8.56 -28.69
CF PLM Y . -1.14 9.77 -28.61
CG PLM Y . -0.39 11.07 -28.63
C1 PLM Z . 36.12 38.16 -11.58
O2 PLM Z . 36.43 37.03 -11.85
C2 PLM Z . 35.95 38.68 -10.17
C3 PLM Z . 35.01 37.90 -9.29
C4 PLM Z . 35.49 36.49 -8.96
C5 PLM Z . 34.92 35.96 -7.67
C6 PLM Z . 33.42 35.99 -7.59
C7 PLM Z . 32.86 35.49 -6.28
C8 PLM Z . 31.35 35.51 -6.21
C9 PLM Z . 30.67 34.38 -6.93
CA PLM Z . 30.45 33.16 -6.09
CB PLM Z . 29.25 33.27 -5.17
CC PLM Z . 29.19 32.20 -4.10
CD PLM Z . 27.84 32.11 -3.41
CE PLM Z . 27.81 31.16 -2.24
CF PLM Z . 28.64 31.61 -1.06
CG PLM Z . 28.67 30.60 0.07
C18 OLC AA . 23.50 25.63 -20.35
C10 OLC AA . 20.32 20.10 -13.94
C9 OLC AA . 20.30 19.13 -13.08
C17 OLC AA . 23.12 25.31 -18.93
C11 OLC AA . 21.39 21.15 -13.95
C8 OLC AA . 21.46 18.80 -12.19
C24 OLC AA . 26.69 8.92 -4.87
C16 OLC AA . 22.08 24.24 -18.82
C12 OLC AA . 21.35 22.05 -15.15
C7 OLC AA . 21.24 17.59 -11.34
C15 OLC AA . 21.66 23.97 -17.40
C13 OLC AA . 22.39 23.15 -15.12
C6 OLC AA . 22.47 17.18 -10.55
C14 OLC AA . 22.80 23.62 -16.49
C5 OLC AA . 22.29 15.93 -9.71
C4 OLC AA . 23.52 15.49 -8.97
C3 OLC AA . 23.30 14.32 -8.02
C2 OLC AA . 24.44 14.14 -7.07
C21 OLC AA . 25.96 10.89 -6.28
C1 OLC AA . 25.20 12.88 -7.29
C22 OLC AA . 26.00 10.26 -4.90
O19 OLC AA . 25.74 12.55 -8.32
O25 OLC AA . 26.67 8.35 -3.56
O23 OLC AA . 26.62 11.16 -3.99
O20 OLC AA . 25.20 12.11 -6.20
C01 E2Q BA . 28.37 -21.45 27.01
C02 E2Q BA . 28.29 -22.79 27.28
C03 E2Q BA . 27.07 -23.43 27.50
C04 E2Q BA . 27.02 -24.85 27.78
C05 E2Q BA . 25.80 -25.49 27.99
C06 E2Q BA . 24.62 -24.75 27.93
C07 E2Q BA . 24.61 -23.40 27.67
C08 E2Q BA . 25.84 -22.67 27.43
C09 E2Q BA . 25.97 -21.24 27.16
C10 E2Q BA . 27.20 -20.68 26.94
C19 E2Q BA . 26.87 -27.61 28.33
C21 E2Q BA . 28.20 -26.92 28.11
N14 E2Q BA . 25.22 -18.62 27.19
N15 E2Q BA . 23.30 -22.77 27.64
N18 E2Q BA . 25.76 -26.85 28.26
N23 E2Q BA . 28.19 -25.59 27.84
O12 E2Q BA . 24.09 -20.17 25.69
O13 E2Q BA . 23.74 -20.28 28.13
O16 E2Q BA . 22.65 -22.73 28.67
O17 E2Q BA . 22.86 -22.41 26.55
O20 E2Q BA . 26.85 -28.82 28.57
O22 E2Q BA . 29.26 -27.55 28.15
S11 E2Q BA . 24.62 -20.09 27.01
C1 PLM CA . 23.59 6.61 -7.17
O1 PLM CA . 24.43 5.68 -7.03
O2 PLM CA . 22.41 6.53 -6.76
C2 PLM CA . 24.03 7.89 -7.86
C3 PLM CA . 23.19 8.28 -9.04
C4 PLM CA . 23.55 9.66 -9.56
C5 PLM CA . 24.83 9.73 -10.36
C6 PLM CA . 24.64 9.62 -11.85
C7 PLM CA . 23.68 10.63 -12.42
C8 PLM CA . 24.05 12.07 -12.16
C9 PLM CA . 23.00 13.06 -12.57
CA PLM CA . 21.67 12.86 -11.90
CB PLM CA . 20.61 13.87 -12.30
CC PLM CA . 20.21 13.81 -13.75
CD PLM CA . 19.08 14.72 -14.12
CE PLM CA . 18.61 14.60 -15.55
CF PLM CA . 19.46 15.30 -16.57
CG PLM CA . 18.86 15.36 -17.95
C1 PLM DA . 27.84 14.58 1.02
O1 PLM DA . 28.25 14.45 2.19
O2 PLM DA . 27.92 13.68 0.16
C2 PLM DA . 27.18 15.88 0.63
C3 PLM DA . 27.89 16.64 -0.45
C4 PLM DA . 27.68 18.14 -0.35
C5 PLM DA . 27.78 18.88 -1.66
C6 PLM DA . 26.55 18.76 -2.53
C7 PLM DA . 26.68 19.40 -3.89
C8 PLM DA . 27.02 20.87 -3.84
C9 PLM DA . 26.61 21.65 -5.07
CA PLM DA . 27.34 21.27 -6.33
CB PLM DA . 26.75 21.87 -7.59
CC PLM DA . 25.69 21.03 -8.25
CD PLM DA . 25.02 21.69 -9.42
CE PLM DA . 25.96 22.43 -10.34
CF PLM DA . 25.30 23.03 -11.56
CG PLM DA . 24.72 22.00 -12.49
C1 PLM EA . 26.51 16.96 4.31
O1 PLM EA . 25.72 16.10 4.72
O2 PLM EA . 27.65 16.69 3.87
C2 PLM EA . 26.09 18.41 4.33
C3 PLM EA . 27.08 19.37 3.77
C4 PLM EA . 26.69 20.82 4.00
C5 PLM EA . 27.38 21.80 3.09
C6 PLM EA . 27.11 21.59 1.62
C7 PLM EA . 27.28 22.82 0.77
C8 PLM EA . 26.86 22.64 -0.66
C9 PLM EA . 26.62 23.93 -1.40
CA PLM EA . 27.81 24.85 -1.46
CB PLM EA . 27.66 26.00 -2.43
CC PLM EA . 28.91 26.81 -2.64
CD PLM EA . 29.05 27.38 -4.04
CE PLM EA . 30.36 28.07 -4.30
CF PLM EA . 30.62 28.43 -5.74
CG PLM EA . 30.76 27.23 -6.64
C1 PLM FA . 38.45 43.88 -13.39
O1 PLM FA . 39.41 44.50 -12.89
O2 PLM FA . 38.57 43.01 -14.26
C2 PLM FA . 37.05 44.20 -12.87
C3 PLM FA . 36.82 43.89 -11.43
C4 PLM FA . 35.36 43.99 -11.03
C5 PLM FA . 35.03 43.37 -9.70
C6 PLM FA . 33.55 43.23 -9.43
C7 PLM FA . 33.22 42.43 -8.19
C8 PLM FA . 33.95 41.10 -8.10
C9 PLM FA . 34.24 40.66 -6.69
CA PLM FA . 33.10 39.95 -6.01
CB PLM FA . 33.36 39.62 -4.55
CC PLM FA . 32.32 38.73 -3.92
CD PLM FA . 32.89 37.60 -3.10
CE PLM FA . 31.86 36.61 -2.61
CF PLM FA . 32.43 35.44 -1.86
CG PLM FA . 31.39 34.44 -1.41
#